data_7XM9
#
_entry.id   7XM9
#
_cell.length_a   1.00
_cell.length_b   1.00
_cell.length_c   1.00
_cell.angle_alpha   90.00
_cell.angle_beta   90.00
_cell.angle_gamma   90.00
#
_symmetry.space_group_name_H-M   'P 1'
#
loop_
_entity.id
_entity.type
_entity.pdbx_description
1 polymer 'Isoform 3 of Sodium channel protein type 9 subunit alpha,Green fluorescent protein'
2 polymer 'Sodium channel subunit beta-1,Green fluorescent protein'
3 polymer 'Sodium channel subunit beta-2'
4 branched 2-acetamido-2-deoxy-beta-D-glucopyranose-(1-4)-2-acetamido-2-deoxy-beta-D-glucopyranose
5 non-polymer 2-acetamido-2-deoxy-beta-D-glucopyranose
6 non-polymer "(7~{R})-1'-pentylspiro[6~{H}-furo[3,2-f][1,3]benzodioxole-7,3'-indole]-2'-one"
7 non-polymer '[(2~{R})-1-[2-azanylethoxy(oxidanyl)phosphoryl]oxy-3-hexadecanoyloxy-propan-2-yl] (~{Z})-octadec-9-enoate'
#
loop_
_entity_poly.entity_id
_entity_poly.type
_entity_poly.pdbx_seq_one_letter_code
_entity_poly.pdbx_strand_id
1 'polypeptide(L)'
;MAMLPPPGPQSFVHFTKQSLALIEQRIAERKSKEPKEEKKDDDEEAPKPSSDLEAGKQLPFIYGDIPPGMVSEPLEDLDP
YYADKKTFIVLNKGKTIFRFNATPALYMLSPFSPLRRISIKILVHSLFSMLIMCTILTNCIFMTMNNPPDWTKNVEYTFT
GIYTFESLVKILARGFCVGEFTFLRDPWNWLDFVVIVFAYLTEFVNLGNVSALRTFRVLRALKTISVIPGLKTIVGALIQ
SVKKLSDVMILTVFCLSVFALIGLQLFMGNLKHKCFRNSLENNETLESIMNTLESEEDFRKYFYYLEGSKDALLCGFSTD
SGQCPEGYTCVKIGRNPDYGYTSFDTFSWAFLALFRLMTQDYWENLYQQTLRAAGKTYMIFFVVVIFLGSFYLINLILAV
VAMAYEEQNQANIEEAKQKELEFQQMLDRLKKEQEEAEAIAAAAAEYTSIRRSRIMGLSESSSETSKLSSKSAKERRNRR
KKKNQKKLSSGEEKGDAEKLSKSESEDSIRRKSFHLGVEGHRRAHEKRLSTPNQSPLSIRGSLFSARRSSRTSLFSFKGR
GRDIGSETEFADDEHSIFGDNESRRGSLFVPHRPQERRSSNISQASRSPPMLPVNGKMHSAVDCNGVVSLVDGRSALMLP
NGQLLPEGTTNQIHKKRRCSSYLLSEDMLNDPNLRQRAMSRASILTNTVEELEESRQKCPPWWYRFAHKFLIWNCSPYWI
KFKKCIYFIVMDPFVDLAITICIVLNTLFMAMEHHPMTEEFKNVLAIGNLVFTGIFAAEMVLKLIAMDPYEYFQVGWNIF
DSLIVTLSLVELFLADVEGLSVLRSFRLLRVFKLAKSWPTLNMLIKIIGNSVGALGNLTLVLAIIVFIFAVVGMQLFGKS
YKECVCKINDDCTLPRWHMNDFFHSFLIVFRVLCGEWIETMWDCMEVAGQAMCLIVYMMVMVIGNLVVLNLFLALLLSSF
SSDNLTAIEEDPDANNLQIAVTRIKKGINYVKQTLREFILKAFSKKPKISREIRQAEDLNTKKENYISNHTLAEMSKGHN
FLKEKDKISGFGSSVDKHLMEDSDGQSFIHNPSLTVTVPIAPGESDLENMNAEELSSDSDSEYSKVRLNRSSSSECSTVD
NPLPGEGEEAEAEPMNSDEPEACFTDGCVRRFSCCQVNIESGKGKIWWNIRKTCYKIVEHSWFESFIVLMILLSSGALAF
EDIYIERKKTIKIILEYADKIFTYIFILEMLLKWIAYGYKTYFTNAWCWLDFLIVDVSLVTLVANTLGYSDLGPIKSLRT
LRALRPLRALSRFEGMRVVVNALIGAIPSIMNVLLVCLIFWLIFSIMGVNLFAGKFYECINTTDGSRFPASQVPNRSECF
ALMNVSQNVRWKNLKVNFDNVGLGYLSLLQVATFKGWTIIMYAAVDSVNVDKQPKYEYSLYMYIYFVVFIIFGSFFTLNL
FIGVIIDNFNQQKKKLGGQDIFMTEEQKKYYNAMKKLGSKKPQKPIPRPGNKIQGCIFDLVTNQAFDISIMVLICLNMVT
MMVEKEGQSQHMTEVLYWINVVFIILFTGECVLKLISLRHYYFTVGWNIFDFVVVIISIVGMFLADLIETYFVSPTLFRV
IRLARIGRILRLVKGAKGIRTLLFALMMSLPALFNIGLLLFLVMFIYAIFGMSNFAYVKKEDGINDMFNFETFGNSMICL
FQITTSAGWDGLLAPILNSKPPDCDPKKVHPGSSVEGDCGNPSVGIFYFVSYIIISFLVVVNMYIAVILENFSVATEEST
EPLSEDDFEMFYEVWEKFDPDATQFIEFSKLSDFAAALDPPLLIAKPNKVQLIAMDLPMVSGDRIHCLDILFAFTKRVLG
ESGEMDSLRSQMEERFMSANPSKVSYEPITTTLKRKQEDVSATVIQRAYRRYRLRQNVKNISSIYIKDGDRDDDLLNKKD
MAFDNVNENSSPEKTDATSSTTSPPSYDSVTKPDKEKYEQDRTEKEDKGKDSKESKKAAALEVLFQGPSKGEELFTGVVP
ILVELDGDVNGHKFSVRGEGEGDATNGKLTLKFICTTGKLPVPWPTLVTTLTYGVQCFSRYPDHMKRHDFFKSAMPEGYV
QERTISFKDDGTYKTRAEVKFEGDTLVNRIELKGIDFKEDGNILGHKLEYNFNSHNVYITADKQKNGIKANFKIRHNVED
GSVQLADHYQQNTPIGDGPVLLPDNHYLSTQSVLSKDPNEKRDHMVLLEFVTAAGITHGMDEWSHPQFEKGGGSGGGSGG
SAWSHPQFEK
;
A
2 'polypeptide(L)'
;MGRLLALVVGAALVSSACGGCVEVDSETEAVYGMTFKILCISCKRRSETNAETFTEWTFRQKGTEEFVKILRYENEVLQL
EEDERFEGRVVWNGSRGTKDLQDLSIFITNVTYNHSGDYECHVYRLLFFENYEHNTSVVKKIHIEVVDKANRDMASIVSE
IMMYVLIVVLTIWLVAEMIYCYKKIAAATETAAQENASEYLAITSESKENCTGVQVAEAAALEVLFQGPSKGEELFTGVV
PILVELDGDVNGHKFSVRGEGEGDATNGKLTLKFICTTGKLPVPWPTLVTTLTYGVQCFSRYPDHMKRHDFFKSAMPEGY
VQERTISFKDDGTYKTRAEVKFEGDTLVNRIELKGIDFKEDGNILGHKLEYNFNSHNVYITADKQKNGIKANFKIRHNVE
DGSVQLADHYQQNTPIGDGPVLLPDNHYLSTQSVLSKDPNEKRDHMVLLEFVTAAGITHGMDEHHHHHHHHHHDYKDDDD
K
;
B
3 'polypeptide(L)'
;MHRDAWLPRPAFSLTGLSLFFSLVPPGRSMEVTVPATLNVLNGSDARLPCTFNSCYTVNHKQFSLNWTYQECNNCSEEMF
LQFRMKIINLKLERFQDRVEFSGNPSKYDVSVMLRNVQPEDEGIYNCYIMNPPDRHRGHGKIHLQVLMEEPPERDSTVAV
IVGASVGGFLAVVILVLMVVKCVRRKKEQKLSTDDLKTEEEGKTDGEGNPDDGAK
;
C
#
# COMPACT_ATOMS: atom_id res chain seq x y z
N PRO A 7 -47.44 -28.67 -25.72
CA PRO A 7 -46.83 -27.68 -26.62
C PRO A 7 -47.87 -26.80 -27.30
N GLY A 8 -49.10 -27.30 -27.42
CA GLY A 8 -50.17 -26.55 -28.03
C GLY A 8 -50.80 -25.56 -27.08
N PRO A 9 -51.45 -24.53 -27.65
CA PRO A 9 -52.19 -23.59 -26.79
C PRO A 9 -53.32 -24.27 -26.02
N GLN A 10 -53.98 -25.26 -26.63
CA GLN A 10 -55.02 -25.99 -25.93
C GLN A 10 -54.43 -27.01 -24.97
N SER A 11 -53.13 -27.30 -25.09
CA SER A 11 -52.53 -28.41 -24.36
C SER A 11 -52.57 -28.19 -22.84
N PHE A 12 -52.19 -27.00 -22.38
CA PHE A 12 -52.17 -26.74 -20.95
C PHE A 12 -53.59 -26.62 -20.42
N VAL A 13 -53.80 -27.12 -19.21
CA VAL A 13 -55.12 -27.16 -18.59
C VAL A 13 -55.03 -26.53 -17.21
N HIS A 14 -56.06 -25.79 -16.82
CA HIS A 14 -56.10 -25.16 -15.51
C HIS A 14 -56.11 -26.23 -14.42
N PHE A 15 -55.54 -25.89 -13.26
CA PHE A 15 -55.45 -26.84 -12.16
C PHE A 15 -56.83 -27.21 -11.64
N THR A 16 -57.22 -28.47 -11.85
CA THR A 16 -58.54 -28.95 -11.46
C THR A 16 -58.38 -30.14 -10.52
N LYS A 17 -59.35 -30.28 -9.61
CA LYS A 17 -59.30 -31.37 -8.64
C LYS A 17 -59.28 -32.73 -9.34
N GLN A 18 -59.95 -32.84 -10.49
CA GLN A 18 -59.96 -34.08 -11.24
C GLN A 18 -58.55 -34.47 -11.68
N SER A 19 -57.80 -33.51 -12.21
CA SER A 19 -56.41 -33.78 -12.58
C SER A 19 -55.59 -34.20 -11.37
N LEU A 20 -55.73 -33.48 -10.25
CA LEU A 20 -54.99 -33.82 -9.05
C LEU A 20 -55.32 -35.22 -8.56
N ALA A 21 -56.58 -35.65 -8.75
CA ALA A 21 -56.95 -37.02 -8.40
C ALA A 21 -56.12 -38.03 -9.20
N LEU A 22 -55.79 -37.69 -10.45
CA LEU A 22 -54.92 -38.56 -11.24
C LEU A 22 -53.49 -38.50 -10.74
N ILE A 23 -53.04 -37.33 -10.31
CA ILE A 23 -51.65 -37.17 -9.85
C ILE A 23 -51.40 -38.01 -8.61
N GLU A 24 -52.30 -37.95 -7.63
CA GLU A 24 -52.14 -38.77 -6.43
C GLU A 24 -52.13 -40.26 -6.77
N GLN A 25 -52.81 -40.64 -7.85
CA GLN A 25 -52.81 -42.04 -8.26
C GLN A 25 -51.45 -42.46 -8.78
N ARG A 26 -50.79 -41.60 -9.57
CA ARG A 26 -49.45 -41.90 -10.05
C ARG A 26 -48.47 -42.07 -8.90
N ILE A 27 -48.59 -41.24 -7.87
CA ILE A 27 -47.79 -41.42 -6.66
C ILE A 27 -48.17 -42.75 -5.99
N ALA A 28 -49.45 -43.08 -5.98
CA ALA A 28 -49.88 -44.37 -5.44
C ALA A 28 -49.37 -45.52 -6.30
N GLU A 29 -49.29 -45.31 -7.62
CA GLU A 29 -48.71 -46.33 -8.49
C GLU A 29 -47.23 -46.53 -8.17
N ARG A 30 -46.53 -45.46 -7.82
CA ARG A 30 -45.10 -45.54 -7.51
C ARG A 30 -44.88 -45.51 -6.00
N PRO A 49 -35.03 -32.58 -14.38
CA PRO A 49 -35.68 -31.27 -14.51
C PRO A 49 -35.33 -30.58 -15.81
N SER A 50 -36.35 -30.21 -16.58
CA SER A 50 -36.14 -29.50 -17.84
C SER A 50 -35.65 -28.09 -17.56
N SER A 51 -34.39 -27.82 -17.95
CA SER A 51 -33.82 -26.49 -17.73
C SER A 51 -34.62 -25.42 -18.48
N ASP A 52 -35.21 -25.79 -19.61
CA ASP A 52 -36.05 -24.84 -20.34
C ASP A 52 -37.28 -24.45 -19.54
N LEU A 53 -37.72 -25.30 -18.61
CA LEU A 53 -38.91 -25.05 -17.81
C LEU A 53 -38.58 -24.82 -16.34
N GLU A 54 -37.36 -24.40 -16.03
CA GLU A 54 -36.99 -24.16 -14.64
C GLU A 54 -37.73 -22.95 -14.09
N ALA A 55 -38.04 -23.01 -12.79
CA ALA A 55 -38.76 -21.93 -12.14
C ALA A 55 -37.93 -20.64 -12.18
N GLY A 56 -38.55 -19.57 -12.67
CA GLY A 56 -37.90 -18.28 -12.79
C GLY A 56 -37.43 -17.94 -14.19
N LYS A 57 -37.15 -18.95 -15.02
CA LYS A 57 -36.74 -18.68 -16.39
C LYS A 57 -37.95 -18.39 -17.27
N GLN A 58 -37.67 -17.75 -18.40
CA GLN A 58 -38.72 -17.37 -19.33
C GLN A 58 -39.24 -18.59 -20.07
N LEU A 59 -40.56 -18.65 -20.23
CA LEU A 59 -41.16 -19.74 -20.98
C LEU A 59 -40.71 -19.69 -22.44
N PRO A 60 -40.25 -20.81 -23.00
CA PRO A 60 -39.68 -20.79 -24.35
C PRO A 60 -40.72 -20.37 -25.41
N PHE A 61 -40.22 -19.89 -26.54
CA PHE A 61 -41.10 -19.39 -27.59
C PHE A 61 -41.98 -20.49 -28.18
N ILE A 62 -41.62 -21.76 -27.95
CA ILE A 62 -42.34 -22.88 -28.56
C ILE A 62 -43.81 -22.88 -28.16
N TYR A 63 -44.13 -22.46 -26.93
CA TYR A 63 -45.51 -22.51 -26.46
C TYR A 63 -46.32 -21.29 -26.88
N GLY A 64 -45.70 -20.29 -27.49
CA GLY A 64 -46.45 -19.14 -27.99
C GLY A 64 -46.96 -18.24 -26.88
N ASP A 65 -48.06 -17.54 -27.18
CA ASP A 65 -48.64 -16.57 -26.27
C ASP A 65 -49.72 -17.22 -25.42
N ILE A 66 -49.96 -16.63 -24.25
CA ILE A 66 -50.93 -17.16 -23.30
C ILE A 66 -52.28 -16.51 -23.57
N PRO A 67 -53.37 -17.27 -23.60
CA PRO A 67 -54.71 -16.67 -23.65
C PRO A 67 -54.95 -15.82 -22.40
N PRO A 68 -55.68 -14.71 -22.52
CA PRO A 68 -55.91 -13.85 -21.35
C PRO A 68 -56.71 -14.53 -20.25
N GLY A 69 -57.49 -15.56 -20.57
CA GLY A 69 -58.26 -16.25 -19.56
C GLY A 69 -57.49 -17.20 -18.68
N MET A 70 -56.24 -17.50 -19.02
CA MET A 70 -55.43 -18.44 -18.26
C MET A 70 -54.29 -17.79 -17.50
N VAL A 71 -54.00 -16.51 -17.76
CA VAL A 71 -52.88 -15.85 -17.09
C VAL A 71 -53.21 -15.62 -15.62
N SER A 72 -52.19 -15.72 -14.77
CA SER A 72 -52.33 -15.52 -13.32
C SER A 72 -53.28 -16.54 -12.71
N GLU A 73 -53.25 -17.77 -13.22
CA GLU A 73 -54.08 -18.86 -12.75
C GLU A 73 -53.21 -20.10 -12.55
N PRO A 74 -53.62 -21.00 -11.67
CA PRO A 74 -52.88 -22.26 -11.52
C PRO A 74 -53.11 -23.18 -12.70
N LEU A 75 -52.02 -23.71 -13.26
CA LEU A 75 -52.07 -24.59 -14.41
C LEU A 75 -51.41 -25.93 -14.06
N GLU A 76 -51.69 -26.93 -14.88
CA GLU A 76 -51.05 -28.23 -14.71
C GLU A 76 -49.57 -28.12 -15.05
N ASP A 77 -48.75 -28.90 -14.35
CA ASP A 77 -47.32 -28.85 -14.56
C ASP A 77 -46.96 -29.39 -15.94
N LEU A 78 -46.27 -28.56 -16.73
CA LEU A 78 -45.92 -28.95 -18.09
C LEU A 78 -44.75 -29.93 -18.11
N ASP A 79 -43.93 -29.93 -17.06
CA ASP A 79 -42.79 -30.82 -17.02
C ASP A 79 -43.21 -32.20 -16.51
N PRO A 80 -43.06 -33.25 -17.31
CA PRO A 80 -43.47 -34.59 -16.83
C PRO A 80 -42.61 -35.09 -15.68
N TYR A 81 -41.36 -34.64 -15.59
CA TYR A 81 -40.50 -35.04 -14.48
C TYR A 81 -41.08 -34.59 -13.15
N TYR A 82 -41.77 -33.45 -13.14
CA TYR A 82 -42.42 -32.94 -11.94
C TYR A 82 -43.92 -33.26 -11.90
N ALA A 83 -44.52 -33.60 -13.04
CA ALA A 83 -45.97 -33.79 -13.08
C ALA A 83 -46.42 -34.94 -12.21
N ASP A 84 -45.54 -35.92 -11.98
CA ASP A 84 -45.86 -37.02 -11.07
C ASP A 84 -46.08 -36.52 -9.65
N LYS A 85 -45.24 -35.60 -9.20
CA LYS A 85 -45.33 -35.10 -7.83
C LYS A 85 -46.46 -34.08 -7.71
N LYS A 86 -46.83 -33.78 -6.46
CA LYS A 86 -47.93 -32.86 -6.20
C LYS A 86 -47.51 -31.41 -6.40
N THR A 87 -47.38 -30.99 -7.67
CA THR A 87 -46.95 -29.64 -7.99
C THR A 87 -47.94 -28.99 -8.95
N PHE A 88 -47.78 -27.68 -9.13
CA PHE A 88 -48.49 -26.93 -10.15
C PHE A 88 -47.71 -25.65 -10.44
N ILE A 89 -47.99 -25.03 -11.57
CA ILE A 89 -47.26 -23.85 -12.03
C ILE A 89 -48.25 -22.76 -12.38
N VAL A 90 -47.89 -21.51 -12.07
CA VAL A 90 -48.70 -20.33 -12.40
C VAL A 90 -47.85 -19.44 -13.29
N LEU A 91 -48.46 -18.95 -14.37
CA LEU A 91 -47.75 -18.17 -15.38
C LEU A 91 -47.94 -16.68 -15.17
N ASN A 92 -46.85 -15.93 -15.28
CA ASN A 92 -46.90 -14.48 -15.25
C ASN A 92 -47.13 -13.94 -16.67
N LYS A 93 -47.63 -12.70 -16.73
CA LYS A 93 -47.86 -12.05 -18.01
C LYS A 93 -46.59 -12.02 -18.85
N GLY A 94 -45.43 -11.93 -18.22
CA GLY A 94 -44.16 -11.91 -18.90
C GLY A 94 -43.57 -13.26 -19.24
N LYS A 95 -44.36 -14.33 -19.14
CA LYS A 95 -43.96 -15.70 -19.48
C LYS A 95 -42.92 -16.28 -18.53
N THR A 96 -42.94 -15.90 -17.26
CA THR A 96 -42.06 -16.53 -16.29
C THR A 96 -42.78 -17.68 -15.59
N ILE A 97 -41.99 -18.60 -15.04
CA ILE A 97 -42.49 -19.82 -14.43
C ILE A 97 -42.35 -19.73 -12.92
N PHE A 98 -43.42 -20.03 -12.20
CA PHE A 98 -43.43 -20.08 -10.75
C PHE A 98 -43.96 -21.44 -10.31
N ARG A 99 -43.17 -22.16 -9.53
CA ARG A 99 -43.54 -23.49 -9.07
C ARG A 99 -43.96 -23.52 -7.61
N PHE A 100 -45.13 -24.09 -7.35
CA PHE A 100 -45.67 -24.21 -6.01
C PHE A 100 -46.02 -25.67 -5.74
N ASN A 101 -46.24 -26.00 -4.47
CA ASN A 101 -46.68 -27.33 -4.12
C ASN A 101 -48.20 -27.39 -4.04
N ALA A 102 -48.77 -28.53 -4.47
CA ALA A 102 -50.21 -28.68 -4.53
C ALA A 102 -50.84 -28.99 -3.18
N THR A 103 -50.04 -29.22 -2.15
CA THR A 103 -50.57 -29.48 -0.82
C THR A 103 -51.33 -28.27 -0.30
N PRO A 104 -52.25 -28.46 0.65
CA PRO A 104 -52.85 -27.30 1.32
C PRO A 104 -51.79 -26.50 2.06
N ALA A 105 -51.94 -25.18 2.04
CA ALA A 105 -50.95 -24.30 2.64
C ALA A 105 -50.94 -24.49 4.15
N LEU A 106 -49.88 -25.14 4.65
CA LEU A 106 -49.80 -25.55 6.05
C LEU A 106 -51.01 -26.40 6.44
N TYR A 107 -51.33 -27.37 5.59
CA TYR A 107 -52.47 -28.26 5.78
C TYR A 107 -53.79 -27.48 5.90
N MET A 108 -53.84 -26.29 5.31
CA MET A 108 -55.02 -25.45 5.47
C MET A 108 -55.72 -25.14 4.16
N LEU A 109 -55.00 -24.59 3.18
CA LEU A 109 -55.62 -24.00 2.00
C LEU A 109 -55.03 -24.63 0.74
N SER A 110 -55.88 -25.31 -0.03
CA SER A 110 -55.47 -25.93 -1.28
C SER A 110 -55.38 -24.88 -2.38
N PRO A 111 -54.73 -25.21 -3.50
CA PRO A 111 -54.68 -24.24 -4.62
C PRO A 111 -56.06 -23.87 -5.14
N PHE A 112 -57.04 -24.76 -5.01
CA PHE A 112 -58.38 -24.47 -5.51
C PHE A 112 -59.11 -23.50 -4.58
N SER A 113 -58.62 -23.34 -3.36
CA SER A 113 -59.23 -22.40 -2.42
C SER A 113 -59.15 -20.98 -2.97
N PRO A 114 -60.14 -20.12 -2.68
CA PRO A 114 -60.13 -18.78 -3.25
C PRO A 114 -59.05 -17.87 -2.67
N LEU A 115 -58.73 -18.01 -1.39
CA LEU A 115 -57.73 -17.14 -0.78
C LEU A 115 -56.35 -17.39 -1.37
N ARG A 116 -55.96 -18.66 -1.50
CA ARG A 116 -54.65 -18.96 -2.08
C ARG A 116 -54.60 -18.53 -3.54
N ARG A 117 -55.73 -18.57 -4.24
CA ARG A 117 -55.77 -18.13 -5.63
C ARG A 117 -55.39 -16.67 -5.77
N ILE A 118 -56.06 -15.79 -5.00
CA ILE A 118 -55.74 -14.38 -5.08
C ILE A 118 -54.36 -14.10 -4.50
N SER A 119 -53.93 -14.89 -3.52
CA SER A 119 -52.58 -14.71 -2.97
C SER A 119 -51.52 -14.96 -4.03
N ILE A 120 -51.66 -16.05 -4.79
CA ILE A 120 -50.71 -16.33 -5.86
C ILE A 120 -50.86 -15.28 -6.98
N LYS A 121 -52.09 -14.88 -7.28
CA LYS A 121 -52.31 -13.91 -8.36
C LYS A 121 -51.67 -12.57 -8.06
N ILE A 122 -51.60 -12.19 -6.78
CA ILE A 122 -50.92 -10.95 -6.44
C ILE A 122 -49.42 -11.17 -6.25
N LEU A 123 -49.01 -12.36 -5.82
CA LEU A 123 -47.58 -12.66 -5.72
C LEU A 123 -46.90 -12.55 -7.07
N VAL A 124 -47.49 -13.17 -8.10
CA VAL A 124 -46.86 -13.13 -9.43
C VAL A 124 -47.27 -11.84 -10.13
N HIS A 125 -46.53 -10.76 -9.89
CA HIS A 125 -46.88 -9.47 -10.47
C HIS A 125 -45.67 -8.55 -10.43
N SER A 126 -45.37 -7.96 -11.59
CA SER A 126 -44.31 -6.95 -11.65
C SER A 126 -44.65 -5.75 -10.77
N LEU A 127 -45.94 -5.43 -10.64
CA LEU A 127 -46.33 -4.35 -9.73
C LEU A 127 -45.88 -4.65 -8.31
N PHE A 128 -46.12 -5.87 -7.83
CA PHE A 128 -45.74 -6.23 -6.47
C PHE A 128 -44.22 -6.30 -6.33
N SER A 129 -43.53 -6.84 -7.34
CA SER A 129 -42.08 -6.91 -7.31
C SER A 129 -41.46 -5.51 -7.21
N MET A 130 -41.92 -4.60 -8.07
CA MET A 130 -41.40 -3.23 -8.03
C MET A 130 -41.83 -2.49 -6.77
N LEU A 131 -42.98 -2.87 -6.19
CA LEU A 131 -43.38 -2.31 -4.91
C LEU A 131 -42.37 -2.66 -3.84
N ILE A 132 -42.01 -3.95 -3.74
CA ILE A 132 -41.01 -4.37 -2.76
C ILE A 132 -39.66 -3.70 -3.06
N MET A 133 -39.31 -3.59 -4.34
CA MET A 133 -38.04 -2.98 -4.72
C MET A 133 -37.98 -1.52 -4.26
N CYS A 134 -39.02 -0.75 -4.57
CA CYS A 134 -39.03 0.66 -4.20
C CYS A 134 -39.10 0.83 -2.68
N THR A 135 -39.81 -0.06 -1.99
CA THR A 135 -39.89 0.01 -0.55
C THR A 135 -38.52 -0.20 0.08
N ILE A 136 -37.79 -1.23 -0.35
CA ILE A 136 -36.47 -1.45 0.23
C ILE A 136 -35.45 -0.43 -0.26
N LEU A 137 -35.67 0.20 -1.42
CA LEU A 137 -34.80 1.29 -1.82
C LEU A 137 -35.00 2.52 -0.93
N THR A 138 -36.26 2.82 -0.59
CA THR A 138 -36.51 3.91 0.35
C THR A 138 -35.99 3.55 1.74
N ASN A 139 -36.04 2.28 2.11
CA ASN A 139 -35.44 1.84 3.37
C ASN A 139 -33.93 2.07 3.35
N CYS A 140 -33.30 1.81 2.21
CA CYS A 140 -31.86 2.06 2.09
C CYS A 140 -31.56 3.56 2.11
N ILE A 141 -32.49 4.38 1.62
CA ILE A 141 -32.31 5.83 1.74
C ILE A 141 -32.46 6.28 3.19
N PHE A 142 -33.32 5.61 3.95
CA PHE A 142 -33.59 6.00 5.34
C PHE A 142 -32.55 5.45 6.32
N MET A 143 -31.87 4.36 5.97
CA MET A 143 -30.91 3.77 6.90
C MET A 143 -29.71 4.67 7.12
N THR A 144 -29.43 5.58 6.19
CA THR A 144 -28.21 6.38 6.24
C THR A 144 -28.34 7.65 7.08
N MET A 145 -29.37 7.78 7.90
CA MET A 145 -29.58 9.04 8.61
C MET A 145 -28.56 9.23 9.73
N ASN A 146 -28.18 8.15 10.42
CA ASN A 146 -27.13 8.13 11.44
C ASN A 146 -27.57 8.84 12.72
N ASN A 147 -28.69 9.53 12.67
CA ASN A 147 -29.31 10.16 13.82
C ASN A 147 -30.75 10.50 13.43
N PRO A 148 -31.61 9.52 13.23
CA PRO A 148 -32.92 9.78 12.62
C PRO A 148 -33.78 10.65 13.52
N PRO A 149 -34.64 11.48 12.92
CA PRO A 149 -35.53 12.31 13.74
C PRO A 149 -36.59 11.48 14.47
N ASP A 150 -37.47 12.16 15.20
CA ASP A 150 -38.46 11.45 16.01
C ASP A 150 -39.46 10.69 15.15
N TRP A 151 -39.84 11.25 14.01
CA TRP A 151 -40.95 10.71 13.22
C TRP A 151 -40.57 9.50 12.38
N THR A 152 -39.29 9.12 12.33
CA THR A 152 -38.91 7.93 11.58
C THR A 152 -39.43 6.65 12.21
N LYS A 153 -40.02 6.71 13.40
CA LYS A 153 -40.57 5.51 14.01
C LYS A 153 -41.73 4.95 13.18
N ASN A 154 -42.65 5.82 12.74
CA ASN A 154 -43.73 5.33 11.90
C ASN A 154 -43.25 4.91 10.52
N VAL A 155 -42.15 5.49 10.04
CA VAL A 155 -41.60 5.05 8.76
C VAL A 155 -41.02 3.65 8.88
N GLU A 156 -40.26 3.38 9.95
CA GLU A 156 -39.77 2.03 10.18
C GLU A 156 -40.92 1.06 10.42
N TYR A 157 -41.99 1.51 11.07
CA TYR A 157 -43.15 0.65 11.26
C TYR A 157 -43.81 0.33 9.93
N THR A 158 -43.93 1.31 9.03
CA THR A 158 -44.48 1.06 7.71
C THR A 158 -43.61 0.08 6.93
N PHE A 159 -42.28 0.24 7.02
CA PHE A 159 -41.38 -0.68 6.32
C PHE A 159 -41.53 -2.10 6.85
N THR A 160 -41.54 -2.25 8.18
CA THR A 160 -41.74 -3.58 8.76
C THR A 160 -43.10 -4.16 8.41
N GLY A 161 -44.12 -3.31 8.33
CA GLY A 161 -45.44 -3.79 7.95
C GLY A 161 -45.48 -4.28 6.51
N ILE A 162 -44.85 -3.54 5.61
CA ILE A 162 -44.77 -3.96 4.21
C ILE A 162 -44.01 -5.27 4.09
N TYR A 163 -42.92 -5.41 4.86
CA TYR A 163 -42.13 -6.63 4.82
C TYR A 163 -42.93 -7.82 5.34
N THR A 164 -43.61 -7.65 6.48
CA THR A 164 -44.44 -8.71 7.01
C THR A 164 -45.59 -9.05 6.07
N PHE A 165 -46.12 -8.04 5.37
CA PHE A 165 -47.24 -8.28 4.46
C PHE A 165 -46.78 -9.08 3.23
N GLU A 166 -45.64 -8.74 2.65
CA GLU A 166 -45.15 -9.51 1.52
C GLU A 166 -44.75 -10.92 1.93
N SER A 167 -44.12 -11.06 3.11
CA SER A 167 -43.82 -12.39 3.61
C SER A 167 -45.11 -13.18 3.85
N LEU A 168 -46.17 -12.50 4.29
CA LEU A 168 -47.44 -13.16 4.53
C LEU A 168 -48.06 -13.65 3.23
N VAL A 169 -48.04 -12.81 2.19
CA VAL A 169 -48.65 -13.25 0.93
C VAL A 169 -47.85 -14.39 0.31
N LYS A 170 -46.52 -14.36 0.43
CA LYS A 170 -45.78 -15.49 -0.14
C LYS A 170 -45.92 -16.75 0.73
N ILE A 171 -46.13 -16.59 2.04
CA ILE A 171 -46.50 -17.74 2.86
C ILE A 171 -47.83 -18.33 2.39
N LEU A 172 -48.84 -17.48 2.22
CA LEU A 172 -50.13 -17.95 1.73
C LEU A 172 -50.00 -18.63 0.38
N ALA A 173 -49.05 -18.20 -0.44
CA ALA A 173 -48.91 -18.77 -1.77
C ALA A 173 -48.10 -20.06 -1.79
N ARG A 174 -47.20 -20.25 -0.82
CA ARG A 174 -46.29 -21.39 -0.92
C ARG A 174 -46.43 -22.41 0.20
N GLY A 175 -46.63 -21.98 1.44
CA GLY A 175 -46.53 -22.88 2.56
C GLY A 175 -45.18 -22.73 3.26
N PHE A 176 -45.23 -22.71 4.60
CA PHE A 176 -44.04 -22.38 5.37
C PHE A 176 -42.97 -23.44 5.25
N CYS A 177 -43.25 -24.65 5.73
CA CYS A 177 -42.27 -25.73 5.71
C CYS A 177 -42.77 -27.02 5.11
N VAL A 178 -44.02 -27.09 4.64
CA VAL A 178 -44.59 -28.31 4.11
C VAL A 178 -44.57 -28.23 2.58
N GLY A 179 -43.94 -29.20 1.95
CA GLY A 179 -43.93 -29.31 0.51
C GLY A 179 -42.52 -29.31 -0.06
N GLU A 180 -42.41 -29.70 -1.33
CA GLU A 180 -41.13 -29.67 -2.03
C GLU A 180 -40.73 -28.24 -2.36
N PHE A 181 -41.66 -27.45 -2.90
CA PHE A 181 -41.40 -26.08 -3.29
C PHE A 181 -41.89 -25.08 -2.24
N THR A 182 -41.81 -25.47 -0.96
CA THR A 182 -42.29 -24.61 0.11
C THR A 182 -41.42 -23.37 0.24
N PHE A 183 -41.90 -22.42 1.05
CA PHE A 183 -41.31 -21.09 1.17
C PHE A 183 -39.85 -21.12 1.63
N LEU A 184 -39.46 -22.17 2.36
CA LEU A 184 -38.15 -22.22 2.99
C LEU A 184 -37.10 -22.96 2.17
N ARG A 185 -37.49 -23.78 1.20
CA ARG A 185 -36.50 -24.59 0.50
C ARG A 185 -35.53 -23.74 -0.32
N ASP A 186 -35.95 -22.55 -0.72
CA ASP A 186 -35.00 -21.68 -1.41
C ASP A 186 -34.38 -20.71 -0.42
N PRO A 187 -33.06 -20.52 -0.43
CA PRO A 187 -32.39 -19.80 0.67
C PRO A 187 -32.66 -18.31 0.71
N TRP A 188 -32.94 -17.68 -0.44
CA TRP A 188 -33.12 -16.22 -0.44
C TRP A 188 -34.37 -15.79 0.31
N ASN A 189 -35.20 -16.73 0.75
CA ASN A 189 -36.31 -16.40 1.64
C ASN A 189 -35.95 -16.52 3.11
N TRP A 190 -34.87 -17.25 3.44
CA TRP A 190 -34.39 -17.29 4.82
C TRP A 190 -34.04 -15.89 5.30
N LEU A 191 -33.50 -15.05 4.41
CA LEU A 191 -33.15 -13.69 4.81
C LEU A 191 -34.39 -12.84 5.05
N ASP A 192 -35.41 -13.00 4.21
CA ASP A 192 -36.67 -12.29 4.42
C ASP A 192 -37.34 -12.74 5.72
N PHE A 193 -37.17 -14.01 6.09
CA PHE A 193 -37.69 -14.49 7.36
C PHE A 193 -36.91 -13.92 8.54
N VAL A 194 -35.58 -13.97 8.45
CA VAL A 194 -34.73 -13.47 9.52
C VAL A 194 -34.95 -11.99 9.76
N VAL A 195 -35.16 -11.22 8.68
CA VAL A 195 -35.29 -9.77 8.84
C VAL A 195 -36.58 -9.42 9.58
N ILE A 196 -37.69 -10.12 9.26
CA ILE A 196 -38.93 -9.81 9.95
C ILE A 196 -38.89 -10.32 11.38
N VAL A 197 -38.26 -11.47 11.62
CA VAL A 197 -38.09 -11.97 12.98
C VAL A 197 -37.31 -10.95 13.82
N PHE A 198 -36.21 -10.42 13.26
CA PHE A 198 -35.40 -9.47 13.99
C PHE A 198 -36.12 -8.15 14.20
N ALA A 199 -36.89 -7.70 13.20
CA ALA A 199 -37.63 -6.46 13.34
C ALA A 199 -38.70 -6.58 14.43
N TYR A 200 -39.40 -7.71 14.48
CA TYR A 200 -40.40 -7.88 15.51
C TYR A 200 -39.78 -8.12 16.89
N LEU A 201 -38.60 -8.73 16.93
CA LEU A 201 -37.86 -8.80 18.19
C LEU A 201 -37.49 -7.41 18.69
N THR A 202 -37.05 -6.54 17.78
CA THR A 202 -36.73 -5.17 18.16
C THR A 202 -37.95 -4.43 18.65
N GLU A 203 -39.08 -4.55 17.94
CA GLU A 203 -40.30 -3.88 18.37
C GLU A 203 -40.80 -4.42 19.71
N PHE A 204 -40.68 -5.73 19.92
CA PHE A 204 -41.10 -6.36 21.17
C PHE A 204 -39.98 -6.20 22.21
N VAL A 205 -40.08 -6.97 23.31
CA VAL A 205 -39.01 -6.99 24.30
C VAL A 205 -37.69 -7.28 23.61
N ASN A 206 -36.71 -6.39 23.83
CA ASN A 206 -35.46 -6.42 23.08
C ASN A 206 -34.28 -6.43 24.05
N LEU A 207 -33.16 -6.95 23.56
CA LEU A 207 -31.96 -7.04 24.36
C LEU A 207 -31.32 -5.66 24.55
N GLY A 208 -30.20 -5.64 25.27
CA GLY A 208 -29.57 -4.38 25.60
C GLY A 208 -28.77 -3.76 24.47
N ASN A 209 -28.25 -4.58 23.57
CA ASN A 209 -27.39 -4.09 22.48
C ASN A 209 -28.27 -3.49 21.39
N VAL A 210 -28.75 -2.26 21.66
CA VAL A 210 -29.65 -1.61 20.72
C VAL A 210 -28.94 -1.31 19.40
N SER A 211 -27.67 -0.85 19.47
CA SER A 211 -26.95 -0.53 18.25
C SER A 211 -26.54 -1.79 17.50
N ALA A 212 -26.01 -2.78 18.23
CA ALA A 212 -25.63 -4.04 17.60
C ALA A 212 -26.83 -4.86 17.15
N LEU A 213 -28.05 -4.45 17.51
CA LEU A 213 -29.25 -5.08 16.98
C LEU A 213 -29.79 -4.32 15.78
N ARG A 214 -29.77 -2.98 15.84
CA ARG A 214 -30.11 -2.17 14.68
C ARG A 214 -29.15 -2.44 13.52
N THR A 215 -27.92 -2.85 13.82
CA THR A 215 -27.01 -3.27 12.76
C THR A 215 -27.58 -4.43 11.96
N PHE A 216 -28.32 -5.33 12.62
CA PHE A 216 -28.91 -6.47 11.93
C PHE A 216 -30.06 -6.08 10.99
N ARG A 217 -30.52 -4.84 11.04
CA ARG A 217 -31.57 -4.40 10.14
C ARG A 217 -31.04 -4.01 8.76
N VAL A 218 -29.75 -4.20 8.51
CA VAL A 218 -29.18 -3.90 7.21
C VAL A 218 -29.54 -4.94 6.17
N LEU A 219 -29.97 -6.13 6.59
CA LEU A 219 -30.33 -7.18 5.63
C LEU A 219 -31.49 -6.76 4.74
N ARG A 220 -32.23 -5.73 5.13
CA ARG A 220 -33.17 -5.11 4.20
C ARG A 220 -32.46 -4.62 2.95
N ALA A 221 -31.18 -4.26 3.06
CA ALA A 221 -30.39 -3.88 1.90
C ALA A 221 -29.85 -5.09 1.14
N LEU A 222 -29.86 -6.28 1.75
CA LEU A 222 -29.56 -7.51 1.02
C LEU A 222 -30.79 -8.09 0.34
N LYS A 223 -31.98 -7.66 0.76
CA LYS A 223 -33.21 -8.12 0.11
C LYS A 223 -33.20 -7.85 -1.38
N THR A 224 -32.60 -6.74 -1.81
CA THR A 224 -32.60 -6.40 -3.23
C THR A 224 -31.78 -7.38 -4.06
N ILE A 225 -30.77 -8.00 -3.45
CA ILE A 225 -29.97 -9.00 -4.17
C ILE A 225 -30.85 -10.13 -4.67
N SER A 226 -31.94 -10.43 -3.96
CA SER A 226 -32.88 -11.46 -4.39
C SER A 226 -34.09 -10.88 -5.12
N VAL A 227 -34.48 -9.64 -4.82
CA VAL A 227 -35.64 -9.06 -5.50
C VAL A 227 -35.31 -8.68 -6.94
N ILE A 228 -34.19 -8.01 -7.15
CA ILE A 228 -33.80 -7.54 -8.49
C ILE A 228 -33.45 -8.74 -9.36
N PRO A 229 -33.87 -8.77 -10.62
CA PRO A 229 -33.50 -9.89 -11.50
C PRO A 229 -32.00 -9.90 -11.80
N GLY A 230 -31.45 -11.11 -11.88
CA GLY A 230 -30.08 -11.32 -12.27
C GLY A 230 -29.08 -11.25 -11.12
N LEU A 231 -29.37 -10.46 -10.09
CA LEU A 231 -28.42 -10.31 -8.99
C LEU A 231 -28.20 -11.62 -8.25
N LYS A 232 -29.24 -12.47 -8.31
CA LYS A 232 -29.27 -13.78 -7.69
C LYS A 232 -28.36 -14.76 -8.39
N THR A 233 -28.09 -14.51 -9.66
CA THR A 233 -27.15 -15.28 -10.47
C THR A 233 -25.74 -14.70 -10.37
N ILE A 234 -25.62 -13.37 -10.30
CA ILE A 234 -24.31 -12.76 -10.12
C ILE A 234 -23.69 -13.20 -8.80
N VAL A 235 -24.48 -13.20 -7.72
CA VAL A 235 -23.97 -13.60 -6.42
C VAL A 235 -23.65 -15.10 -6.41
N GLY A 236 -24.46 -15.91 -7.09
CA GLY A 236 -24.12 -17.31 -7.24
C GLY A 236 -22.80 -17.52 -7.95
N ALA A 237 -22.53 -16.70 -8.97
CA ALA A 237 -21.26 -16.80 -9.70
C ALA A 237 -20.09 -16.39 -8.81
N LEU A 238 -20.28 -15.37 -7.98
CA LEU A 238 -19.23 -14.99 -7.03
C LEU A 238 -18.95 -16.12 -6.04
N ILE A 239 -20.02 -16.75 -5.52
CA ILE A 239 -19.83 -17.87 -4.61
C ILE A 239 -19.16 -19.04 -5.32
N GLN A 240 -19.40 -19.20 -6.62
CA GLN A 240 -18.70 -20.24 -7.37
C GLN A 240 -17.23 -19.91 -7.51
N SER A 241 -16.90 -18.63 -7.70
CA SER A 241 -15.49 -18.24 -7.83
C SER A 241 -14.73 -18.42 -6.51
N VAL A 242 -15.40 -18.20 -5.38
CA VAL A 242 -14.75 -18.41 -4.09
C VAL A 242 -14.34 -19.89 -3.94
N LYS A 243 -15.16 -20.80 -4.46
CA LYS A 243 -14.86 -22.22 -4.37
C LYS A 243 -13.58 -22.58 -5.12
N LYS A 244 -13.20 -21.79 -6.12
CA LYS A 244 -11.90 -21.98 -6.78
C LYS A 244 -10.79 -21.24 -6.04
N LEU A 245 -11.09 -20.05 -5.52
CA LEU A 245 -10.11 -19.30 -4.73
C LEU A 245 -9.71 -20.00 -3.44
N SER A 246 -10.44 -21.06 -3.05
CA SER A 246 -10.15 -21.78 -1.81
C SER A 246 -8.67 -22.14 -1.65
N ASP A 247 -8.08 -22.79 -2.66
CA ASP A 247 -6.72 -23.31 -2.52
C ASP A 247 -5.70 -22.17 -2.44
N VAL A 248 -5.91 -21.10 -3.21
CA VAL A 248 -5.00 -19.96 -3.12
C VAL A 248 -5.16 -19.26 -1.79
N MET A 249 -6.34 -19.32 -1.17
CA MET A 249 -6.48 -18.75 0.16
C MET A 249 -5.75 -19.61 1.20
N ILE A 250 -5.79 -20.93 1.03
CA ILE A 250 -5.03 -21.81 1.90
C ILE A 250 -3.53 -21.50 1.78
N LEU A 251 -3.05 -21.35 0.55
CA LEU A 251 -1.63 -21.03 0.37
C LEU A 251 -1.29 -19.64 0.87
N THR A 252 -2.21 -18.69 0.74
CA THR A 252 -1.98 -17.36 1.29
C THR A 252 -1.83 -17.40 2.80
N VAL A 253 -2.70 -18.17 3.47
CA VAL A 253 -2.59 -18.30 4.91
C VAL A 253 -1.27 -18.99 5.29
N PHE A 254 -0.90 -20.03 4.54
CA PHE A 254 0.34 -20.75 4.85
C PHE A 254 1.57 -19.86 4.66
N CYS A 255 1.59 -19.07 3.59
CA CYS A 255 2.75 -18.22 3.32
C CYS A 255 2.81 -17.05 4.30
N LEU A 256 1.68 -16.42 4.59
CA LEU A 256 1.66 -15.38 5.61
C LEU A 256 2.08 -15.93 6.96
N SER A 257 1.73 -17.17 7.28
CA SER A 257 2.12 -17.73 8.57
C SER A 257 3.61 -18.06 8.62
N VAL A 258 4.15 -18.60 7.53
CA VAL A 258 5.59 -18.91 7.51
C VAL A 258 6.40 -17.62 7.60
N PHE A 259 6.06 -16.62 6.77
CA PHE A 259 6.76 -15.36 6.84
C PHE A 259 6.50 -14.62 8.15
N ALA A 260 5.37 -14.89 8.81
CA ALA A 260 5.10 -14.27 10.10
C ALA A 260 5.91 -14.90 11.20
N LEU A 261 6.14 -16.21 11.13
CA LEU A 261 7.08 -16.85 12.07
C LEU A 261 8.49 -16.33 11.84
N ILE A 262 8.88 -16.14 10.58
CA ILE A 262 10.22 -15.59 10.31
C ILE A 262 10.34 -14.17 10.84
N GLY A 263 9.37 -13.32 10.50
CA GLY A 263 9.40 -11.95 11.00
C GLY A 263 9.31 -11.87 12.51
N LEU A 264 8.58 -12.78 13.13
CA LEU A 264 8.52 -12.85 14.58
C LEU A 264 9.89 -13.15 15.16
N GLN A 265 10.51 -14.24 14.70
CA GLN A 265 11.81 -14.62 15.25
C GLN A 265 12.85 -13.55 14.99
N LEU A 266 12.69 -12.77 13.92
CA LEU A 266 13.67 -11.73 13.62
C LEU A 266 13.44 -10.47 14.47
N PHE A 267 12.23 -9.90 14.40
CA PHE A 267 11.94 -8.61 15.03
C PHE A 267 10.98 -8.74 16.22
N MET A 268 11.12 -9.79 17.01
CA MET A 268 10.39 -9.87 18.27
C MET A 268 10.89 -8.77 19.20
N GLY A 269 10.03 -7.78 19.47
CA GLY A 269 10.38 -6.70 20.36
C GLY A 269 11.27 -5.64 19.79
N ASN A 270 11.70 -5.77 18.53
CA ASN A 270 12.54 -4.74 17.93
C ASN A 270 11.77 -3.43 17.74
N LEU A 271 10.47 -3.53 17.46
CA LEU A 271 9.66 -2.32 17.33
C LEU A 271 9.44 -1.61 18.66
N LYS A 272 9.94 -2.21 19.71
CA LYS A 272 9.80 -1.68 21.05
C LYS A 272 10.95 -0.81 21.48
N HIS A 273 11.96 -0.64 20.65
CA HIS A 273 13.11 0.21 20.94
C HIS A 273 12.70 1.68 21.00
N LYS A 274 13.29 2.40 21.95
CA LYS A 274 13.02 3.81 22.15
C LYS A 274 14.28 4.45 22.72
N CYS A 275 14.66 5.60 22.18
CA CYS A 275 15.86 6.29 22.66
C CYS A 275 15.52 7.01 23.96
N PHE A 276 15.98 6.46 25.08
CA PHE A 276 15.65 6.93 26.42
C PHE A 276 16.72 7.88 26.93
N ARG A 277 16.37 8.68 27.93
CA ARG A 277 17.27 9.70 28.46
C ARG A 277 18.53 9.06 29.07
N ASN A 278 19.47 9.93 29.44
CA ASN A 278 20.73 9.52 30.05
C ASN A 278 20.93 10.10 31.45
N SER A 279 20.59 11.37 31.65
CA SER A 279 20.85 12.04 32.93
C SER A 279 19.57 12.06 33.76
N LEU A 280 19.38 11.00 34.52
CA LEU A 280 18.21 10.84 35.37
C LEU A 280 18.49 11.36 36.76
N GLU A 281 17.59 12.20 37.28
CA GLU A 281 17.73 12.76 38.61
C GLU A 281 16.84 12.01 39.61
N ASN A 282 17.05 12.32 40.89
CA ASN A 282 16.25 11.76 41.99
C ASN A 282 16.32 10.24 42.01
N ASN A 283 17.43 9.68 41.56
CA ASN A 283 17.65 8.23 41.49
C ASN A 283 16.56 7.55 40.66
N GLU A 284 15.89 8.32 39.80
CA GLU A 284 14.82 7.76 38.99
C GLU A 284 15.39 6.78 37.98
N THR A 285 14.81 5.60 37.94
CA THR A 285 15.29 4.51 37.10
C THR A 285 14.33 4.34 35.92
N LEU A 286 14.76 3.53 34.95
CA LEU A 286 13.92 3.24 33.80
C LEU A 286 12.59 2.64 34.24
N GLU A 287 12.63 1.63 35.10
CA GLU A 287 11.40 1.01 35.59
C GLU A 287 10.63 1.94 36.51
N SER A 288 11.34 2.69 37.36
CA SER A 288 10.66 3.63 38.25
C SER A 288 9.94 4.72 37.47
N ILE A 289 10.38 5.00 36.25
CA ILE A 289 9.66 5.93 35.38
C ILE A 289 8.52 5.22 34.69
N MET A 290 8.81 4.08 34.05
CA MET A 290 7.80 3.39 33.26
C MET A 290 6.59 2.97 34.10
N ASN A 291 6.77 2.76 35.40
CA ASN A 291 5.62 2.40 36.23
C ASN A 291 4.78 3.62 36.60
N THR A 292 5.33 4.83 36.47
CA THR A 292 4.66 6.02 36.95
C THR A 292 4.17 6.97 35.86
N LEU A 293 4.70 6.88 34.63
CA LEU A 293 4.33 7.80 33.57
C LEU A 293 3.44 7.10 32.55
N GLU A 294 2.37 7.77 32.15
CA GLU A 294 1.49 7.25 31.10
C GLU A 294 1.05 8.30 30.08
N SER A 295 1.05 9.59 30.41
CA SER A 295 0.66 10.60 29.45
C SER A 295 1.72 10.78 28.38
N GLU A 296 1.29 11.24 27.20
CA GLU A 296 2.24 11.41 26.11
C GLU A 296 3.22 12.54 26.38
N GLU A 297 2.81 13.58 27.09
CA GLU A 297 3.75 14.64 27.42
C GLU A 297 4.81 14.16 28.41
N ASP A 298 4.40 13.42 29.44
CA ASP A 298 5.37 12.84 30.36
C ASP A 298 6.30 11.88 29.65
N PHE A 299 5.77 11.10 28.70
CA PHE A 299 6.62 10.25 27.88
C PHE A 299 7.65 11.08 27.11
N ARG A 300 7.17 12.12 26.42
CA ARG A 300 8.04 12.96 25.60
C ARG A 300 9.11 13.65 26.44
N LYS A 301 8.85 13.87 27.71
CA LYS A 301 9.87 14.48 28.56
C LYS A 301 11.03 13.54 28.87
N TYR A 302 10.91 12.25 28.56
CA TYR A 302 11.99 11.29 28.80
C TYR A 302 12.52 10.62 27.55
N PHE A 303 11.64 10.27 26.61
CA PHE A 303 12.06 9.66 25.35
C PHE A 303 12.13 10.74 24.28
N TYR A 304 12.57 10.36 23.08
CA TYR A 304 12.94 11.38 22.10
C TYR A 304 11.71 12.06 21.49
N TYR A 305 10.83 11.27 20.85
CA TYR A 305 9.58 11.83 20.33
C TYR A 305 9.82 12.93 19.31
N LEU A 306 10.23 12.54 18.10
CA LEU A 306 10.80 13.44 17.09
C LEU A 306 9.75 14.43 16.58
N GLU A 307 9.51 15.46 17.40
CA GLU A 307 8.92 16.74 16.99
C GLU A 307 7.66 16.56 16.14
N GLY A 308 6.62 16.01 16.76
CA GLY A 308 5.31 16.02 16.13
C GLY A 308 4.74 14.65 15.81
N SER A 309 5.42 13.59 16.24
CA SER A 309 4.94 12.24 16.01
C SER A 309 4.27 11.71 17.28
N LYS A 310 3.40 10.72 17.09
CA LYS A 310 2.68 10.16 18.24
C LYS A 310 3.56 9.19 19.01
N ASP A 311 4.39 8.42 18.32
CA ASP A 311 5.26 7.45 18.95
C ASP A 311 6.68 7.99 19.05
N ALA A 312 7.41 7.48 20.04
CA ALA A 312 8.80 7.86 20.19
C ALA A 312 9.62 7.36 19.01
N LEU A 313 10.81 7.94 18.85
CA LEU A 313 11.67 7.55 17.75
C LEU A 313 12.25 6.18 18.00
N LEU A 314 12.15 5.30 17.00
CA LEU A 314 12.76 3.98 17.10
C LEU A 314 14.27 4.10 17.10
N CYS A 315 14.91 3.25 17.86
CA CYS A 315 16.33 3.35 18.13
C CYS A 315 16.99 2.07 17.60
N GLY A 316 18.28 1.90 17.88
CA GLY A 316 18.97 0.73 17.37
C GLY A 316 20.31 0.54 18.03
N PHE A 317 20.65 -0.74 18.20
CA PHE A 317 21.90 -1.14 18.79
C PHE A 317 22.91 -1.35 17.70
N SER A 318 22.46 -1.98 16.61
CA SER A 318 23.31 -2.28 15.47
C SER A 318 23.82 -1.03 14.79
N THR A 319 25.02 -1.10 14.24
CA THR A 319 25.61 0.08 13.64
C THR A 319 24.85 0.69 12.46
N ASP A 320 24.38 -0.13 11.54
CA ASP A 320 23.65 0.41 10.40
C ASP A 320 22.27 1.02 10.65
N SER A 321 21.44 0.41 11.49
CA SER A 321 20.10 0.91 11.69
C SER A 321 20.01 2.27 12.27
N GLY A 322 20.72 2.51 13.36
CA GLY A 322 20.79 3.85 13.90
C GLY A 322 19.59 4.58 14.41
N GLN A 323 19.75 5.88 14.56
CA GLN A 323 20.74 6.48 15.44
C GLN A 323 19.97 7.38 16.34
N CYS A 324 20.32 7.41 17.62
CA CYS A 324 19.63 8.26 18.57
C CYS A 324 20.55 9.38 18.98
N PRO A 325 20.02 10.56 19.14
CA PRO A 325 20.82 11.75 19.43
C PRO A 325 21.61 11.70 20.69
N GLU A 326 22.77 12.34 20.69
CA GLU A 326 23.65 12.43 21.85
C GLU A 326 22.91 12.73 23.12
N GLY A 327 23.23 11.98 24.16
CA GLY A 327 22.52 12.07 25.41
C GLY A 327 21.32 11.16 25.52
N TYR A 328 21.21 10.16 24.65
CA TYR A 328 20.09 9.24 24.66
C TYR A 328 20.62 7.85 24.32
N THR A 329 20.29 6.87 25.16
CA THR A 329 20.65 5.49 24.90
C THR A 329 19.45 4.72 24.35
N CYS A 330 19.75 3.61 23.68
CA CYS A 330 18.72 2.74 23.13
C CYS A 330 18.35 1.68 24.14
N VAL A 331 17.05 1.54 24.40
CA VAL A 331 16.53 0.50 25.27
C VAL A 331 15.12 0.18 24.83
N LYS A 332 14.79 -1.12 24.79
CA LYS A 332 13.44 -1.53 24.38
C LYS A 332 12.54 -1.48 25.61
N ILE A 333 11.64 -0.51 25.61
CA ILE A 333 10.75 -0.27 26.74
C ILE A 333 9.59 0.58 26.24
N GLY A 334 8.39 0.27 26.70
CA GLY A 334 7.20 1.03 26.34
C GLY A 334 6.34 0.28 25.35
N ARG A 335 5.39 1.01 24.78
CA ARG A 335 4.48 0.43 23.80
C ARG A 335 5.06 0.52 22.40
N ASN A 336 4.55 -0.34 21.52
CA ASN A 336 4.95 -0.34 20.12
C ASN A 336 4.37 0.88 19.42
N PRO A 337 4.81 1.18 18.21
CA PRO A 337 4.29 2.35 17.50
C PRO A 337 2.90 2.08 16.92
N ASP A 338 2.26 3.16 16.49
CA ASP A 338 0.92 3.12 15.90
C ASP A 338 -0.09 2.52 16.88
N TYR A 339 -0.12 3.09 18.08
CA TYR A 339 -1.00 2.74 19.19
C TYR A 339 -0.67 1.36 19.78
N GLY A 340 0.27 0.62 19.21
CA GLY A 340 0.57 -0.72 19.64
C GLY A 340 0.26 -1.79 18.62
N TYR A 341 -0.31 -1.42 17.47
CA TYR A 341 -0.75 -2.38 16.47
C TYR A 341 0.28 -2.63 15.39
N THR A 342 1.36 -1.88 15.36
CA THR A 342 2.47 -2.11 14.44
C THR A 342 3.60 -2.74 15.24
N SER A 343 3.74 -4.06 15.13
CA SER A 343 4.75 -4.77 15.90
C SER A 343 4.82 -6.20 15.41
N PHE A 344 5.95 -6.85 15.69
CA PHE A 344 6.13 -8.28 15.50
C PHE A 344 6.22 -9.01 16.82
N ASP A 345 5.65 -8.43 17.89
CA ASP A 345 5.82 -8.99 19.23
C ASP A 345 5.17 -10.36 19.35
N THR A 346 3.86 -10.44 19.12
CA THR A 346 3.13 -11.69 19.14
C THR A 346 2.95 -12.22 17.72
N PHE A 347 2.58 -13.49 17.63
CA PHE A 347 2.34 -14.07 16.31
C PHE A 347 1.14 -13.44 15.63
N SER A 348 0.13 -13.03 16.40
CA SER A 348 -1.04 -12.38 15.81
C SER A 348 -0.67 -11.06 15.16
N TRP A 349 0.13 -10.24 15.87
CA TRP A 349 0.56 -8.98 15.27
C TRP A 349 1.53 -9.19 14.13
N ALA A 350 2.35 -10.25 14.19
CA ALA A 350 3.21 -10.56 13.07
C ALA A 350 2.38 -10.93 11.84
N PHE A 351 1.30 -11.70 12.05
CA PHE A 351 0.42 -12.06 10.95
C PHE A 351 -0.28 -10.84 10.39
N LEU A 352 -0.71 -9.93 11.25
CA LEU A 352 -1.37 -8.72 10.75
C LEU A 352 -0.40 -7.85 9.99
N ALA A 353 0.84 -7.71 10.47
CA ALA A 353 1.83 -6.92 9.76
C ALA A 353 2.20 -7.56 8.43
N LEU A 354 2.21 -8.89 8.36
CA LEU A 354 2.53 -9.51 7.09
C LEU A 354 1.35 -9.51 6.11
N PHE A 355 0.12 -9.49 6.62
CA PHE A 355 -1.00 -9.21 5.72
C PHE A 355 -0.94 -7.77 5.22
N ARG A 356 -0.48 -6.85 6.07
CA ARG A 356 -0.25 -5.48 5.65
C ARG A 356 0.82 -5.40 4.57
N LEU A 357 1.84 -6.24 4.65
CA LEU A 357 2.87 -6.26 3.60
C LEU A 357 2.39 -6.99 2.36
N MET A 358 1.53 -7.99 2.51
CA MET A 358 1.03 -8.74 1.37
C MET A 358 0.05 -7.92 0.54
N THR A 359 -0.76 -7.10 1.20
CA THR A 359 -1.63 -6.17 0.49
C THR A 359 -0.95 -4.85 0.21
N GLN A 360 0.31 -4.70 0.62
CA GLN A 360 1.14 -3.53 0.32
C GLN A 360 0.45 -2.23 0.72
N ASP A 361 -0.36 -2.27 1.77
CA ASP A 361 -1.02 -1.08 2.28
C ASP A 361 -0.16 -0.47 3.37
N TYR A 362 0.30 0.76 3.13
CA TYR A 362 1.16 1.49 4.08
C TYR A 362 2.33 0.63 4.52
N TRP A 363 2.82 -0.24 3.64
CA TRP A 363 3.94 -1.09 3.98
C TRP A 363 5.24 -0.32 4.06
N GLU A 364 5.29 0.88 3.48
CA GLU A 364 6.51 1.68 3.56
C GLU A 364 6.78 2.13 4.98
N ASN A 365 5.74 2.36 5.79
CA ASN A 365 5.97 2.76 7.17
C ASN A 365 6.51 1.60 7.99
N LEU A 366 6.02 0.38 7.73
CA LEU A 366 6.58 -0.79 8.38
C LEU A 366 8.02 -1.03 7.94
N TYR A 367 8.27 -0.88 6.63
CA TYR A 367 9.62 -0.93 6.10
C TYR A 367 10.56 -0.03 6.91
N GLN A 368 10.24 1.26 6.95
CA GLN A 368 11.12 2.21 7.61
C GLN A 368 11.23 1.95 9.09
N GLN A 369 10.13 1.56 9.74
CA GLN A 369 10.17 1.37 11.18
C GLN A 369 11.03 0.17 11.57
N THR A 370 10.79 -0.98 10.95
CA THR A 370 11.59 -2.14 11.31
C THR A 370 13.03 -2.01 10.85
N LEU A 371 13.29 -1.29 9.75
CA LEU A 371 14.69 -1.08 9.36
C LEU A 371 15.40 -0.17 10.36
N ARG A 372 14.74 0.88 10.83
CA ARG A 372 15.35 1.72 11.85
C ARG A 372 15.52 0.98 13.17
N ALA A 373 14.62 0.06 13.47
CA ALA A 373 14.69 -0.65 14.74
C ALA A 373 15.78 -1.73 14.72
N ALA A 374 15.83 -2.54 13.66
CA ALA A 374 16.74 -3.67 13.60
C ALA A 374 18.02 -3.39 12.82
N GLY A 375 17.90 -2.83 11.63
CA GLY A 375 19.06 -2.57 10.79
C GLY A 375 18.63 -2.47 9.33
N LYS A 376 19.46 -1.79 8.55
CA LYS A 376 19.20 -1.67 7.12
C LYS A 376 19.54 -2.96 6.37
N THR A 377 20.03 -3.98 7.06
CA THR A 377 20.35 -5.25 6.42
C THR A 377 19.10 -6.10 6.18
N TYR A 378 18.01 -5.83 6.87
CA TYR A 378 16.78 -6.60 6.72
C TYR A 378 15.96 -6.15 5.54
N MET A 379 16.59 -5.38 4.65
CA MET A 379 15.97 -5.00 3.41
C MET A 379 15.85 -6.35 2.68
N ILE A 380 16.78 -7.27 2.96
CA ILE A 380 16.71 -8.59 2.34
C ILE A 380 15.41 -9.29 2.71
N PHE A 381 15.05 -9.25 3.99
CA PHE A 381 13.78 -9.82 4.42
C PHE A 381 12.61 -9.14 3.74
N PHE A 382 12.67 -7.82 3.60
CA PHE A 382 11.54 -7.13 2.98
C PHE A 382 11.50 -7.36 1.47
N VAL A 383 12.65 -7.50 0.82
CA VAL A 383 12.67 -7.83 -0.61
C VAL A 383 12.06 -9.21 -0.82
N VAL A 384 12.45 -10.18 0.00
CA VAL A 384 11.88 -11.52 -0.13
C VAL A 384 10.38 -11.50 0.13
N VAL A 385 9.96 -10.81 1.19
CA VAL A 385 8.55 -10.80 1.55
C VAL A 385 7.73 -10.13 0.44
N ILE A 386 8.16 -8.97 -0.03
CA ILE A 386 7.43 -8.29 -1.08
C ILE A 386 7.40 -9.18 -2.32
N PHE A 387 8.58 -9.42 -2.92
CA PHE A 387 8.71 -10.09 -4.20
C PHE A 387 8.28 -11.54 -4.18
N LEU A 388 7.92 -12.13 -3.05
CA LEU A 388 7.25 -13.42 -3.08
C LEU A 388 5.81 -13.29 -2.57
N GLY A 389 5.61 -12.93 -1.31
CA GLY A 389 4.28 -12.83 -0.77
C GLY A 389 3.43 -11.86 -1.56
N SER A 390 3.76 -10.57 -1.53
CA SER A 390 2.84 -9.58 -2.08
C SER A 390 2.60 -9.84 -3.56
N PHE A 391 3.66 -9.73 -4.37
CA PHE A 391 3.48 -9.82 -5.81
C PHE A 391 3.02 -11.22 -6.24
N TYR A 392 3.75 -12.27 -5.81
CA TYR A 392 3.41 -13.59 -6.29
C TYR A 392 2.02 -14.03 -5.85
N LEU A 393 1.63 -13.75 -4.60
CA LEU A 393 0.32 -14.19 -4.13
C LEU A 393 -0.81 -13.35 -4.71
N ILE A 394 -0.60 -12.05 -4.90
CA ILE A 394 -1.64 -11.26 -5.54
C ILE A 394 -1.81 -11.68 -6.99
N ASN A 395 -0.72 -11.97 -7.68
CA ASN A 395 -0.82 -12.43 -9.07
C ASN A 395 -1.38 -13.84 -9.15
N LEU A 396 -1.17 -14.65 -8.12
CA LEU A 396 -1.80 -15.96 -8.06
C LEU A 396 -3.31 -15.84 -7.88
N ILE A 397 -3.74 -14.96 -6.97
CA ILE A 397 -5.17 -14.72 -6.79
C ILE A 397 -5.78 -14.20 -8.08
N LEU A 398 -5.07 -13.29 -8.76
CA LEU A 398 -5.56 -12.76 -10.02
C LEU A 398 -5.67 -13.87 -11.07
N ALA A 399 -4.64 -14.71 -11.18
CA ALA A 399 -4.67 -15.79 -12.17
C ALA A 399 -5.79 -16.77 -11.89
N VAL A 400 -6.05 -17.07 -10.62
CA VAL A 400 -7.07 -18.06 -10.29
C VAL A 400 -8.47 -17.49 -10.48
N VAL A 401 -8.70 -16.23 -10.06
CA VAL A 401 -9.96 -15.58 -10.37
C VAL A 401 -10.17 -15.50 -11.87
N ALA A 402 -9.11 -15.22 -12.62
CA ALA A 402 -9.21 -15.13 -14.07
C ALA A 402 -9.58 -16.47 -14.68
N MET A 403 -8.90 -17.54 -14.26
CA MET A 403 -9.22 -18.86 -14.79
C MET A 403 -10.64 -19.28 -14.43
N ALA A 404 -11.06 -19.02 -13.19
CA ALA A 404 -12.40 -19.39 -12.77
C ALA A 404 -13.45 -18.64 -13.59
N TYR A 405 -13.33 -17.31 -13.68
CA TYR A 405 -14.28 -16.53 -14.45
C TYR A 405 -14.26 -16.92 -15.92
N GLU A 406 -13.07 -17.17 -16.48
CA GLU A 406 -12.97 -17.51 -17.89
C GLU A 406 -13.64 -18.85 -18.17
N GLU A 407 -13.44 -19.84 -17.31
CA GLU A 407 -14.07 -21.13 -17.54
C GLU A 407 -15.58 -21.06 -17.32
N GLN A 408 -16.03 -20.27 -16.35
CA GLN A 408 -17.46 -20.09 -16.16
C GLN A 408 -18.10 -19.40 -17.36
N ASN A 409 -17.44 -18.38 -17.89
CA ASN A 409 -17.95 -17.67 -19.06
C ASN A 409 -17.95 -18.57 -20.28
N GLN A 410 -16.89 -19.35 -20.46
CA GLN A 410 -16.83 -20.27 -21.60
C GLN A 410 -17.93 -21.33 -21.50
N ALA A 411 -18.12 -21.90 -20.32
CA ALA A 411 -19.19 -22.88 -20.14
C ALA A 411 -20.55 -22.25 -20.44
N ASN A 412 -20.79 -21.05 -19.94
CA ASN A 412 -22.03 -20.35 -20.24
C ASN A 412 -22.22 -20.19 -21.74
N ILE A 413 -21.18 -19.72 -22.43
CA ILE A 413 -21.28 -19.46 -23.87
C ILE A 413 -21.58 -20.74 -24.63
N GLU A 414 -20.86 -21.83 -24.30
CA GLU A 414 -21.06 -23.06 -25.05
C GLU A 414 -22.43 -23.68 -24.78
N GLU A 415 -22.84 -23.77 -23.50
CA GLU A 415 -24.15 -24.35 -23.23
C GLU A 415 -25.28 -23.46 -23.73
N ALA A 416 -25.03 -22.15 -23.90
CA ALA A 416 -26.03 -21.29 -24.53
C ALA A 416 -26.12 -21.58 -26.03
N LYS A 417 -25.00 -21.46 -26.74
CA LYS A 417 -24.98 -21.69 -28.17
C LYS A 417 -24.28 -23.00 -28.50
N CYS A 715 -43.49 29.44 -48.65
CA CYS A 715 -42.49 29.16 -47.63
C CYS A 715 -41.96 27.74 -47.75
N SER A 716 -42.86 26.78 -47.97
CA SER A 716 -42.45 25.39 -48.08
C SER A 716 -41.51 25.13 -49.25
N PRO A 717 -41.71 25.69 -50.45
CA PRO A 717 -40.68 25.51 -51.49
C PRO A 717 -39.37 26.19 -51.12
N TYR A 718 -39.43 27.40 -50.57
CA TYR A 718 -38.23 28.04 -50.05
C TYR A 718 -37.59 27.20 -48.96
N TRP A 719 -38.41 26.56 -48.13
CA TRP A 719 -37.90 25.69 -47.08
C TRP A 719 -37.17 24.49 -47.67
N ILE A 720 -37.72 23.90 -48.75
CA ILE A 720 -37.07 22.74 -49.36
C ILE A 720 -35.77 23.16 -50.03
N LYS A 721 -35.75 24.30 -50.70
CA LYS A 721 -34.50 24.80 -51.27
C LYS A 721 -33.46 25.05 -50.18
N PHE A 722 -33.87 25.65 -49.07
CA PHE A 722 -32.94 25.91 -47.98
C PHE A 722 -32.40 24.62 -47.38
N LYS A 723 -33.26 23.61 -47.23
CA LYS A 723 -32.80 22.33 -46.69
C LYS A 723 -31.84 21.65 -47.65
N LYS A 724 -32.12 21.71 -48.95
CA LYS A 724 -31.19 21.17 -49.95
C LYS A 724 -29.84 21.86 -49.85
N CYS A 725 -29.84 23.20 -49.78
CA CYS A 725 -28.58 23.93 -49.69
C CYS A 725 -27.84 23.64 -48.39
N ILE A 726 -28.57 23.44 -47.30
CA ILE A 726 -27.92 23.15 -46.02
C ILE A 726 -27.28 21.77 -46.04
N TYR A 727 -27.98 20.77 -46.60
CA TYR A 727 -27.37 19.47 -46.78
C TYR A 727 -26.19 19.52 -47.73
N PHE A 728 -26.24 20.41 -48.72
CA PHE A 728 -25.15 20.51 -49.69
C PHE A 728 -23.92 21.19 -49.09
N ILE A 729 -24.13 22.13 -48.15
CA ILE A 729 -23.00 22.81 -47.51
C ILE A 729 -22.58 22.14 -46.21
N VAL A 730 -23.31 21.11 -45.75
CA VAL A 730 -22.90 20.40 -44.54
C VAL A 730 -21.68 19.52 -44.81
N MET A 731 -21.32 19.32 -46.08
CA MET A 731 -19.99 18.88 -46.51
C MET A 731 -19.42 17.79 -45.60
N ASP A 732 -20.11 16.66 -45.58
CA ASP A 732 -19.73 15.52 -44.73
C ASP A 732 -18.25 15.17 -44.73
N PRO A 733 -17.56 15.03 -45.88
CA PRO A 733 -16.14 14.63 -45.82
C PRO A 733 -15.21 15.68 -45.24
N PHE A 734 -15.68 16.90 -45.01
CA PHE A 734 -14.82 17.97 -44.51
C PHE A 734 -15.34 18.64 -43.25
N VAL A 735 -16.65 18.66 -43.04
CA VAL A 735 -17.18 19.34 -41.86
C VAL A 735 -17.02 18.49 -40.61
N ASP A 736 -17.10 17.16 -40.74
CA ASP A 736 -16.79 16.30 -39.60
C ASP A 736 -15.35 16.51 -39.14
N LEU A 737 -14.42 16.55 -40.08
CA LEU A 737 -13.02 16.84 -39.74
C LEU A 737 -12.85 18.24 -39.18
N ALA A 738 -13.58 19.22 -39.73
CA ALA A 738 -13.49 20.58 -39.19
C ALA A 738 -13.95 20.63 -37.75
N ILE A 739 -15.04 19.93 -37.42
CA ILE A 739 -15.55 19.93 -36.06
C ILE A 739 -14.63 19.14 -35.14
N THR A 740 -13.99 18.08 -35.64
CA THR A 740 -13.02 17.36 -34.82
C THR A 740 -11.82 18.25 -34.50
N ILE A 741 -11.32 18.98 -35.50
CA ILE A 741 -10.21 19.90 -35.26
C ILE A 741 -10.62 21.00 -34.30
N CYS A 742 -11.87 21.47 -34.42
CA CYS A 742 -12.37 22.48 -33.49
C CYS A 742 -12.47 21.92 -32.07
N ILE A 743 -12.86 20.65 -31.94
CA ILE A 743 -12.93 20.02 -30.62
C ILE A 743 -11.55 19.96 -29.99
N VAL A 744 -10.55 19.51 -30.76
CA VAL A 744 -9.21 19.37 -30.22
C VAL A 744 -8.63 20.74 -29.89
N LEU A 745 -8.93 21.75 -30.72
CA LEU A 745 -8.45 23.10 -30.44
C LEU A 745 -9.11 23.67 -29.20
N ASN A 746 -10.41 23.43 -29.02
CA ASN A 746 -11.08 23.90 -27.82
C ASN A 746 -10.57 23.22 -26.57
N THR A 747 -10.19 21.94 -26.68
CA THR A 747 -9.59 21.25 -25.54
C THR A 747 -8.23 21.84 -25.19
N LEU A 748 -7.37 21.98 -26.20
CA LEU A 748 -6.06 22.59 -25.97
C LEU A 748 -6.15 24.08 -25.63
N PHE A 749 -7.33 24.67 -25.78
CA PHE A 749 -7.54 26.06 -25.38
C PHE A 749 -8.07 26.16 -23.95
N MET A 750 -8.89 25.21 -23.53
CA MET A 750 -9.33 25.18 -22.14
C MET A 750 -8.24 24.65 -21.22
N ALA A 751 -7.30 23.86 -21.75
CA ALA A 751 -6.16 23.42 -20.96
C ALA A 751 -5.11 24.50 -20.79
N MET A 752 -5.30 25.68 -21.37
CA MET A 752 -4.40 26.81 -21.16
C MET A 752 -4.97 27.76 -20.11
N GLU A 753 -5.12 27.23 -18.90
CA GLU A 753 -5.67 27.99 -17.79
C GLU A 753 -4.92 27.64 -16.51
N HIS A 754 -4.57 28.67 -15.74
CA HIS A 754 -3.83 28.48 -14.51
C HIS A 754 -4.39 29.45 -13.46
N HIS A 755 -3.85 29.37 -12.23
CA HIS A 755 -4.34 30.27 -11.18
C HIS A 755 -3.92 31.71 -11.44
N PRO A 756 -2.63 32.08 -11.45
CA PRO A 756 -2.29 33.50 -11.63
C PRO A 756 -2.48 33.90 -13.08
N MET A 757 -3.57 34.61 -13.37
CA MET A 757 -3.90 34.98 -14.73
C MET A 757 -4.19 36.46 -14.81
N THR A 758 -3.47 37.15 -15.68
CA THR A 758 -3.77 38.55 -15.96
C THR A 758 -5.15 38.68 -16.60
N GLU A 759 -5.69 39.89 -16.55
CA GLU A 759 -7.04 40.11 -17.06
C GLU A 759 -7.10 39.94 -18.57
N GLU A 760 -6.02 40.27 -19.28
CA GLU A 760 -5.99 40.04 -20.72
C GLU A 760 -6.07 38.55 -21.04
N PHE A 761 -5.33 37.72 -20.30
CA PHE A 761 -5.40 36.27 -20.50
C PHE A 761 -6.79 35.74 -20.15
N LYS A 762 -7.38 36.23 -19.06
CA LYS A 762 -8.72 35.80 -18.69
C LYS A 762 -9.72 36.15 -19.77
N ASN A 763 -9.63 37.36 -20.32
CA ASN A 763 -10.53 37.78 -21.38
C ASN A 763 -10.33 36.95 -22.64
N VAL A 764 -9.08 36.62 -22.96
CA VAL A 764 -8.80 35.78 -24.12
C VAL A 764 -9.45 34.41 -23.95
N LEU A 765 -9.27 33.81 -22.78
CA LEU A 765 -9.90 32.52 -22.51
C LEU A 765 -11.42 32.60 -22.61
N ALA A 766 -11.99 33.69 -22.09
CA ALA A 766 -13.45 33.84 -22.10
C ALA A 766 -13.98 33.97 -23.53
N ILE A 767 -13.34 34.82 -24.34
CA ILE A 767 -13.81 34.99 -25.72
C ILE A 767 -13.56 33.73 -26.53
N GLY A 768 -12.51 32.98 -26.22
CA GLY A 768 -12.31 31.71 -26.90
C GLY A 768 -13.39 30.71 -26.57
N ASN A 769 -13.76 30.61 -25.29
CA ASN A 769 -14.87 29.75 -24.90
C ASN A 769 -16.16 30.17 -25.60
N LEU A 770 -16.40 31.48 -25.68
CA LEU A 770 -17.61 31.97 -26.33
C LEU A 770 -17.61 31.64 -27.82
N VAL A 771 -16.48 31.84 -28.49
CA VAL A 771 -16.40 31.54 -29.92
C VAL A 771 -16.61 30.05 -30.16
N PHE A 772 -16.03 29.20 -29.32
CA PHE A 772 -16.16 27.77 -29.53
C PHE A 772 -17.59 27.30 -29.27
N THR A 773 -18.23 27.81 -28.21
CA THR A 773 -19.61 27.41 -27.96
C THR A 773 -20.55 27.95 -29.03
N GLY A 774 -20.24 29.11 -29.61
CA GLY A 774 -21.03 29.59 -30.73
C GLY A 774 -20.87 28.72 -31.96
N ILE A 775 -19.63 28.30 -32.25
CA ILE A 775 -19.39 27.38 -33.35
C ILE A 775 -20.19 26.10 -33.16
N PHE A 776 -20.17 25.54 -31.95
CA PHE A 776 -20.86 24.28 -31.73
C PHE A 776 -22.37 24.44 -31.77
N ALA A 777 -22.91 25.57 -31.28
CA ALA A 777 -24.34 25.81 -31.38
C ALA A 777 -24.77 25.97 -32.83
N ALA A 778 -24.01 26.72 -33.62
CA ALA A 778 -24.32 26.86 -35.04
C ALA A 778 -24.29 25.51 -35.73
N GLU A 779 -23.27 24.70 -35.43
CA GLU A 779 -23.17 23.39 -36.06
C GLU A 779 -24.35 22.51 -35.68
N MET A 780 -24.79 22.58 -34.41
CA MET A 780 -25.91 21.75 -33.98
C MET A 780 -27.21 22.19 -34.64
N VAL A 781 -27.46 23.49 -34.75
CA VAL A 781 -28.71 23.93 -35.37
C VAL A 781 -28.69 23.63 -36.86
N LEU A 782 -27.51 23.73 -37.51
CA LEU A 782 -27.42 23.39 -38.91
C LEU A 782 -27.70 21.91 -39.13
N LYS A 783 -27.08 21.05 -38.31
CA LYS A 783 -27.34 19.62 -38.44
C LYS A 783 -28.80 19.28 -38.16
N LEU A 784 -29.42 19.97 -37.21
CA LEU A 784 -30.82 19.71 -36.91
C LEU A 784 -31.72 20.06 -38.09
N ILE A 785 -31.57 21.28 -38.63
CA ILE A 785 -32.40 21.68 -39.75
C ILE A 785 -32.09 20.87 -41.00
N ALA A 786 -30.87 20.33 -41.12
CA ALA A 786 -30.55 19.50 -42.27
C ALA A 786 -31.13 18.09 -42.13
N MET A 787 -31.05 17.53 -40.93
CA MET A 787 -31.58 16.19 -40.68
C MET A 787 -32.86 16.24 -39.85
N ASP A 788 -33.07 17.39 -39.20
CA ASP A 788 -34.24 17.74 -38.36
C ASP A 788 -34.25 17.08 -36.97
N PRO A 789 -35.32 17.36 -36.20
CA PRO A 789 -35.55 16.86 -34.83
C PRO A 789 -35.73 15.35 -34.70
N TYR A 790 -36.45 14.73 -35.63
CA TYR A 790 -36.69 13.29 -35.58
C TYR A 790 -35.69 12.21 -35.96
N GLU A 791 -35.12 12.34 -37.15
CA GLU A 791 -34.15 11.37 -37.67
C GLU A 791 -32.83 11.84 -37.08
N TYR A 792 -32.73 13.13 -36.74
CA TYR A 792 -31.49 13.65 -36.16
C TYR A 792 -31.26 13.07 -34.77
N PHE A 793 -32.19 13.30 -33.84
CA PHE A 793 -32.11 12.76 -32.50
C PHE A 793 -32.18 11.24 -32.46
N GLN A 794 -32.51 10.59 -33.58
CA GLN A 794 -32.42 9.14 -33.63
C GLN A 794 -31.00 8.62 -33.37
N VAL A 795 -29.99 9.50 -33.31
CA VAL A 795 -28.60 9.08 -33.21
C VAL A 795 -28.03 9.47 -31.84
N GLY A 796 -27.22 8.57 -31.29
CA GLY A 796 -26.73 8.74 -29.93
C GLY A 796 -25.71 9.86 -29.80
N TRP A 797 -24.70 9.88 -30.67
CA TRP A 797 -23.71 10.95 -30.61
C TRP A 797 -24.35 12.30 -30.82
N ASN A 798 -25.40 12.37 -31.63
CA ASN A 798 -26.03 13.66 -31.89
C ASN A 798 -26.90 14.10 -30.73
N ILE A 799 -27.61 13.17 -30.09
CA ILE A 799 -28.34 13.59 -28.89
C ILE A 799 -27.36 13.98 -27.77
N PHE A 800 -26.21 13.32 -27.70
CA PHE A 800 -25.20 13.69 -26.71
C PHE A 800 -24.66 15.09 -26.98
N ASP A 801 -24.37 15.40 -28.25
CA ASP A 801 -23.84 16.72 -28.58
C ASP A 801 -24.90 17.79 -28.36
N SER A 802 -26.18 17.47 -28.58
CA SER A 802 -27.23 18.44 -28.28
C SER A 802 -27.31 18.70 -26.78
N LEU A 803 -27.21 17.65 -25.97
CA LEU A 803 -27.18 17.83 -24.52
C LEU A 803 -26.01 18.72 -24.10
N ILE A 804 -24.84 18.48 -24.69
CA ILE A 804 -23.65 19.26 -24.34
C ILE A 804 -23.82 20.71 -24.77
N VAL A 805 -24.38 20.94 -25.96
CA VAL A 805 -24.53 22.31 -26.42
C VAL A 805 -25.58 23.04 -25.61
N THR A 806 -26.58 22.32 -25.09
CA THR A 806 -27.52 22.94 -24.16
C THR A 806 -26.84 23.32 -22.85
N LEU A 807 -26.07 22.38 -22.29
CA LEU A 807 -25.34 22.65 -21.06
C LEU A 807 -24.32 23.76 -21.22
N SER A 808 -23.86 24.02 -22.43
CA SER A 808 -22.93 25.13 -22.64
C SER A 808 -23.65 26.45 -22.93
N LEU A 809 -24.77 26.39 -23.66
CA LEU A 809 -25.53 27.61 -23.97
C LEU A 809 -26.29 28.14 -22.78
N VAL A 810 -26.56 27.31 -21.77
CA VAL A 810 -27.26 27.80 -20.59
C VAL A 810 -26.44 28.88 -19.88
N GLU A 811 -25.12 28.89 -20.09
CA GLU A 811 -24.22 29.81 -19.41
C GLU A 811 -23.67 30.88 -20.34
N LEU A 812 -24.38 31.19 -21.42
CA LEU A 812 -23.95 32.28 -22.31
C LEU A 812 -23.99 33.62 -21.58
N PHE A 813 -25.10 33.90 -20.90
CA PHE A 813 -25.23 35.07 -20.05
C PHE A 813 -25.95 34.75 -18.75
N LEU A 814 -26.33 33.50 -18.53
CA LEU A 814 -27.14 33.12 -17.37
C LEU A 814 -26.35 32.23 -16.42
N LEU A 820 -21.33 28.61 -11.57
CA LEU A 820 -20.88 27.25 -11.32
C LEU A 820 -19.87 26.82 -12.39
N SER A 821 -18.79 26.16 -11.94
CA SER A 821 -17.75 25.70 -12.84
C SER A 821 -17.78 24.19 -13.05
N VAL A 822 -18.32 23.43 -12.11
CA VAL A 822 -18.56 22.01 -12.32
C VAL A 822 -19.40 21.80 -13.57
N LEU A 823 -20.34 22.71 -13.82
CA LEU A 823 -21.11 22.67 -15.06
C LEU A 823 -20.24 23.09 -16.25
N ARG A 824 -19.38 24.07 -16.02
CA ARG A 824 -18.51 24.61 -17.06
C ARG A 824 -17.48 23.63 -17.60
N SER A 825 -17.15 22.63 -16.80
CA SER A 825 -16.13 21.65 -17.16
C SER A 825 -16.71 20.43 -17.87
N PHE A 826 -17.85 20.58 -18.55
CA PHE A 826 -18.51 19.46 -19.20
C PHE A 826 -18.28 19.41 -20.71
N ARG A 827 -17.80 20.47 -21.33
CA ARG A 827 -17.59 20.38 -22.75
C ARG A 827 -16.44 19.43 -23.08
N LEU A 828 -15.55 19.21 -22.12
CA LEU A 828 -14.39 18.34 -22.38
C LEU A 828 -14.83 16.96 -22.85
N LEU A 829 -16.04 16.53 -22.51
CA LEU A 829 -16.51 15.22 -22.94
C LEU A 829 -16.69 15.14 -24.45
N ARG A 830 -16.67 16.25 -25.14
CA ARG A 830 -16.82 16.18 -26.58
C ARG A 830 -15.68 15.42 -27.23
N VAL A 831 -14.50 15.44 -26.60
CA VAL A 831 -13.34 14.78 -27.20
C VAL A 831 -13.61 13.31 -27.45
N PHE A 832 -14.63 12.73 -26.82
CA PHE A 832 -14.97 11.35 -27.10
C PHE A 832 -15.57 11.17 -28.49
N LYS A 833 -15.86 12.26 -29.20
CA LYS A 833 -16.19 12.16 -30.61
C LYS A 833 -15.01 11.66 -31.43
N LEU A 834 -13.82 11.63 -30.85
CA LEU A 834 -12.67 11.02 -31.51
C LEU A 834 -12.76 9.49 -31.53
N ALA A 835 -13.65 8.91 -30.72
CA ALA A 835 -13.72 7.47 -30.61
C ALA A 835 -14.08 6.81 -31.93
N LYS A 836 -14.92 7.47 -32.73
CA LYS A 836 -15.25 6.93 -34.05
C LYS A 836 -14.05 6.91 -34.97
N SER A 837 -12.99 7.66 -34.64
CA SER A 837 -11.74 7.64 -35.39
C SER A 837 -10.59 7.00 -34.62
N TRP A 838 -10.61 7.07 -33.29
CA TRP A 838 -9.50 6.61 -32.47
C TRP A 838 -9.82 5.23 -31.91
N PRO A 839 -9.14 4.17 -32.35
CA PRO A 839 -9.54 2.82 -31.92
C PRO A 839 -9.30 2.54 -30.45
N THR A 840 -8.25 3.09 -29.85
CA THR A 840 -8.04 2.80 -28.43
C THR A 840 -8.98 3.61 -27.55
N LEU A 841 -9.32 4.83 -27.95
CA LEU A 841 -10.40 5.54 -27.27
C LEU A 841 -11.73 4.81 -27.45
N ASN A 842 -11.93 4.15 -28.59
CA ASN A 842 -13.11 3.31 -28.75
C ASN A 842 -13.08 2.13 -27.78
N MET A 843 -11.90 1.55 -27.57
CA MET A 843 -11.76 0.47 -26.59
C MET A 843 -12.07 0.97 -25.18
N LEU A 844 -11.66 2.20 -24.86
CA LEU A 844 -11.96 2.77 -23.55
C LEU A 844 -13.46 3.02 -23.39
N ILE A 845 -14.11 3.52 -24.44
CA ILE A 845 -15.55 3.68 -24.41
C ILE A 845 -16.24 2.33 -24.24
N LYS A 846 -15.71 1.30 -24.91
CA LYS A 846 -16.27 -0.04 -24.77
C LYS A 846 -16.15 -0.55 -23.34
N ILE A 847 -15.02 -0.29 -22.69
CA ILE A 847 -14.86 -0.70 -21.30
C ILE A 847 -15.85 0.03 -20.40
N ILE A 848 -15.89 1.36 -20.51
CA ILE A 848 -16.80 2.16 -19.68
C ILE A 848 -18.24 1.73 -19.91
N GLY A 849 -18.59 1.32 -21.13
CA GLY A 849 -19.95 0.91 -21.41
C GLY A 849 -20.26 -0.50 -20.97
N ASN A 850 -19.28 -1.40 -21.02
CA ASN A 850 -19.47 -2.73 -20.46
C ASN A 850 -19.58 -2.67 -18.94
N SER A 851 -19.05 -1.61 -18.33
CA SER A 851 -19.23 -1.43 -16.89
C SER A 851 -20.69 -1.29 -16.52
N VAL A 852 -21.49 -0.68 -17.39
CA VAL A 852 -22.92 -0.47 -17.14
C VAL A 852 -23.79 -1.33 -18.06
N GLY A 853 -23.18 -2.22 -18.84
CA GLY A 853 -23.93 -3.04 -19.76
C GLY A 853 -23.97 -4.50 -19.39
N ALA A 854 -23.14 -5.31 -20.05
CA ALA A 854 -23.13 -6.75 -19.78
C ALA A 854 -22.76 -7.06 -18.35
N LEU A 855 -21.98 -6.18 -17.70
CA LEU A 855 -21.62 -6.33 -16.31
C LEU A 855 -22.28 -5.30 -15.42
N GLY A 856 -23.39 -4.72 -15.88
CA GLY A 856 -24.13 -3.78 -15.05
C GLY A 856 -24.64 -4.43 -13.78
N ASN A 857 -25.04 -5.70 -13.87
CA ASN A 857 -25.46 -6.40 -12.67
C ASN A 857 -24.32 -6.60 -11.70
N LEU A 858 -23.10 -6.82 -12.20
CA LEU A 858 -21.96 -6.99 -11.31
C LEU A 858 -21.55 -5.68 -10.66
N THR A 859 -21.58 -4.58 -11.41
CA THR A 859 -21.29 -3.29 -10.77
C THR A 859 -22.41 -2.88 -9.82
N LEU A 860 -23.63 -3.35 -10.06
CA LEU A 860 -24.71 -3.08 -9.11
C LEU A 860 -24.54 -3.89 -7.84
N VAL A 861 -24.06 -5.12 -7.96
CA VAL A 861 -23.72 -5.90 -6.76
C VAL A 861 -22.61 -5.21 -5.99
N LEU A 862 -21.61 -4.70 -6.70
CA LEU A 862 -20.53 -3.98 -6.03
C LEU A 862 -21.06 -2.74 -5.30
N ALA A 863 -21.95 -1.98 -5.95
CA ALA A 863 -22.50 -0.79 -5.31
C ALA A 863 -23.34 -1.16 -4.09
N ILE A 864 -24.14 -2.22 -4.19
CA ILE A 864 -24.97 -2.64 -3.07
C ILE A 864 -24.10 -3.09 -1.90
N ILE A 865 -23.01 -3.81 -2.21
CA ILE A 865 -22.13 -4.28 -1.14
C ILE A 865 -21.40 -3.12 -0.48
N VAL A 866 -20.94 -2.15 -1.28
CA VAL A 866 -20.30 -0.97 -0.71
C VAL A 866 -21.27 -0.20 0.18
N PHE A 867 -22.53 -0.10 -0.25
CA PHE A 867 -23.52 0.60 0.57
C PHE A 867 -23.79 -0.14 1.87
N ILE A 868 -23.95 -1.47 1.80
CA ILE A 868 -24.20 -2.25 3.00
C ILE A 868 -23.05 -2.10 3.98
N PHE A 869 -21.82 -2.21 3.49
CA PHE A 869 -20.66 -2.07 4.38
C PHE A 869 -20.54 -0.66 4.93
N ALA A 870 -20.91 0.35 4.14
CA ALA A 870 -20.83 1.73 4.64
C ALA A 870 -21.83 1.94 5.77
N VAL A 871 -23.06 1.48 5.58
CA VAL A 871 -24.07 1.72 6.62
C VAL A 871 -23.82 0.83 7.82
N VAL A 872 -23.21 -0.34 7.63
CA VAL A 872 -22.86 -1.19 8.76
C VAL A 872 -21.75 -0.58 9.58
N GLY A 873 -20.69 -0.11 8.91
CA GLY A 873 -19.65 0.61 9.61
C GLY A 873 -20.18 1.81 10.37
N MET A 874 -21.08 2.57 9.74
CA MET A 874 -21.69 3.71 10.43
C MET A 874 -22.42 3.25 11.70
N GLN A 875 -23.38 2.33 11.54
CA GLN A 875 -24.17 1.89 12.69
C GLN A 875 -23.30 1.32 13.80
N LEU A 876 -22.17 0.69 13.45
CA LEU A 876 -21.37 0.04 14.47
C LEU A 876 -20.40 0.98 15.17
N PHE A 877 -19.85 1.97 14.46
CA PHE A 877 -18.75 2.75 15.02
C PHE A 877 -18.99 4.25 15.14
N GLY A 878 -20.06 4.78 14.55
CA GLY A 878 -20.29 6.22 14.63
C GLY A 878 -20.69 6.69 16.01
N LYS A 879 -21.18 5.78 16.85
CA LYS A 879 -21.43 6.15 18.24
C LYS A 879 -20.12 6.32 18.99
N SER A 880 -19.16 5.42 18.80
CA SER A 880 -17.92 5.48 19.56
C SER A 880 -17.04 6.64 19.11
N TYR A 881 -16.96 6.82 17.81
CA TYR A 881 -16.15 7.87 17.22
C TYR A 881 -16.56 9.16 17.83
N LYS A 882 -17.84 9.46 17.85
CA LYS A 882 -18.24 10.70 18.46
C LYS A 882 -17.94 10.73 19.94
N GLU A 883 -18.22 9.62 20.62
CA GLU A 883 -18.02 9.51 22.06
C GLU A 883 -16.60 9.56 22.55
N CYS A 884 -15.75 8.84 21.85
CA CYS A 884 -14.36 8.63 22.18
C CYS A 884 -13.36 9.17 21.16
N VAL A 885 -13.63 10.34 20.63
CA VAL A 885 -12.73 10.95 19.67
C VAL A 885 -11.33 11.20 20.17
N CYS A 886 -11.18 11.54 21.44
CA CYS A 886 -9.86 11.87 21.98
C CYS A 886 -8.78 10.82 21.91
N LYS A 887 -9.13 9.55 21.85
CA LYS A 887 -8.12 8.52 21.73
C LYS A 887 -7.43 8.57 20.38
N ILE A 888 -8.10 9.05 19.35
CA ILE A 888 -7.56 9.05 18.00
C ILE A 888 -7.26 10.45 17.49
N ASN A 889 -7.49 11.47 18.31
CA ASN A 889 -7.24 12.84 17.92
C ASN A 889 -6.94 13.65 19.17
N ASP A 890 -6.18 14.73 18.98
CA ASP A 890 -5.74 15.56 20.10
C ASP A 890 -6.66 16.73 20.39
N ASP A 891 -7.32 17.29 19.37
CA ASP A 891 -8.29 18.35 19.58
C ASP A 891 -9.65 17.83 20.00
N CYS A 892 -9.80 16.52 20.19
CA CYS A 892 -11.07 15.88 20.55
C CYS A 892 -12.17 16.16 19.53
N THR A 893 -11.79 16.46 18.29
CA THR A 893 -12.73 16.56 17.18
C THR A 893 -12.55 15.37 16.25
N LEU A 894 -13.56 15.12 15.43
CA LEU A 894 -13.54 14.00 14.52
C LEU A 894 -12.28 14.07 13.64
N PRO A 895 -11.64 12.94 13.35
CA PRO A 895 -10.50 12.96 12.44
C PRO A 895 -10.93 13.15 11.00
N ARG A 896 -10.00 13.06 10.05
CA ARG A 896 -10.36 13.22 8.66
C ARG A 896 -11.19 12.05 8.16
N TRP A 897 -10.86 10.84 8.59
CA TRP A 897 -11.53 9.62 8.15
C TRP A 897 -12.21 8.99 9.35
N HIS A 898 -13.53 9.17 9.46
CA HIS A 898 -14.29 8.59 10.55
C HIS A 898 -15.48 7.85 9.94
N MET A 899 -16.36 7.36 10.82
CA MET A 899 -17.54 6.61 10.42
C MET A 899 -18.79 7.13 11.12
N ASN A 900 -18.78 8.41 11.48
CA ASN A 900 -19.92 9.01 12.17
C ASN A 900 -21.01 9.48 11.22
N ASP A 901 -20.69 9.69 9.95
CA ASP A 901 -21.65 10.04 8.92
C ASP A 901 -21.69 8.94 7.88
N PHE A 902 -22.78 8.91 7.10
CA PHE A 902 -22.83 7.94 6.01
C PHE A 902 -21.82 8.28 4.93
N PHE A 903 -21.64 9.57 4.63
CA PHE A 903 -20.67 9.96 3.61
C PHE A 903 -19.27 9.53 4.00
N HIS A 904 -18.84 9.86 5.22
CA HIS A 904 -17.50 9.50 5.65
C HIS A 904 -17.35 7.99 5.81
N SER A 905 -18.40 7.29 6.25
CA SER A 905 -18.34 5.84 6.31
C SER A 905 -18.14 5.25 4.91
N PHE A 906 -18.86 5.79 3.92
CA PHE A 906 -18.68 5.33 2.55
C PHE A 906 -17.29 5.65 2.03
N LEU A 907 -16.76 6.82 2.41
CA LEU A 907 -15.41 7.17 2.00
C LEU A 907 -14.40 6.21 2.59
N ILE A 908 -14.62 5.77 3.81
CA ILE A 908 -13.72 4.79 4.42
C ILE A 908 -13.85 3.44 3.71
N VAL A 909 -15.07 3.05 3.36
CA VAL A 909 -15.24 1.77 2.65
C VAL A 909 -14.58 1.84 1.28
N PHE A 910 -14.67 2.99 0.62
CA PHE A 910 -13.99 3.18 -0.66
C PHE A 910 -12.48 3.14 -0.50
N ARG A 911 -11.97 3.79 0.54
CA ARG A 911 -10.53 3.79 0.80
C ARG A 911 -10.03 2.40 1.16
N VAL A 912 -10.89 1.56 1.75
CA VAL A 912 -10.51 0.17 2.01
C VAL A 912 -10.66 -0.68 0.76
N LEU A 913 -11.52 -0.29 -0.18
CA LEU A 913 -11.52 -0.94 -1.48
C LEU A 913 -10.21 -0.69 -2.21
N CYS A 914 -9.77 0.56 -2.27
CA CYS A 914 -8.36 0.83 -2.52
C CYS A 914 -7.53 0.23 -1.38
N GLY A 915 -6.24 0.06 -1.60
CA GLY A 915 -5.44 -0.60 -0.59
C GLY A 915 -4.96 0.32 0.53
N GLU A 916 -5.86 0.84 1.35
CA GLU A 916 -5.49 1.75 2.43
C GLU A 916 -6.30 1.48 3.69
N TRP A 917 -6.34 0.21 4.12
CA TRP A 917 -7.22 -0.18 5.21
C TRP A 917 -6.64 0.09 6.60
N ILE A 918 -5.33 -0.01 6.77
CA ILE A 918 -4.75 -0.08 8.12
C ILE A 918 -4.79 1.29 8.81
N GLU A 919 -4.59 2.37 8.05
CA GLU A 919 -4.51 3.68 8.68
C GLU A 919 -5.81 4.07 9.36
N THR A 920 -6.95 3.62 8.84
CA THR A 920 -8.23 3.82 9.50
C THR A 920 -8.58 2.69 10.43
N MET A 921 -8.09 1.48 10.17
CA MET A 921 -8.33 0.39 11.11
C MET A 921 -7.72 0.68 12.46
N TRP A 922 -6.59 1.39 12.49
CA TRP A 922 -5.98 1.73 13.79
C TRP A 922 -6.91 2.61 14.61
N ASP A 923 -7.42 3.69 14.00
CA ASP A 923 -8.31 4.60 14.72
C ASP A 923 -9.59 3.89 15.15
N CYS A 924 -10.20 3.14 14.23
CA CYS A 924 -11.44 2.46 14.59
C CYS A 924 -11.21 1.41 15.66
N MET A 925 -10.06 0.73 15.63
CA MET A 925 -9.70 -0.19 16.70
C MET A 925 -9.63 0.55 18.03
N GLU A 926 -8.84 1.62 18.08
CA GLU A 926 -8.69 2.42 19.28
C GLU A 926 -10.04 2.80 19.88
N VAL A 927 -10.98 3.22 19.02
CA VAL A 927 -12.23 3.73 19.58
C VAL A 927 -13.25 2.62 19.87
N ALA A 928 -13.26 1.53 19.10
CA ALA A 928 -14.39 0.61 19.17
C ALA A 928 -13.97 -0.85 19.20
N GLY A 929 -12.80 -1.16 19.76
CA GLY A 929 -12.50 -2.56 20.01
C GLY A 929 -11.92 -3.32 18.84
N GLN A 930 -10.83 -4.03 19.11
CA GLN A 930 -10.08 -4.72 18.07
C GLN A 930 -10.89 -5.84 17.45
N ALA A 931 -11.63 -6.60 18.26
CA ALA A 931 -12.42 -7.71 17.72
C ALA A 931 -13.40 -7.21 16.67
N MET A 932 -14.22 -6.23 17.03
CA MET A 932 -15.24 -5.74 16.11
C MET A 932 -14.62 -5.07 14.89
N CYS A 933 -13.58 -4.27 15.09
CA CYS A 933 -13.00 -3.58 13.94
C CYS A 933 -12.28 -4.54 13.01
N LEU A 934 -11.61 -5.55 13.55
CA LEU A 934 -10.98 -6.55 12.71
C LEU A 934 -12.02 -7.33 11.92
N ILE A 935 -13.12 -7.73 12.57
CA ILE A 935 -14.17 -8.45 11.85
C ILE A 935 -14.69 -7.60 10.70
N VAL A 936 -15.06 -6.35 10.99
CA VAL A 936 -15.66 -5.50 9.97
C VAL A 936 -14.67 -5.22 8.84
N TYR A 937 -13.43 -4.88 9.18
CA TYR A 937 -12.48 -4.49 8.14
C TYR A 937 -12.00 -5.68 7.33
N MET A 938 -11.91 -6.87 7.93
CA MET A 938 -11.55 -8.04 7.14
C MET A 938 -12.69 -8.46 6.24
N MET A 939 -13.94 -8.33 6.71
CA MET A 939 -15.06 -8.59 5.81
C MET A 939 -15.06 -7.61 4.64
N VAL A 940 -14.86 -6.33 4.92
CA VAL A 940 -14.79 -5.33 3.85
C VAL A 940 -13.68 -5.69 2.88
N MET A 941 -12.45 -5.81 3.38
CA MET A 941 -11.31 -6.15 2.54
C MET A 941 -11.62 -7.36 1.66
N VAL A 942 -11.92 -8.51 2.28
CA VAL A 942 -12.05 -9.74 1.53
C VAL A 942 -13.21 -9.66 0.54
N ILE A 943 -14.42 -9.40 1.04
CA ILE A 943 -15.60 -9.42 0.18
C ILE A 943 -15.50 -8.35 -0.91
N GLY A 944 -15.30 -7.09 -0.51
CA GLY A 944 -15.27 -6.01 -1.46
C GLY A 944 -14.14 -6.12 -2.47
N ASN A 945 -13.02 -6.68 -2.06
CA ASN A 945 -11.95 -6.82 -3.02
C ASN A 945 -12.26 -7.97 -3.95
N LEU A 946 -12.89 -9.02 -3.47
CA LEU A 946 -13.19 -10.12 -4.36
C LEU A 946 -14.11 -9.70 -5.46
N VAL A 947 -15.18 -8.99 -5.14
CA VAL A 947 -16.10 -8.55 -6.16
C VAL A 947 -15.43 -7.56 -7.08
N VAL A 948 -14.61 -6.67 -6.56
CA VAL A 948 -13.97 -5.69 -7.43
C VAL A 948 -13.05 -6.38 -8.40
N LEU A 949 -12.32 -7.37 -7.91
CA LEU A 949 -11.40 -8.15 -8.72
C LEU A 949 -12.16 -8.88 -9.78
N ASN A 950 -13.31 -9.44 -9.43
CA ASN A 950 -14.10 -10.13 -10.41
C ASN A 950 -14.55 -9.17 -11.47
N LEU A 951 -15.00 -7.99 -11.07
CA LEU A 951 -15.44 -7.03 -12.05
C LEU A 951 -14.31 -6.63 -12.97
N PHE A 952 -13.12 -6.42 -12.42
CA PHE A 952 -12.00 -6.01 -13.22
C PHE A 952 -11.70 -7.09 -14.22
N LEU A 953 -11.67 -8.33 -13.79
CA LEU A 953 -11.38 -9.41 -14.70
C LEU A 953 -12.43 -9.52 -15.76
N ALA A 954 -13.69 -9.37 -15.40
CA ALA A 954 -14.74 -9.51 -16.37
C ALA A 954 -14.60 -8.47 -17.43
N LEU A 955 -14.38 -7.22 -17.02
CA LEU A 955 -14.29 -6.16 -18.01
C LEU A 955 -13.12 -6.40 -18.92
N LEU A 956 -11.99 -6.75 -18.33
CA LEU A 956 -10.83 -6.93 -19.15
C LEU A 956 -10.97 -8.08 -20.13
N LEU A 957 -11.50 -9.21 -19.66
CA LEU A 957 -11.63 -10.36 -20.54
C LEU A 957 -12.63 -10.09 -21.64
N SER A 958 -13.74 -9.45 -21.30
CA SER A 958 -14.75 -9.20 -22.30
C SER A 958 -14.21 -8.40 -23.47
N SER A 959 -13.30 -7.47 -23.19
CA SER A 959 -12.71 -6.64 -24.22
C SER A 959 -11.88 -7.42 -25.25
N PHE A 960 -11.12 -8.41 -24.81
CA PHE A 960 -10.31 -9.20 -25.72
C PHE A 960 -11.11 -9.95 -26.76
N SER A 961 -12.21 -10.56 -26.33
CA SER A 961 -13.04 -11.33 -27.24
C SER A 961 -14.50 -11.36 -26.80
N GLY A 1164 46.63 -6.77 -53.39
CA GLY A 1164 47.10 -7.22 -52.10
C GLY A 1164 45.98 -7.45 -51.09
N LYS A 1165 45.21 -6.38 -50.83
CA LYS A 1165 44.08 -6.42 -49.91
C LYS A 1165 44.49 -6.94 -48.54
N ILE A 1166 45.43 -6.22 -47.91
CA ILE A 1166 45.83 -6.51 -46.54
C ILE A 1166 44.76 -6.02 -45.57
N TRP A 1167 43.99 -5.00 -45.97
CA TRP A 1167 42.91 -4.50 -45.14
C TRP A 1167 41.91 -5.60 -44.80
N TRP A 1168 41.65 -6.50 -45.76
CA TRP A 1168 40.69 -7.57 -45.51
C TRP A 1168 41.24 -8.59 -44.52
N ASN A 1169 42.53 -8.90 -44.60
CA ASN A 1169 43.15 -9.75 -43.60
C ASN A 1169 43.03 -9.12 -42.22
N ILE A 1170 43.36 -7.83 -42.12
CA ILE A 1170 43.25 -7.12 -40.84
C ILE A 1170 41.83 -7.21 -40.31
N ARG A 1171 40.84 -7.02 -41.18
CA ARG A 1171 39.45 -7.08 -40.77
C ARG A 1171 39.09 -8.47 -40.25
N LYS A 1172 39.51 -9.52 -40.98
CA LYS A 1172 39.22 -10.88 -40.54
C LYS A 1172 39.80 -11.16 -39.16
N THR A 1173 41.05 -10.76 -38.95
CA THR A 1173 41.71 -11.03 -37.67
C THR A 1173 41.02 -10.29 -36.53
N CYS A 1174 40.80 -8.98 -36.69
CA CYS A 1174 40.15 -8.23 -35.63
C CYS A 1174 38.70 -8.67 -35.42
N TYR A 1175 38.05 -9.20 -36.46
CA TYR A 1175 36.71 -9.74 -36.28
C TYR A 1175 36.72 -11.00 -35.44
N LYS A 1176 37.67 -11.91 -35.72
CA LYS A 1176 37.83 -13.07 -34.86
C LYS A 1176 38.11 -12.64 -33.42
N ILE A 1177 38.95 -11.62 -33.25
CA ILE A 1177 39.26 -11.12 -31.91
C ILE A 1177 38.01 -10.64 -31.21
N VAL A 1178 37.20 -9.84 -31.91
CA VAL A 1178 35.98 -9.29 -31.31
C VAL A 1178 35.01 -10.41 -30.94
N GLU A 1179 34.84 -11.38 -31.84
CA GLU A 1179 33.89 -12.47 -31.58
C GLU A 1179 34.41 -13.47 -30.55
N HIS A 1180 35.70 -13.42 -30.22
CA HIS A 1180 36.26 -14.37 -29.26
C HIS A 1180 35.55 -14.29 -27.91
N SER A 1181 35.24 -15.47 -27.36
CA SER A 1181 34.53 -15.54 -26.09
C SER A 1181 35.38 -15.00 -24.94
N TRP A 1182 36.69 -15.19 -24.99
CA TRP A 1182 37.57 -14.61 -23.98
C TRP A 1182 37.44 -13.11 -23.94
N PHE A 1183 37.48 -12.47 -25.11
CA PHE A 1183 37.35 -11.01 -25.18
C PHE A 1183 35.96 -10.58 -24.74
N GLU A 1184 34.93 -11.33 -25.10
CA GLU A 1184 33.57 -11.00 -24.67
C GLU A 1184 33.46 -11.03 -23.15
N SER A 1185 33.99 -12.09 -22.52
CA SER A 1185 33.93 -12.20 -21.07
C SER A 1185 34.76 -11.11 -20.40
N PHE A 1186 35.91 -10.78 -20.96
CA PHE A 1186 36.72 -9.71 -20.40
C PHE A 1186 36.00 -8.37 -20.48
N ILE A 1187 35.30 -8.11 -21.59
CA ILE A 1187 34.58 -6.86 -21.70
C ILE A 1187 33.38 -6.84 -20.75
N VAL A 1188 32.75 -7.99 -20.51
CA VAL A 1188 31.67 -8.07 -19.53
C VAL A 1188 32.20 -7.76 -18.14
N LEU A 1189 33.37 -8.31 -17.80
CA LEU A 1189 33.97 -8.04 -16.50
C LEU A 1189 34.33 -6.57 -16.34
N MET A 1190 34.88 -5.97 -17.39
CA MET A 1190 35.20 -4.55 -17.33
C MET A 1190 33.95 -3.69 -17.24
N ILE A 1191 32.86 -4.11 -17.87
CA ILE A 1191 31.61 -3.39 -17.74
C ILE A 1191 31.09 -3.46 -16.32
N LEU A 1192 31.16 -4.65 -15.70
CA LEU A 1192 30.72 -4.78 -14.31
C LEU A 1192 31.58 -3.94 -13.38
N LEU A 1193 32.89 -3.90 -13.62
CA LEU A 1193 33.77 -3.09 -12.78
C LEU A 1193 33.49 -1.60 -12.95
N SER A 1194 33.33 -1.14 -14.20
CA SER A 1194 33.05 0.27 -14.44
C SER A 1194 31.68 0.68 -13.95
N SER A 1195 30.74 -0.27 -13.84
CA SER A 1195 29.44 0.03 -13.26
C SER A 1195 29.52 0.10 -11.74
N GLY A 1196 30.20 -0.88 -11.12
CA GLY A 1196 30.35 -0.86 -9.68
C GLY A 1196 31.18 0.29 -9.17
N ALA A 1197 32.07 0.83 -10.01
CA ALA A 1197 32.88 1.96 -9.58
C ALA A 1197 32.08 3.25 -9.44
N LEU A 1198 30.80 3.25 -9.82
CA LEU A 1198 29.96 4.41 -9.60
C LEU A 1198 29.30 4.39 -8.22
N ALA A 1199 29.11 3.21 -7.64
CA ALA A 1199 28.49 3.11 -6.33
C ALA A 1199 29.30 3.77 -5.23
N PHE A 1200 30.61 3.94 -5.44
CA PHE A 1200 31.46 4.52 -4.41
C PHE A 1200 31.42 6.05 -4.41
N GLU A 1201 30.77 6.66 -5.39
CA GLU A 1201 30.82 8.12 -5.56
C GLU A 1201 29.60 8.73 -4.87
N ASP A 1202 29.70 8.88 -3.56
CA ASP A 1202 28.65 9.43 -2.73
C ASP A 1202 29.21 10.61 -1.92
N ILE A 1203 28.41 11.08 -0.96
CA ILE A 1203 28.83 12.24 -0.17
C ILE A 1203 30.01 11.90 0.73
N TYR A 1204 30.23 10.62 1.02
CA TYR A 1204 31.37 10.19 1.82
C TYR A 1204 32.62 9.94 0.96
N ILE A 1205 32.68 10.51 -0.24
CA ILE A 1205 33.85 10.36 -1.09
C ILE A 1205 34.93 11.38 -0.78
N GLU A 1206 34.64 12.39 0.05
CA GLU A 1206 35.69 13.26 0.52
C GLU A 1206 36.59 12.53 1.51
N ARG A 1207 36.00 11.65 2.33
CA ARG A 1207 36.79 10.62 3.00
C ARG A 1207 37.26 9.61 1.96
N LYS A 1208 37.95 8.58 2.44
CA LYS A 1208 38.52 7.51 1.60
C LYS A 1208 39.12 8.07 0.31
N LYS A 1209 40.09 8.98 0.50
CA LYS A 1209 40.73 9.64 -0.63
C LYS A 1209 41.54 8.66 -1.46
N THR A 1210 42.04 7.59 -0.85
CA THR A 1210 42.75 6.57 -1.62
C THR A 1210 41.83 5.87 -2.60
N ILE A 1211 40.64 5.48 -2.14
CA ILE A 1211 39.66 4.88 -3.05
C ILE A 1211 39.21 5.91 -4.08
N LYS A 1212 39.09 7.17 -3.67
CA LYS A 1212 38.76 8.23 -4.61
C LYS A 1212 39.79 8.30 -5.74
N ILE A 1213 41.08 8.18 -5.40
CA ILE A 1213 42.13 8.29 -6.40
C ILE A 1213 42.13 7.07 -7.32
N ILE A 1214 42.03 5.87 -6.74
CA ILE A 1214 42.04 4.68 -7.59
C ILE A 1214 40.82 4.67 -8.49
N LEU A 1215 39.71 5.25 -8.07
CA LEU A 1215 38.56 5.36 -8.95
C LEU A 1215 38.79 6.40 -10.03
N GLU A 1216 39.39 7.54 -9.67
CA GLU A 1216 39.64 8.59 -10.65
C GLU A 1216 40.57 8.11 -11.75
N TYR A 1217 41.41 7.12 -11.46
CA TYR A 1217 42.28 6.57 -12.51
C TYR A 1217 41.69 5.35 -13.20
N ALA A 1218 40.95 4.51 -12.48
CA ALA A 1218 40.23 3.43 -13.13
C ALA A 1218 39.23 3.98 -14.14
N ASP A 1219 38.75 5.20 -13.93
CA ASP A 1219 37.88 5.83 -14.93
C ASP A 1219 38.58 5.98 -16.27
N LYS A 1220 39.81 6.48 -16.25
CA LYS A 1220 40.58 6.62 -17.48
C LYS A 1220 40.90 5.25 -18.08
N ILE A 1221 41.25 4.28 -17.23
CA ILE A 1221 41.52 2.94 -17.74
C ILE A 1221 40.29 2.39 -18.46
N PHE A 1222 39.11 2.53 -17.87
CA PHE A 1222 37.89 2.00 -18.47
C PHE A 1222 37.54 2.73 -19.75
N THR A 1223 37.67 4.07 -19.75
CA THR A 1223 37.40 4.82 -20.96
C THR A 1223 38.31 4.36 -22.10
N TYR A 1224 39.60 4.15 -21.81
CA TYR A 1224 40.52 3.68 -22.84
C TYR A 1224 40.12 2.29 -23.33
N ILE A 1225 39.81 1.38 -22.40
CA ILE A 1225 39.44 0.02 -22.80
C ILE A 1225 38.22 0.04 -23.70
N PHE A 1226 37.23 0.88 -23.36
CA PHE A 1226 36.01 0.89 -24.15
C PHE A 1226 36.21 1.58 -25.50
N ILE A 1227 37.11 2.57 -25.56
CA ILE A 1227 37.45 3.16 -26.86
C ILE A 1227 38.13 2.12 -27.74
N LEU A 1228 39.01 1.31 -27.16
CA LEU A 1228 39.67 0.28 -27.95
C LEU A 1228 38.69 -0.80 -28.38
N GLU A 1229 37.72 -1.14 -27.52
CA GLU A 1229 36.69 -2.08 -27.91
C GLU A 1229 35.84 -1.53 -29.04
N MET A 1230 35.55 -0.22 -29.00
CA MET A 1230 34.78 0.40 -30.08
C MET A 1230 35.55 0.40 -31.39
N LEU A 1231 36.86 0.68 -31.33
CA LEU A 1231 37.67 0.67 -32.55
C LEU A 1231 37.78 -0.73 -33.12
N LEU A 1232 37.93 -1.74 -32.24
CA LEU A 1232 37.96 -3.12 -32.71
C LEU A 1232 36.64 -3.50 -33.36
N LYS A 1233 35.52 -3.14 -32.72
CA LYS A 1233 34.20 -3.42 -33.30
C LYS A 1233 34.04 -2.75 -34.65
N TRP A 1234 34.52 -1.50 -34.78
CA TRP A 1234 34.48 -0.82 -36.07
C TRP A 1234 35.25 -1.60 -37.12
N ILE A 1235 36.56 -1.79 -36.90
CA ILE A 1235 37.39 -2.45 -37.89
C ILE A 1235 36.94 -3.88 -38.16
N ALA A 1236 36.13 -4.45 -37.26
CA ALA A 1236 35.71 -5.83 -37.38
C ALA A 1236 34.35 -5.99 -38.06
N TYR A 1237 33.45 -5.01 -37.92
CA TYR A 1237 32.12 -5.12 -38.46
C TYR A 1237 31.88 -4.25 -39.68
N GLY A 1238 32.63 -3.16 -39.85
CA GLY A 1238 32.31 -2.21 -40.89
C GLY A 1238 31.28 -1.23 -40.38
N TYR A 1239 31.29 -0.01 -40.90
CA TYR A 1239 30.33 1.00 -40.46
C TYR A 1239 28.89 0.53 -40.71
N LYS A 1240 28.67 -0.17 -41.82
CA LYS A 1240 27.33 -0.68 -42.12
C LYS A 1240 26.82 -1.57 -40.98
N THR A 1241 27.51 -2.68 -40.75
CA THR A 1241 27.06 -3.65 -39.76
C THR A 1241 27.10 -3.08 -38.35
N TYR A 1242 27.96 -2.09 -38.10
CA TYR A 1242 28.04 -1.51 -36.77
C TYR A 1242 26.88 -0.56 -36.51
N PHE A 1243 26.76 0.49 -37.32
CA PHE A 1243 25.73 1.49 -37.10
C PHE A 1243 24.35 1.04 -37.56
N THR A 1244 24.20 -0.17 -38.08
CA THR A 1244 22.88 -0.77 -38.26
C THR A 1244 22.48 -1.64 -37.07
N ASN A 1245 22.96 -1.31 -35.88
CA ASN A 1245 22.72 -2.12 -34.69
C ASN A 1245 22.51 -1.19 -33.51
N ALA A 1246 21.34 -1.31 -32.86
CA ALA A 1246 20.99 -0.41 -31.77
C ALA A 1246 21.91 -0.59 -30.57
N TRP A 1247 22.32 -1.83 -30.29
CA TRP A 1247 23.23 -2.08 -29.18
C TRP A 1247 24.57 -1.38 -29.42
N CYS A 1248 25.13 -1.55 -30.62
CA CYS A 1248 26.39 -0.88 -30.93
C CYS A 1248 26.21 0.63 -30.94
N TRP A 1249 25.04 1.13 -31.32
CA TRP A 1249 24.79 2.57 -31.26
C TRP A 1249 24.78 3.07 -29.82
N LEU A 1250 24.15 2.30 -28.93
CA LEU A 1250 24.16 2.65 -27.51
C LEU A 1250 25.58 2.67 -26.95
N ASP A 1251 26.36 1.64 -27.29
CA ASP A 1251 27.74 1.61 -26.83
C ASP A 1251 28.54 2.78 -27.38
N PHE A 1252 28.35 3.10 -28.66
CA PHE A 1252 29.05 4.24 -29.26
C PHE A 1252 28.68 5.53 -28.56
N LEU A 1253 27.40 5.72 -28.25
CA LEU A 1253 26.97 6.95 -27.57
C LEU A 1253 27.60 7.06 -26.19
N ILE A 1254 27.56 5.97 -25.42
CA ILE A 1254 28.11 6.03 -24.07
C ILE A 1254 29.62 6.28 -24.10
N VAL A 1255 30.34 5.59 -25.00
CA VAL A 1255 31.78 5.80 -25.08
C VAL A 1255 32.10 7.21 -25.59
N ASP A 1256 31.27 7.77 -26.48
CA ASP A 1256 31.52 9.12 -26.95
C ASP A 1256 31.31 10.15 -25.84
N VAL A 1257 30.28 9.96 -25.01
CA VAL A 1257 30.09 10.85 -23.88
C VAL A 1257 31.26 10.73 -22.91
N SER A 1258 31.70 9.50 -22.63
CA SER A 1258 32.84 9.31 -21.73
C SER A 1258 34.11 9.94 -22.31
N LEU A 1259 34.26 9.89 -23.63
CA LEU A 1259 35.44 10.48 -24.26
C LEU A 1259 35.39 12.00 -24.20
N VAL A 1260 34.22 12.59 -24.41
CA VAL A 1260 34.07 14.04 -24.24
C VAL A 1260 34.44 14.43 -22.81
N THR A 1261 33.95 13.67 -21.83
CA THR A 1261 34.26 13.96 -20.43
C THR A 1261 35.76 13.87 -20.17
N LEU A 1262 36.40 12.81 -20.67
CA LEU A 1262 37.83 12.63 -20.44
C LEU A 1262 38.64 13.73 -21.09
N VAL A 1263 38.27 14.10 -22.32
CA VAL A 1263 39.00 15.15 -23.03
C VAL A 1263 38.85 16.49 -22.30
N ALA A 1264 37.64 16.81 -21.85
CA ALA A 1264 37.43 18.03 -21.10
C ALA A 1264 38.26 18.04 -19.82
N ASN A 1265 38.26 16.93 -19.09
CA ASN A 1265 39.02 16.86 -17.85
C ASN A 1265 40.51 17.03 -18.10
N THR A 1266 41.05 16.34 -19.11
CA THR A 1266 42.48 16.38 -19.36
C THR A 1266 42.93 17.70 -19.98
N LEU A 1267 42.02 18.41 -20.66
CA LEU A 1267 42.39 19.67 -21.30
C LEU A 1267 42.18 20.86 -20.37
N GLY A 1268 41.28 20.75 -19.40
CA GLY A 1268 41.02 21.87 -18.52
C GLY A 1268 40.05 22.85 -19.13
N TYR A 1269 39.94 24.01 -18.48
CA TYR A 1269 39.04 25.08 -18.91
C TYR A 1269 37.61 24.57 -19.07
N SER A 1270 37.30 23.44 -18.44
CA SER A 1270 35.98 22.82 -18.54
C SER A 1270 35.58 22.30 -17.16
N ASP A 1271 34.98 23.17 -16.35
CA ASP A 1271 34.28 22.76 -15.13
C ASP A 1271 33.01 23.56 -15.00
N LEU A 1272 32.35 23.83 -16.13
CA LEU A 1272 31.22 24.75 -16.18
C LEU A 1272 30.02 24.09 -16.83
N GLY A 1273 28.84 24.31 -16.25
CA GLY A 1273 27.59 24.12 -16.94
C GLY A 1273 27.42 22.77 -17.60
N PRO A 1274 27.46 22.76 -18.94
CA PRO A 1274 27.24 21.52 -19.69
C PRO A 1274 28.16 20.37 -19.30
N ILE A 1275 29.44 20.63 -19.06
CA ILE A 1275 30.38 19.55 -18.76
C ILE A 1275 30.05 18.92 -17.42
N LYS A 1276 29.83 19.75 -16.39
CA LYS A 1276 29.47 19.22 -15.09
C LYS A 1276 28.09 18.56 -15.10
N SER A 1277 27.21 18.98 -16.01
CA SER A 1277 25.88 18.41 -16.09
C SER A 1277 25.81 17.17 -16.96
N LEU A 1278 26.84 16.91 -17.78
CA LEU A 1278 26.94 15.66 -18.50
C LEU A 1278 27.86 14.67 -17.81
N ARG A 1279 28.64 15.11 -16.82
CA ARG A 1279 29.38 14.15 -16.01
C ARG A 1279 28.44 13.20 -15.28
N THR A 1280 27.26 13.69 -14.88
CA THR A 1280 26.30 12.82 -14.20
C THR A 1280 25.68 11.81 -15.14
N LEU A 1281 25.86 11.95 -16.46
CA LEU A 1281 25.41 10.93 -17.38
C LEU A 1281 26.23 9.64 -17.27
N ARG A 1282 27.31 9.66 -16.47
CA ARG A 1282 28.02 8.43 -16.17
C ARG A 1282 27.12 7.37 -15.55
N ALA A 1283 25.96 7.78 -15.01
CA ALA A 1283 24.99 6.84 -14.49
C ALA A 1283 24.40 5.95 -15.56
N LEU A 1284 24.64 6.25 -16.84
CA LEU A 1284 24.17 5.42 -17.94
C LEU A 1284 25.17 4.37 -18.36
N ARG A 1285 26.35 4.35 -17.74
CA ARG A 1285 27.33 3.30 -18.04
C ARG A 1285 26.81 1.89 -17.79
N PRO A 1286 25.92 1.62 -16.84
CA PRO A 1286 25.37 0.25 -16.72
C PRO A 1286 24.62 -0.21 -17.95
N LEU A 1287 24.07 0.71 -18.76
CA LEU A 1287 23.31 0.33 -19.94
C LEU A 1287 24.11 -0.55 -20.89
N ARG A 1288 25.43 -0.59 -20.76
CA ARG A 1288 26.25 -1.46 -21.59
C ARG A 1288 26.12 -2.93 -21.22
N ALA A 1289 25.39 -3.25 -20.15
CA ALA A 1289 25.21 -4.64 -19.73
C ALA A 1289 24.03 -5.31 -20.43
N LEU A 1290 23.07 -4.54 -20.93
CA LEU A 1290 21.94 -5.11 -21.64
C LEU A 1290 22.39 -5.91 -22.85
N SER A 1291 23.30 -5.35 -23.65
CA SER A 1291 23.74 -6.01 -24.86
C SER A 1291 24.49 -7.31 -24.56
N ARG A 1292 25.10 -7.41 -23.39
CA ARG A 1292 25.90 -8.58 -23.06
C ARG A 1292 25.11 -9.67 -22.36
N PHE A 1293 24.25 -9.31 -21.41
CA PHE A 1293 23.50 -10.29 -20.65
C PHE A 1293 22.22 -10.65 -21.40
N GLU A 1294 22.12 -11.91 -21.82
CA GLU A 1294 20.94 -12.36 -22.55
C GLU A 1294 19.68 -12.25 -21.72
N GLY A 1295 19.81 -12.40 -20.39
CA GLY A 1295 18.64 -12.33 -19.53
C GLY A 1295 18.01 -10.95 -19.50
N MET A 1296 18.79 -9.91 -19.78
CA MET A 1296 18.22 -8.58 -19.94
C MET A 1296 17.94 -8.26 -21.39
N ARG A 1297 18.68 -8.86 -22.31
CA ARG A 1297 18.41 -8.63 -23.74
C ARG A 1297 17.03 -9.13 -24.11
N VAL A 1298 16.62 -10.29 -23.58
CA VAL A 1298 15.31 -10.84 -23.90
C VAL A 1298 14.20 -9.95 -23.35
N VAL A 1299 14.34 -9.49 -22.10
CA VAL A 1299 13.32 -8.65 -21.51
C VAL A 1299 13.23 -7.32 -22.23
N VAL A 1300 14.37 -6.77 -22.64
CA VAL A 1300 14.35 -5.49 -23.35
C VAL A 1300 13.75 -5.66 -24.73
N ASN A 1301 13.99 -6.81 -25.38
CA ASN A 1301 13.35 -7.08 -26.65
C ASN A 1301 11.84 -7.17 -26.50
N ALA A 1302 11.37 -7.84 -25.46
CA ALA A 1302 9.93 -7.94 -25.22
C ALA A 1302 9.32 -6.56 -24.97
N LEU A 1303 9.96 -5.75 -24.14
CA LEU A 1303 9.43 -4.43 -23.83
C LEU A 1303 9.44 -3.52 -25.05
N ILE A 1304 10.50 -3.57 -25.85
CA ILE A 1304 10.57 -2.74 -27.05
C ILE A 1304 9.54 -3.19 -28.07
N GLY A 1305 9.24 -4.49 -28.12
CA GLY A 1305 8.17 -4.95 -28.97
C GLY A 1305 6.82 -4.48 -28.49
N ALA A 1306 6.64 -4.38 -27.17
CA ALA A 1306 5.35 -3.96 -26.62
C ALA A 1306 5.15 -2.45 -26.65
N ILE A 1307 6.20 -1.67 -26.84
CA ILE A 1307 6.14 -0.21 -26.67
C ILE A 1307 5.14 0.53 -27.57
N PRO A 1308 4.75 0.05 -28.78
CA PRO A 1308 3.75 0.82 -29.54
C PRO A 1308 2.38 0.90 -28.87
N SER A 1309 1.92 -0.23 -28.33
CA SER A 1309 0.66 -0.21 -27.59
C SER A 1309 0.79 0.59 -26.31
N ILE A 1310 1.95 0.54 -25.66
CA ILE A 1310 2.21 1.43 -24.53
C ILE A 1310 2.00 2.88 -24.94
N MET A 1311 2.50 3.26 -26.12
CA MET A 1311 2.36 4.64 -26.56
C MET A 1311 0.91 5.00 -26.83
N ASN A 1312 0.18 4.13 -27.53
CA ASN A 1312 -1.24 4.38 -27.80
C ASN A 1312 -2.02 4.56 -26.51
N VAL A 1313 -1.86 3.63 -25.57
CA VAL A 1313 -2.67 3.67 -24.36
C VAL A 1313 -2.22 4.80 -23.44
N LEU A 1314 -0.92 5.14 -23.45
CA LEU A 1314 -0.48 6.31 -22.71
C LEU A 1314 -1.07 7.58 -23.29
N LEU A 1315 -1.28 7.63 -24.61
CA LEU A 1315 -1.92 8.79 -25.21
C LEU A 1315 -3.38 8.89 -24.79
N VAL A 1316 -4.09 7.76 -24.80
CA VAL A 1316 -5.49 7.76 -24.34
C VAL A 1316 -5.58 8.18 -22.88
N CYS A 1317 -4.68 7.65 -22.04
CA CYS A 1317 -4.67 8.02 -20.63
C CYS A 1317 -4.35 9.50 -20.45
N LEU A 1318 -3.45 10.03 -21.29
CA LEU A 1318 -3.12 11.45 -21.21
C LEU A 1318 -4.34 12.30 -21.54
N ILE A 1319 -5.12 11.92 -22.56
CA ILE A 1319 -6.27 12.75 -22.91
C ILE A 1319 -7.38 12.63 -21.85
N PHE A 1320 -7.56 11.43 -21.30
CA PHE A 1320 -8.58 11.27 -20.25
C PHE A 1320 -8.20 12.05 -19.01
N TRP A 1321 -6.97 11.88 -18.52
CA TRP A 1321 -6.51 12.66 -17.39
C TRP A 1321 -6.42 14.14 -17.72
N LEU A 1322 -6.35 14.51 -19.00
CA LEU A 1322 -6.42 15.92 -19.36
C LEU A 1322 -7.82 16.46 -19.13
N ILE A 1323 -8.84 15.69 -19.49
CA ILE A 1323 -10.21 16.06 -19.13
C ILE A 1323 -10.31 16.26 -17.63
N PHE A 1324 -9.89 15.24 -16.87
CA PHE A 1324 -10.03 15.29 -15.42
C PHE A 1324 -9.20 16.41 -14.82
N SER A 1325 -8.05 16.74 -15.41
CA SER A 1325 -7.19 17.78 -14.88
C SER A 1325 -7.65 19.17 -15.24
N ILE A 1326 -8.32 19.34 -16.39
CA ILE A 1326 -8.95 20.63 -16.66
C ILE A 1326 -10.10 20.86 -15.70
N MET A 1327 -10.90 19.83 -15.45
CA MET A 1327 -11.92 19.95 -14.42
C MET A 1327 -11.30 20.28 -13.06
N GLY A 1328 -10.23 19.57 -12.69
CA GLY A 1328 -9.56 19.83 -11.42
C GLY A 1328 -9.00 21.23 -11.33
N VAL A 1329 -8.45 21.75 -12.42
CA VAL A 1329 -7.91 23.11 -12.40
C VAL A 1329 -9.03 24.13 -12.24
N ASN A 1330 -10.15 23.93 -12.94
CA ASN A 1330 -11.28 24.84 -12.78
C ASN A 1330 -11.81 24.82 -11.36
N LEU A 1331 -11.80 23.65 -10.72
CA LEU A 1331 -12.34 23.55 -9.37
C LEU A 1331 -11.38 24.11 -8.34
N PHE A 1332 -10.11 23.68 -8.37
CA PHE A 1332 -9.14 23.96 -7.32
C PHE A 1332 -7.98 24.81 -7.81
N ALA A 1333 -8.21 25.74 -8.73
CA ALA A 1333 -7.12 26.58 -9.23
C ALA A 1333 -6.81 27.67 -8.21
N GLY A 1334 -5.73 27.50 -7.46
CA GLY A 1334 -5.27 28.52 -6.54
C GLY A 1334 -6.01 28.59 -5.23
N LYS A 1335 -6.75 27.55 -4.87
CA LYS A 1335 -7.50 27.52 -3.62
C LYS A 1335 -6.79 26.72 -2.53
N PHE A 1336 -5.58 26.24 -2.79
CA PHE A 1336 -4.84 25.43 -1.84
C PHE A 1336 -3.93 26.24 -0.94
N TYR A 1337 -3.88 27.56 -1.13
CA TYR A 1337 -3.08 28.41 -0.26
C TYR A 1337 -3.67 28.44 1.15
N GLU A 1338 -2.79 28.43 2.15
CA GLU A 1338 -3.22 28.47 3.55
C GLU A 1338 -2.21 29.26 4.36
N CYS A 1339 -2.64 29.69 5.55
CA CYS A 1339 -1.76 30.40 6.47
C CYS A 1339 -1.18 29.40 7.48
N ILE A 1340 -0.27 28.57 6.99
CA ILE A 1340 0.40 27.63 7.87
C ILE A 1340 1.24 28.42 8.88
N ASN A 1341 1.38 27.86 10.08
CA ASN A 1341 2.23 28.42 11.12
C ASN A 1341 3.45 27.51 11.23
N THR A 1342 4.60 28.01 10.74
CA THR A 1342 5.71 27.15 10.36
C THR A 1342 6.29 26.34 11.51
N THR A 1343 6.10 26.77 12.76
CA THR A 1343 6.65 26.01 13.89
C THR A 1343 6.06 24.61 13.95
N ASP A 1344 4.76 24.52 14.17
CA ASP A 1344 4.08 23.23 14.19
C ASP A 1344 3.47 22.85 12.85
N GLY A 1345 3.25 23.82 11.96
CA GLY A 1345 2.65 23.53 10.68
C GLY A 1345 1.18 23.22 10.80
N SER A 1346 0.42 24.15 11.37
CA SER A 1346 -1.01 23.98 11.58
C SER A 1346 -1.75 25.16 10.98
N ARG A 1347 -2.72 24.86 10.11
CA ARG A 1347 -3.57 25.89 9.52
C ARG A 1347 -4.12 26.80 10.61
N PHE A 1348 -4.12 28.10 10.34
CA PHE A 1348 -4.69 29.05 11.27
C PHE A 1348 -6.21 28.87 11.31
N PRO A 1349 -6.84 29.17 12.46
CA PRO A 1349 -8.22 28.72 12.68
C PRO A 1349 -9.25 29.35 11.76
N ALA A 1350 -8.85 30.22 10.83
CA ALA A 1350 -9.75 30.78 9.82
C ALA A 1350 -10.81 31.69 10.42
N SER A 1351 -10.83 31.82 11.75
CA SER A 1351 -11.67 32.83 12.38
C SER A 1351 -10.93 34.15 12.45
N GLN A 1352 -9.76 34.17 13.07
CA GLN A 1352 -8.76 35.16 12.72
C GLN A 1352 -8.19 34.82 11.34
N VAL A 1353 -7.54 35.80 10.73
CA VAL A 1353 -6.87 35.69 9.43
C VAL A 1353 -7.73 34.88 8.45
N PRO A 1354 -8.80 35.46 7.93
CA PRO A 1354 -9.67 34.70 7.01
C PRO A 1354 -9.22 34.69 5.56
N ASN A 1355 -8.32 35.60 5.15
CA ASN A 1355 -7.90 35.68 3.77
C ASN A 1355 -6.44 36.12 3.70
N ARG A 1356 -5.91 36.16 2.47
CA ARG A 1356 -4.51 36.50 2.26
C ARG A 1356 -4.18 37.92 2.72
N SER A 1357 -5.13 38.85 2.52
CA SER A 1357 -4.88 40.23 2.92
C SER A 1357 -4.61 40.33 4.42
N GLU A 1358 -5.36 39.58 5.23
CA GLU A 1358 -5.09 39.57 6.67
C GLU A 1358 -3.92 38.66 7.01
N CYS A 1359 -3.65 37.65 6.18
CA CYS A 1359 -2.48 36.81 6.41
C CYS A 1359 -1.20 37.59 6.29
N PHE A 1360 -1.15 38.57 5.38
CA PHE A 1360 0.06 39.37 5.24
C PHE A 1360 0.22 40.32 6.42
N ALA A 1361 -0.88 40.82 6.98
CA ALA A 1361 -0.80 41.61 8.20
C ALA A 1361 -0.30 40.75 9.36
N LEU A 1362 -0.80 39.52 9.48
CA LEU A 1362 -0.32 38.62 10.52
C LEU A 1362 1.14 38.23 10.29
N MET A 1363 1.58 38.22 9.03
CA MET A 1363 2.98 37.95 8.72
C MET A 1363 3.87 39.14 9.05
N ASN A 1364 3.32 40.35 8.99
CA ASN A 1364 4.05 41.52 9.48
C ASN A 1364 4.12 41.52 11.00
N VAL A 1365 3.06 41.03 11.65
CA VAL A 1365 3.03 41.04 13.12
C VAL A 1365 3.92 39.95 13.71
N SER A 1366 3.85 38.74 13.18
CA SER A 1366 4.59 37.61 13.72
C SER A 1366 5.66 37.17 12.74
N GLN A 1367 6.40 36.13 13.13
CA GLN A 1367 7.54 35.67 12.34
C GLN A 1367 7.31 34.33 11.65
N ASN A 1368 6.53 33.44 12.25
CA ASN A 1368 6.50 32.04 11.84
C ASN A 1368 5.27 31.68 11.03
N VAL A 1369 4.58 32.65 10.43
CA VAL A 1369 3.44 32.38 9.57
C VAL A 1369 3.88 32.55 8.13
N ARG A 1370 3.21 31.85 7.21
CA ARG A 1370 3.63 31.85 5.81
C ARG A 1370 2.47 31.42 4.94
N TRP A 1371 2.04 32.28 4.03
CA TRP A 1371 0.98 31.97 3.07
C TRP A 1371 1.54 31.01 2.02
N LYS A 1372 1.40 29.72 2.26
CA LYS A 1372 2.10 28.71 1.47
C LYS A 1372 1.12 27.82 0.72
N ASN A 1373 1.57 27.37 -0.45
CA ASN A 1373 0.80 26.49 -1.31
C ASN A 1373 1.06 25.04 -0.91
N LEU A 1374 0.66 24.09 -1.76
CA LEU A 1374 0.81 22.66 -1.48
C LEU A 1374 1.97 22.01 -2.22
N LYS A 1375 2.52 22.67 -3.24
CA LYS A 1375 3.65 22.22 -4.05
C LYS A 1375 3.26 21.09 -5.00
N VAL A 1376 2.07 20.51 -4.80
CA VAL A 1376 1.47 19.57 -5.74
C VAL A 1376 -0.02 19.84 -5.70
N ASN A 1377 -0.52 20.56 -6.70
CA ASN A 1377 -1.89 21.06 -6.65
C ASN A 1377 -2.41 21.14 -8.07
N PHE A 1378 -3.50 21.89 -8.24
CA PHE A 1378 -4.16 22.07 -9.53
C PHE A 1378 -3.98 23.50 -10.04
N ASP A 1379 -2.88 24.15 -9.67
CA ASP A 1379 -2.64 25.51 -10.12
C ASP A 1379 -2.55 25.62 -11.63
N ASN A 1380 -2.14 24.56 -12.32
CA ASN A 1380 -2.15 24.52 -13.78
C ASN A 1380 -2.32 23.07 -14.18
N VAL A 1381 -2.29 22.80 -15.49
CA VAL A 1381 -2.59 21.46 -15.97
C VAL A 1381 -1.42 20.49 -15.79
N GLY A 1382 -0.18 20.97 -15.78
CA GLY A 1382 0.93 20.08 -15.46
C GLY A 1382 0.90 19.61 -14.02
N LEU A 1383 0.78 20.56 -13.09
CA LEU A 1383 0.61 20.18 -11.69
C LEU A 1383 -0.66 19.39 -11.49
N GLY A 1384 -1.69 19.63 -12.29
CA GLY A 1384 -2.88 18.81 -12.23
C GLY A 1384 -2.60 17.38 -12.64
N TYR A 1385 -1.79 17.20 -13.69
CA TYR A 1385 -1.37 15.86 -14.10
C TYR A 1385 -0.62 15.17 -12.98
N LEU A 1386 0.23 15.90 -12.27
CA LEU A 1386 0.99 15.31 -11.17
C LEU A 1386 0.07 14.93 -10.01
N SER A 1387 -0.80 15.84 -9.61
CA SER A 1387 -1.75 15.57 -8.53
C SER A 1387 -2.66 14.40 -8.88
N LEU A 1388 -3.03 14.27 -10.16
CA LEU A 1388 -3.85 13.14 -10.56
C LEU A 1388 -3.05 11.85 -10.59
N LEU A 1389 -1.76 11.91 -10.94
CA LEU A 1389 -0.93 10.73 -10.82
C LEU A 1389 -0.87 10.25 -9.38
N GLN A 1390 -0.81 11.19 -8.43
CA GLN A 1390 -0.78 10.81 -7.01
C GLN A 1390 -2.12 10.24 -6.58
N VAL A 1391 -3.21 10.94 -6.89
CA VAL A 1391 -4.55 10.46 -6.53
C VAL A 1391 -4.90 9.14 -7.19
N ALA A 1392 -4.27 8.81 -8.30
CA ALA A 1392 -4.57 7.57 -9.01
C ALA A 1392 -3.61 6.43 -8.68
N THR A 1393 -2.42 6.74 -8.17
CA THR A 1393 -1.56 5.71 -7.61
C THR A 1393 -1.79 5.50 -6.12
N PHE A 1394 -2.63 6.34 -5.50
CA PHE A 1394 -3.08 6.25 -4.12
C PHE A 1394 -1.97 6.54 -3.11
N LYS A 1395 -0.80 6.97 -3.55
CA LYS A 1395 0.32 7.26 -2.67
C LYS A 1395 0.56 8.76 -2.70
N GLY A 1396 -0.14 9.48 -1.83
CA GLY A 1396 0.04 10.91 -1.70
C GLY A 1396 -1.23 11.69 -1.93
N TRP A 1397 -2.35 10.97 -2.01
CA TRP A 1397 -3.62 11.56 -2.39
C TRP A 1397 -4.33 12.24 -1.24
N THR A 1398 -4.07 11.81 0.00
CA THR A 1398 -4.82 12.36 1.13
C THR A 1398 -4.47 13.82 1.36
N ILE A 1399 -3.21 14.20 1.16
CA ILE A 1399 -2.81 15.59 1.38
C ILE A 1399 -3.45 16.52 0.37
N ILE A 1400 -3.87 15.98 -0.79
CA ILE A 1400 -4.56 16.79 -1.79
C ILE A 1400 -6.06 16.79 -1.54
N MET A 1401 -6.62 15.63 -1.18
CA MET A 1401 -8.05 15.55 -0.89
C MET A 1401 -8.41 16.46 0.28
N TYR A 1402 -7.57 16.48 1.32
CA TYR A 1402 -7.84 17.32 2.48
C TYR A 1402 -7.96 18.79 2.06
N ALA A 1403 -6.96 19.30 1.34
CA ALA A 1403 -6.96 20.71 0.98
C ALA A 1403 -8.03 21.03 -0.05
N ALA A 1404 -8.39 20.05 -0.89
CA ALA A 1404 -9.47 20.27 -1.84
C ALA A 1404 -10.80 20.44 -1.13
N VAL A 1405 -11.15 19.49 -0.26
CA VAL A 1405 -12.40 19.60 0.50
C VAL A 1405 -12.37 20.73 1.51
N ASP A 1406 -11.19 21.25 1.85
CA ASP A 1406 -11.13 22.44 2.69
C ASP A 1406 -11.13 23.75 1.90
N SER A 1407 -10.94 23.69 0.58
CA SER A 1407 -10.84 24.91 -0.22
C SER A 1407 -12.11 25.73 -0.10
N VAL A 1408 -11.96 27.05 -0.20
CA VAL A 1408 -13.09 27.97 -0.10
C VAL A 1408 -13.19 28.81 -1.36
N ASN A 1409 -12.18 29.62 -1.62
CA ASN A 1409 -12.15 30.47 -2.81
C ASN A 1409 -10.71 30.72 -3.20
N VAL A 1410 -10.49 31.70 -4.09
CA VAL A 1410 -9.19 31.86 -4.71
C VAL A 1410 -8.16 32.44 -3.74
N ASP A 1411 -8.58 33.37 -2.89
CA ASP A 1411 -7.68 34.03 -1.95
C ASP A 1411 -8.27 34.08 -0.56
N LYS A 1412 -8.79 32.94 -0.11
CA LYS A 1412 -9.41 32.84 1.21
C LYS A 1412 -8.76 31.71 2.00
N GLN A 1413 -8.70 31.89 3.31
CA GLN A 1413 -8.14 30.85 4.18
C GLN A 1413 -9.05 29.63 4.17
N PRO A 1414 -8.53 28.45 3.90
CA PRO A 1414 -9.39 27.25 3.82
C PRO A 1414 -10.01 26.94 5.17
N LYS A 1415 -11.30 26.59 5.14
CA LYS A 1415 -12.03 26.17 6.32
C LYS A 1415 -12.12 24.65 6.34
N TYR A 1416 -12.26 24.10 7.53
CA TYR A 1416 -12.18 22.66 7.71
C TYR A 1416 -13.43 22.00 7.10
N GLU A 1417 -13.21 21.23 6.04
CA GLU A 1417 -14.27 20.56 5.28
C GLU A 1417 -15.40 21.54 4.95
N TYR A 1418 -15.03 22.62 4.28
CA TYR A 1418 -16.02 23.60 3.85
C TYR A 1418 -16.69 23.16 2.56
N SER A 1419 -15.97 22.46 1.70
CA SER A 1419 -16.59 21.88 0.51
C SER A 1419 -17.15 20.49 0.84
N LEU A 1420 -16.27 19.57 1.23
CA LEU A 1420 -16.62 18.25 1.75
C LEU A 1420 -17.18 17.35 0.67
N TYR A 1421 -17.46 17.90 -0.51
CA TYR A 1421 -18.05 17.12 -1.58
C TYR A 1421 -17.21 17.11 -2.84
N MET A 1422 -16.02 17.70 -2.82
CA MET A 1422 -15.03 17.38 -3.83
C MET A 1422 -14.43 16.01 -3.59
N TYR A 1423 -14.64 15.44 -2.41
CA TYR A 1423 -14.44 14.01 -2.22
C TYR A 1423 -15.17 13.22 -3.30
N ILE A 1424 -16.31 13.71 -3.76
CA ILE A 1424 -17.01 13.08 -4.86
C ILE A 1424 -16.21 13.20 -6.15
N TYR A 1425 -15.58 14.35 -6.36
CA TYR A 1425 -14.71 14.50 -7.53
C TYR A 1425 -13.59 13.49 -7.50
N PHE A 1426 -12.95 13.30 -6.34
CA PHE A 1426 -11.84 12.35 -6.29
C PHE A 1426 -12.31 10.90 -6.36
N VAL A 1427 -13.50 10.60 -5.85
CA VAL A 1427 -14.04 9.25 -5.99
C VAL A 1427 -14.35 8.95 -7.45
N VAL A 1428 -15.03 9.88 -8.13
CA VAL A 1428 -15.31 9.72 -9.55
C VAL A 1428 -14.02 9.59 -10.33
N PHE A 1429 -13.02 10.41 -10.03
CA PHE A 1429 -11.74 10.31 -10.72
C PHE A 1429 -11.12 8.94 -10.50
N ILE A 1430 -11.00 8.50 -9.26
CA ILE A 1430 -10.43 7.17 -9.01
C ILE A 1430 -11.15 6.13 -9.86
N ILE A 1431 -12.48 6.04 -9.67
CA ILE A 1431 -13.26 5.01 -10.35
C ILE A 1431 -13.03 5.04 -11.85
N PHE A 1432 -13.05 6.24 -12.46
CA PHE A 1432 -12.90 6.29 -13.91
C PHE A 1432 -11.43 6.22 -14.31
N GLY A 1433 -10.67 7.27 -14.04
CA GLY A 1433 -9.26 7.31 -14.37
C GLY A 1433 -8.50 6.10 -13.88
N SER A 1434 -8.31 5.96 -12.56
CA SER A 1434 -7.43 4.91 -12.07
C SER A 1434 -7.93 3.54 -12.49
N PHE A 1435 -9.14 3.18 -12.06
CA PHE A 1435 -9.67 1.85 -12.33
C PHE A 1435 -9.74 1.56 -13.82
N PHE A 1436 -10.51 2.35 -14.58
CA PHE A 1436 -10.76 2.01 -15.97
C PHE A 1436 -9.51 2.15 -16.83
N THR A 1437 -8.73 3.21 -16.66
CA THR A 1437 -7.54 3.36 -17.49
C THR A 1437 -6.46 2.35 -17.13
N LEU A 1438 -6.28 2.03 -15.85
CA LEU A 1438 -5.34 0.98 -15.50
C LEU A 1438 -5.83 -0.37 -16.02
N ASN A 1439 -7.15 -0.55 -16.08
CA ASN A 1439 -7.69 -1.78 -16.68
C ASN A 1439 -7.35 -1.84 -18.16
N LEU A 1440 -7.55 -0.73 -18.88
CA LEU A 1440 -7.13 -0.65 -20.27
C LEU A 1440 -5.64 -0.93 -20.40
N PHE A 1441 -4.83 -0.39 -19.48
CA PHE A 1441 -3.40 -0.62 -19.48
C PHE A 1441 -3.06 -2.11 -19.42
N ILE A 1442 -3.50 -2.77 -18.35
CA ILE A 1442 -3.19 -4.19 -18.17
C ILE A 1442 -3.74 -5.00 -19.33
N GLY A 1443 -4.96 -4.70 -19.78
CA GLY A 1443 -5.55 -5.46 -20.86
C GLY A 1443 -4.74 -5.38 -22.14
N VAL A 1444 -4.43 -4.14 -22.57
CA VAL A 1444 -3.71 -3.97 -23.82
C VAL A 1444 -2.29 -4.51 -23.70
N ILE A 1445 -1.69 -4.44 -22.52
CA ILE A 1445 -0.30 -4.88 -22.40
C ILE A 1445 -0.21 -6.40 -22.41
N ILE A 1446 -1.09 -7.08 -21.67
CA ILE A 1446 -1.10 -8.54 -21.72
C ILE A 1446 -1.54 -9.02 -23.09
N ASP A 1447 -2.39 -8.24 -23.78
CA ASP A 1447 -2.78 -8.60 -25.13
C ASP A 1447 -1.60 -8.51 -26.09
N ASN A 1448 -0.80 -7.44 -25.95
CA ASN A 1448 0.40 -7.32 -26.78
C ASN A 1448 1.39 -8.42 -26.48
N PHE A 1449 1.53 -8.80 -25.21
CA PHE A 1449 2.40 -9.92 -24.86
C PHE A 1449 1.89 -11.21 -25.46
N ASN A 1450 0.57 -11.40 -25.55
CA ASN A 1450 0.03 -12.59 -26.19
C ASN A 1450 0.28 -12.57 -27.69
N GLN A 1451 0.14 -11.40 -28.32
CA GLN A 1451 0.46 -11.28 -29.74
C GLN A 1451 1.92 -11.63 -30.00
N GLN A 1452 2.83 -11.15 -29.15
CA GLN A 1452 4.24 -11.47 -29.30
C GLN A 1452 4.50 -12.95 -29.08
N LYS A 1453 3.87 -13.55 -28.06
CA LYS A 1453 4.03 -14.97 -27.82
C LYS A 1453 3.56 -15.78 -29.02
N LYS A 1454 2.48 -15.35 -29.66
CA LYS A 1454 2.03 -16.02 -30.87
C LYS A 1454 3.04 -15.85 -32.00
N LYS A 1455 3.54 -14.63 -32.20
CA LYS A 1455 4.47 -14.38 -33.29
C LYS A 1455 5.78 -15.15 -33.13
N LEU A 1456 6.19 -15.39 -31.89
CA LEU A 1456 7.45 -16.11 -31.64
C LEU A 1456 7.21 -17.61 -31.48
N GLY A 1457 6.55 -18.21 -32.46
CA GLY A 1457 6.37 -19.65 -32.50
C GLY A 1457 5.63 -20.25 -31.33
N GLY A 1458 5.00 -19.44 -30.49
CA GLY A 1458 4.25 -19.96 -29.36
C GLY A 1458 5.07 -20.23 -28.12
N GLN A 1459 6.38 -20.07 -28.15
CA GLN A 1459 7.21 -20.25 -26.98
C GLN A 1459 7.29 -18.95 -26.18
N ASP A 1460 7.60 -19.08 -24.89
CA ASP A 1460 7.59 -17.94 -23.99
C ASP A 1460 8.59 -16.89 -24.44
N ILE A 1461 8.26 -15.63 -24.13
CA ILE A 1461 9.02 -14.48 -24.61
C ILE A 1461 9.94 -13.89 -23.56
N PHE A 1462 10.04 -14.53 -22.39
CA PHE A 1462 10.84 -13.99 -21.29
C PHE A 1462 11.99 -14.90 -20.89
N MET A 1463 12.29 -15.92 -21.69
CA MET A 1463 13.35 -16.87 -21.38
C MET A 1463 14.36 -16.94 -22.51
N THR A 1464 15.63 -17.04 -22.15
CA THR A 1464 16.67 -17.32 -23.12
C THR A 1464 16.61 -18.77 -23.56
N GLU A 1465 17.54 -19.18 -24.42
CA GLU A 1465 17.50 -20.52 -24.98
C GLU A 1465 17.91 -21.57 -23.94
N GLU A 1466 18.98 -21.31 -23.20
CA GLU A 1466 19.36 -22.22 -22.12
C GLU A 1466 18.28 -22.28 -21.06
N GLN A 1467 17.65 -21.14 -20.77
CA GLN A 1467 16.54 -21.13 -19.83
C GLN A 1467 15.35 -21.91 -20.37
N LYS A 1468 15.14 -21.92 -21.69
CA LYS A 1468 14.05 -22.71 -22.26
C LYS A 1468 14.33 -24.19 -22.14
N LYS A 1469 15.59 -24.60 -22.36
CA LYS A 1469 15.95 -26.00 -22.15
C LYS A 1469 15.75 -26.40 -20.69
N TYR A 1470 16.23 -25.56 -19.77
CA TYR A 1470 16.00 -25.80 -18.35
C TYR A 1470 14.50 -25.89 -18.04
N TYR A 1471 13.70 -25.02 -18.65
CA TYR A 1471 12.28 -24.96 -18.37
C TYR A 1471 11.56 -26.20 -18.88
N ASN A 1472 11.97 -26.73 -20.03
CA ASN A 1472 11.36 -27.96 -20.51
C ASN A 1472 11.76 -29.15 -19.65
N ALA A 1473 13.06 -29.27 -19.34
CA ALA A 1473 13.50 -30.34 -18.45
C ALA A 1473 12.87 -30.24 -17.06
N MET A 1474 12.44 -29.04 -16.66
CA MET A 1474 11.80 -28.86 -15.37
C MET A 1474 10.32 -29.16 -15.44
N LYS A 1475 9.64 -28.71 -16.51
CA LYS A 1475 8.24 -29.07 -16.73
C LYS A 1475 8.08 -30.58 -16.85
N LYS A 1476 9.14 -31.28 -17.26
CA LYS A 1476 9.13 -32.74 -17.18
C LYS A 1476 8.78 -33.23 -15.79
N LEU A 1477 9.16 -32.48 -14.74
CA LEU A 1477 8.87 -32.86 -13.37
C LEU A 1477 7.38 -32.81 -13.03
N GLY A 1478 6.56 -32.18 -13.86
CA GLY A 1478 5.13 -32.20 -13.67
C GLY A 1478 4.46 -33.51 -14.04
N SER A 1479 5.25 -34.55 -14.28
CA SER A 1479 4.71 -35.85 -14.65
C SER A 1479 3.86 -36.43 -13.52
N LYS A 1480 2.71 -37.01 -13.89
CA LYS A 1480 1.83 -37.68 -12.97
C LYS A 1480 2.15 -39.17 -12.82
N LYS A 1481 3.23 -39.63 -13.44
CA LYS A 1481 3.54 -41.06 -13.45
C LYS A 1481 3.88 -41.54 -12.05
N PRO A 1482 3.32 -42.67 -11.60
CA PRO A 1482 3.75 -43.27 -10.32
C PRO A 1482 4.98 -44.15 -10.52
N GLN A 1483 6.08 -43.77 -9.87
CA GLN A 1483 7.29 -44.55 -9.98
C GLN A 1483 7.18 -45.86 -9.19
N LYS A 1484 8.10 -46.77 -9.44
CA LYS A 1484 8.16 -48.01 -8.69
C LYS A 1484 8.37 -47.70 -7.21
N PRO A 1485 7.47 -48.15 -6.32
CA PRO A 1485 7.53 -47.70 -4.93
C PRO A 1485 8.84 -48.03 -4.24
N ILE A 1486 9.14 -49.32 -4.09
CA ILE A 1486 10.42 -49.80 -3.56
C ILE A 1486 10.44 -51.32 -3.61
N PRO A 1487 11.61 -51.95 -3.70
CA PRO A 1487 11.70 -53.39 -3.43
C PRO A 1487 11.87 -53.66 -1.95
N ARG A 1488 10.90 -54.32 -1.34
CA ARG A 1488 10.93 -54.52 0.11
C ARG A 1488 12.07 -55.46 0.50
N PRO A 1489 12.83 -55.13 1.52
CA PRO A 1489 13.92 -56.00 1.95
C PRO A 1489 13.40 -57.33 2.49
N GLY A 1490 14.27 -58.35 2.40
CA GLY A 1490 13.86 -59.68 2.80
C GLY A 1490 13.85 -59.91 4.30
N ASN A 1491 14.66 -59.17 5.04
CA ASN A 1491 14.73 -59.33 6.48
C ASN A 1491 13.38 -59.02 7.12
N LYS A 1492 13.01 -59.81 8.14
CA LYS A 1492 11.65 -59.79 8.64
C LYS A 1492 11.35 -58.51 9.42
N ILE A 1493 12.19 -58.17 10.42
CA ILE A 1493 11.92 -56.97 11.18
C ILE A 1493 12.15 -55.73 10.33
N GLN A 1494 13.09 -55.80 9.38
CA GLN A 1494 13.28 -54.69 8.45
C GLN A 1494 12.03 -54.46 7.60
N GLY A 1495 11.40 -55.54 7.13
CA GLY A 1495 10.16 -55.38 6.39
C GLY A 1495 9.00 -54.92 7.25
N CYS A 1496 8.97 -55.32 8.51
CA CYS A 1496 7.98 -54.77 9.44
C CYS A 1496 8.15 -53.26 9.58
N ILE A 1497 9.39 -52.81 9.80
CA ILE A 1497 9.69 -51.38 9.80
C ILE A 1497 9.25 -50.76 8.49
N PHE A 1498 9.48 -51.44 7.37
CA PHE A 1498 9.12 -50.89 6.07
C PHE A 1498 7.62 -50.65 5.96
N ASP A 1499 6.83 -51.61 6.45
CA ASP A 1499 5.38 -51.44 6.41
C ASP A 1499 4.92 -50.31 7.33
N LEU A 1500 5.45 -50.28 8.55
CA LEU A 1500 5.04 -49.23 9.48
C LEU A 1500 5.43 -47.85 8.98
N VAL A 1501 6.52 -47.76 8.21
CA VAL A 1501 6.92 -46.49 7.62
C VAL A 1501 6.03 -46.13 6.44
N THR A 1502 5.79 -47.09 5.54
CA THR A 1502 5.00 -46.84 4.35
C THR A 1502 3.53 -46.63 4.67
N ASN A 1503 3.11 -46.88 5.91
CA ASN A 1503 1.73 -46.65 6.31
C ASN A 1503 1.30 -45.21 6.04
N GLN A 1504 0.17 -45.07 5.36
CA GLN A 1504 -0.42 -43.75 5.15
C GLN A 1504 -0.82 -43.12 6.48
N ALA A 1505 -1.21 -43.94 7.46
CA ALA A 1505 -1.50 -43.40 8.79
C ALA A 1505 -0.24 -42.81 9.42
N PHE A 1506 0.89 -43.47 9.24
CA PHE A 1506 2.17 -42.91 9.69
C PHE A 1506 2.47 -41.59 9.00
N ASP A 1507 2.21 -41.53 7.68
CA ASP A 1507 2.42 -40.29 6.94
C ASP A 1507 1.57 -39.15 7.52
N ILE A 1508 0.27 -39.40 7.69
CA ILE A 1508 -0.61 -38.36 8.21
C ILE A 1508 -0.25 -38.01 9.66
N SER A 1509 0.26 -38.99 10.42
CA SER A 1509 0.71 -38.71 11.77
C SER A 1509 1.89 -37.74 11.75
N ILE A 1510 2.83 -37.95 10.84
CA ILE A 1510 3.94 -37.01 10.71
C ILE A 1510 3.42 -35.63 10.30
N MET A 1511 2.42 -35.59 9.42
CA MET A 1511 1.85 -34.31 9.02
C MET A 1511 1.25 -33.57 10.22
N VAL A 1512 0.48 -34.29 11.06
CA VAL A 1512 -0.09 -33.67 12.24
C VAL A 1512 1.00 -33.25 13.21
N LEU A 1513 2.09 -34.00 13.29
CA LEU A 1513 3.21 -33.62 14.14
C LEU A 1513 3.85 -32.32 13.65
N ILE A 1514 3.95 -32.16 12.32
CA ILE A 1514 4.44 -30.89 11.77
C ILE A 1514 3.51 -29.75 12.13
N CYS A 1515 2.20 -30.00 12.06
CA CYS A 1515 1.24 -28.96 12.45
C CYS A 1515 1.40 -28.60 13.94
N LEU A 1516 1.67 -29.60 14.78
CA LEU A 1516 1.87 -29.34 16.19
C LEU A 1516 3.14 -28.55 16.43
N ASN A 1517 4.20 -28.83 15.66
CA ASN A 1517 5.41 -28.01 15.73
C ASN A 1517 5.10 -26.59 15.28
N MET A 1518 4.22 -26.44 14.28
CA MET A 1518 3.84 -25.13 13.80
C MET A 1518 3.18 -24.32 14.90
N VAL A 1519 2.24 -24.92 15.63
CA VAL A 1519 1.58 -24.18 16.69
C VAL A 1519 2.53 -23.97 17.87
N THR A 1520 3.49 -24.89 18.08
CA THR A 1520 4.52 -24.69 19.08
C THR A 1520 5.36 -23.47 18.78
N MET A 1521 5.63 -23.21 17.50
CA MET A 1521 6.36 -22.01 17.13
C MET A 1521 5.46 -20.77 17.16
N MET A 1522 4.16 -20.96 16.93
CA MET A 1522 3.25 -19.82 16.94
C MET A 1522 3.03 -19.30 18.35
N VAL A 1523 3.03 -20.18 19.37
CA VAL A 1523 2.67 -19.76 20.71
C VAL A 1523 3.69 -18.81 21.34
N GLU A 1524 4.87 -18.67 20.72
CA GLU A 1524 5.87 -17.75 21.26
C GLU A 1524 5.38 -16.32 21.18
N LYS A 1525 5.95 -15.47 22.04
CA LYS A 1525 5.64 -14.05 22.04
C LYS A 1525 6.74 -13.30 22.76
N GLU A 1526 6.65 -11.97 22.72
CA GLU A 1526 7.63 -11.10 23.35
C GLU A 1526 7.25 -10.81 24.80
N GLY A 1527 8.21 -11.01 25.70
CA GLY A 1527 7.94 -10.85 27.10
C GLY A 1527 7.36 -12.08 27.75
N GLN A 1528 7.70 -13.26 27.24
CA GLN A 1528 7.19 -14.50 27.80
C GLN A 1528 7.95 -14.87 29.08
N SER A 1529 7.38 -15.81 29.83
CA SER A 1529 7.97 -16.24 31.08
C SER A 1529 9.16 -17.14 30.81
N GLN A 1530 10.11 -17.15 31.75
CA GLN A 1530 11.26 -18.04 31.64
C GLN A 1530 10.82 -19.49 31.68
N HIS A 1531 9.83 -19.80 32.51
CA HIS A 1531 9.26 -21.15 32.53
C HIS A 1531 8.69 -21.51 31.17
N MET A 1532 7.97 -20.58 30.55
CA MET A 1532 7.39 -20.83 29.24
C MET A 1532 8.48 -21.05 28.19
N THR A 1533 9.55 -20.26 28.26
CA THR A 1533 10.66 -20.44 27.33
C THR A 1533 11.30 -21.80 27.50
N GLU A 1534 11.46 -22.26 28.75
CA GLU A 1534 12.05 -23.57 28.98
C GLU A 1534 11.14 -24.69 28.47
N VAL A 1535 9.84 -24.58 28.71
CA VAL A 1535 8.91 -25.59 28.21
C VAL A 1535 8.93 -25.62 26.69
N LEU A 1536 8.97 -24.46 26.04
CA LEU A 1536 9.01 -24.44 24.59
C LEU A 1536 10.33 -25.01 24.06
N TYR A 1537 11.43 -24.74 24.76
CA TYR A 1537 12.71 -25.35 24.42
C TYR A 1537 12.62 -26.87 24.44
N TRP A 1538 12.09 -27.43 25.53
CA TRP A 1538 12.04 -28.88 25.63
C TRP A 1538 11.01 -29.50 24.69
N ILE A 1539 9.94 -28.77 24.37
CA ILE A 1539 9.00 -29.25 23.37
C ILE A 1539 9.65 -29.30 22.00
N ASN A 1540 10.40 -28.25 21.64
CA ASN A 1540 11.18 -28.28 20.40
C ASN A 1540 12.16 -29.45 20.41
N VAL A 1541 12.77 -29.72 21.58
CA VAL A 1541 13.71 -30.83 21.69
C VAL A 1541 13.01 -32.14 21.37
N VAL A 1542 11.83 -32.37 21.95
CA VAL A 1542 11.13 -33.63 21.72
C VAL A 1542 10.65 -33.72 20.28
N PHE A 1543 10.31 -32.59 19.66
CA PHE A 1543 9.88 -32.61 18.27
C PHE A 1543 11.04 -32.99 17.35
N ILE A 1544 12.21 -32.39 17.58
CA ILE A 1544 13.38 -32.74 16.77
C ILE A 1544 13.77 -34.19 17.01
N ILE A 1545 13.63 -34.67 18.25
CA ILE A 1545 13.92 -36.06 18.57
C ILE A 1545 13.01 -36.98 17.76
N LEU A 1546 11.71 -36.70 17.76
CA LEU A 1546 10.76 -37.53 17.01
C LEU A 1546 11.06 -37.50 15.52
N PHE A 1547 11.37 -36.31 14.98
CA PHE A 1547 11.63 -36.21 13.55
C PHE A 1547 12.89 -37.00 13.15
N THR A 1548 13.98 -36.81 13.91
CA THR A 1548 15.19 -37.59 13.62
C THR A 1548 14.96 -39.07 13.82
N GLY A 1549 14.11 -39.45 14.79
CA GLY A 1549 13.80 -40.85 14.98
C GLY A 1549 13.10 -41.45 13.79
N GLU A 1550 12.07 -40.78 13.28
CA GLU A 1550 11.39 -41.28 12.09
C GLU A 1550 12.31 -41.26 10.88
N CYS A 1551 13.24 -40.31 10.81
CA CYS A 1551 14.19 -40.29 9.70
C CYS A 1551 15.11 -41.50 9.73
N VAL A 1552 15.75 -41.76 10.87
CA VAL A 1552 16.61 -42.93 10.96
C VAL A 1552 15.80 -44.22 10.84
N LEU A 1553 14.51 -44.18 11.18
CA LEU A 1553 13.65 -45.33 10.96
C LEU A 1553 13.47 -45.61 9.48
N LYS A 1554 13.12 -44.56 8.72
CA LYS A 1554 13.00 -44.70 7.27
C LYS A 1554 14.32 -45.10 6.63
N LEU A 1555 15.45 -44.66 7.19
CA LEU A 1555 16.74 -45.11 6.68
C LEU A 1555 16.96 -46.60 6.93
N ILE A 1556 16.81 -47.04 8.18
CA ILE A 1556 16.92 -48.47 8.49
C ILE A 1556 15.98 -49.28 7.60
N SER A 1557 14.89 -48.67 7.15
CA SER A 1557 14.01 -49.33 6.19
C SER A 1557 14.62 -49.39 4.80
N LEU A 1558 14.95 -48.23 4.23
CA LEU A 1558 15.26 -48.10 2.81
C LEU A 1558 16.64 -47.51 2.57
N ARG A 1559 17.66 -48.07 3.25
CA ARG A 1559 19.05 -47.63 3.16
C ARG A 1559 19.48 -47.15 1.77
N HIS A 1560 19.13 -47.88 0.72
CA HIS A 1560 19.60 -47.50 -0.61
C HIS A 1560 18.67 -46.52 -1.32
N TYR A 1561 17.36 -46.76 -1.28
CA TYR A 1561 16.41 -46.02 -2.11
C TYR A 1561 15.71 -44.89 -1.37
N TYR A 1562 16.18 -44.53 -0.17
CA TYR A 1562 15.60 -43.40 0.54
C TYR A 1562 15.95 -42.08 -0.15
N PHE A 1563 17.18 -41.94 -0.62
CA PHE A 1563 17.65 -40.70 -1.21
C PHE A 1563 17.23 -40.53 -2.66
N THR A 1564 16.48 -41.47 -3.22
CA THR A 1564 16.02 -41.36 -4.61
C THR A 1564 14.75 -40.52 -4.74
N VAL A 1565 14.25 -39.95 -3.64
CA VAL A 1565 13.09 -39.08 -3.65
C VAL A 1565 13.53 -37.70 -3.18
N GLY A 1566 13.25 -36.67 -3.99
CA GLY A 1566 13.63 -35.33 -3.63
C GLY A 1566 13.02 -34.86 -2.33
N TRP A 1567 11.79 -35.28 -2.04
CA TRP A 1567 11.16 -34.91 -0.79
C TRP A 1567 11.88 -35.53 0.40
N ASN A 1568 12.33 -36.78 0.26
CA ASN A 1568 13.08 -37.41 1.33
C ASN A 1568 14.44 -36.76 1.51
N ILE A 1569 15.06 -36.34 0.40
CA ILE A 1569 16.30 -35.57 0.50
C ILE A 1569 16.05 -34.28 1.27
N PHE A 1570 14.95 -33.59 0.98
CA PHE A 1570 14.63 -32.35 1.69
C PHE A 1570 14.39 -32.62 3.18
N ASP A 1571 13.72 -33.73 3.50
CA ASP A 1571 13.53 -34.10 4.89
C ASP A 1571 14.86 -34.32 5.59
N PHE A 1572 15.76 -35.06 4.97
CA PHE A 1572 17.10 -35.27 5.54
C PHE A 1572 17.79 -33.93 5.77
N VAL A 1573 17.73 -33.04 4.77
CA VAL A 1573 18.35 -31.73 4.90
C VAL A 1573 17.79 -30.99 6.11
N VAL A 1574 16.47 -30.93 6.23
CA VAL A 1574 15.90 -30.07 7.26
C VAL A 1574 16.10 -30.66 8.65
N VAL A 1575 16.12 -32.00 8.79
CA VAL A 1575 16.41 -32.56 10.10
C VAL A 1575 17.87 -32.34 10.47
N ILE A 1576 18.76 -32.41 9.48
CA ILE A 1576 20.16 -32.06 9.73
C ILE A 1576 20.27 -30.61 10.18
N ILE A 1577 19.57 -29.71 9.51
CA ILE A 1577 19.65 -28.30 9.87
C ILE A 1577 19.06 -28.06 11.25
N SER A 1578 18.02 -28.79 11.64
CA SER A 1578 17.44 -28.61 12.97
C SER A 1578 18.41 -29.08 14.05
N ILE A 1579 19.00 -30.27 13.87
CA ILE A 1579 19.92 -30.77 14.90
C ILE A 1579 21.15 -29.87 14.98
N VAL A 1580 21.62 -29.36 13.83
CA VAL A 1580 22.79 -28.48 13.91
C VAL A 1580 22.40 -27.12 14.45
N GLY A 1581 21.13 -26.73 14.31
CA GLY A 1581 20.69 -25.51 14.97
C GLY A 1581 20.70 -25.64 16.48
N MET A 1582 20.27 -26.80 16.99
CA MET A 1582 20.38 -27.05 18.42
C MET A 1582 21.84 -27.08 18.86
N PHE A 1583 22.69 -27.76 18.09
CA PHE A 1583 24.10 -27.86 18.46
C PHE A 1583 24.79 -26.50 18.39
N LEU A 1584 24.37 -25.64 17.45
CA LEU A 1584 24.96 -24.31 17.36
C LEU A 1584 24.46 -23.39 18.46
N ALA A 1585 23.19 -23.54 18.87
CA ALA A 1585 22.75 -22.86 20.09
C ALA A 1585 23.62 -23.26 21.26
N ASP A 1586 23.92 -24.56 21.39
CA ASP A 1586 24.81 -25.03 22.43
C ASP A 1586 26.19 -24.36 22.33
N LEU A 1587 26.78 -24.37 21.13
CA LEU A 1587 28.13 -23.86 20.96
C LEU A 1587 28.21 -22.35 21.18
N ILE A 1588 27.15 -21.62 20.80
CA ILE A 1588 27.08 -20.20 21.14
C ILE A 1588 27.04 -20.03 22.66
N GLU A 1589 26.09 -20.71 23.31
CA GLU A 1589 26.02 -20.66 24.78
C GLU A 1589 27.38 -20.94 25.41
N THR A 1590 28.19 -21.80 24.82
CA THR A 1590 29.52 -22.06 25.36
C THR A 1590 30.48 -20.90 25.11
N TYR A 1591 30.71 -20.55 23.83
CA TYR A 1591 31.87 -19.73 23.49
C TYR A 1591 31.57 -18.39 22.82
N PHE A 1592 30.35 -18.12 22.36
CA PHE A 1592 30.07 -16.91 21.62
C PHE A 1592 28.89 -16.18 22.24
N VAL A 1593 28.74 -14.90 21.86
CA VAL A 1593 27.59 -14.10 22.27
C VAL A 1593 27.21 -13.21 21.09
N SER A 1594 26.11 -13.54 20.41
CA SER A 1594 25.61 -12.74 19.30
C SER A 1594 24.12 -12.98 19.16
N PRO A 1595 23.29 -12.03 19.61
CA PRO A 1595 21.83 -12.25 19.51
C PRO A 1595 21.34 -12.32 18.07
N THR A 1596 21.82 -11.45 17.19
CA THR A 1596 21.34 -11.44 15.82
C THR A 1596 21.67 -12.75 15.10
N LEU A 1597 22.94 -13.16 15.14
CA LEU A 1597 23.32 -14.41 14.49
C LEU A 1597 22.66 -15.61 15.16
N PHE A 1598 22.46 -15.56 16.48
CA PHE A 1598 21.74 -16.63 17.15
C PHE A 1598 20.32 -16.78 16.62
N ARG A 1599 19.67 -15.64 16.42
CA ARG A 1599 18.32 -15.64 15.89
C ARG A 1599 18.30 -16.19 14.49
N VAL A 1600 19.20 -15.71 13.65
CA VAL A 1600 19.22 -16.14 12.25
C VAL A 1600 19.55 -17.62 12.14
N ILE A 1601 20.32 -18.17 13.08
CA ILE A 1601 20.51 -19.62 13.12
C ILE A 1601 19.23 -20.31 13.53
N ARG A 1602 18.58 -19.80 14.59
CA ARG A 1602 17.31 -20.39 15.04
C ARG A 1602 16.24 -20.35 13.96
N LEU A 1603 16.37 -19.49 12.96
CA LEU A 1603 15.46 -19.49 11.82
C LEU A 1603 15.46 -20.80 11.07
N ALA A 1604 16.37 -21.72 11.39
CA ALA A 1604 16.46 -22.98 10.68
C ALA A 1604 15.20 -23.83 10.84
N ARG A 1605 14.53 -23.72 11.98
CA ARG A 1605 13.41 -24.61 12.27
C ARG A 1605 12.18 -24.33 11.40
N ILE A 1606 12.20 -23.29 10.57
CA ILE A 1606 11.13 -23.11 9.61
C ILE A 1606 11.15 -24.22 8.57
N GLY A 1607 12.29 -24.89 8.40
CA GLY A 1607 12.34 -26.04 7.52
C GLY A 1607 11.42 -27.15 7.97
N ARG A 1608 11.41 -27.44 9.28
CA ARG A 1608 10.53 -28.48 9.81
C ARG A 1608 9.07 -28.18 9.51
N ILE A 1609 8.72 -26.91 9.37
CA ILE A 1609 7.35 -26.54 9.01
C ILE A 1609 7.13 -26.63 7.52
N LEU A 1610 8.13 -26.26 6.73
CA LEU A 1610 8.00 -26.26 5.27
C LEU A 1610 7.82 -27.66 4.69
N ARG A 1611 7.79 -28.71 5.52
CA ARG A 1611 7.47 -30.04 5.04
C ARG A 1611 5.96 -30.24 4.88
N LEU A 1612 5.15 -29.22 5.11
CA LEU A 1612 3.70 -29.36 4.98
C LEU A 1612 3.26 -29.37 3.53
N VAL A 1613 4.03 -28.74 2.65
CA VAL A 1613 3.65 -28.63 1.24
C VAL A 1613 3.82 -29.98 0.55
N LYS A 1614 4.22 -30.99 1.30
CA LYS A 1614 4.39 -32.32 0.77
C LYS A 1614 3.06 -33.01 0.52
N GLY A 1615 2.13 -32.85 1.45
CA GLY A 1615 0.82 -33.44 1.32
C GLY A 1615 -0.22 -32.52 0.71
N ALA A 1616 -0.05 -31.21 0.92
CA ALA A 1616 -1.00 -30.22 0.41
C ALA A 1616 -0.78 -30.09 -1.10
N LYS A 1617 -1.59 -30.82 -1.87
CA LYS A 1617 -1.42 -30.80 -3.32
C LYS A 1617 -1.85 -29.47 -3.93
N GLY A 1618 -2.90 -28.85 -3.38
CA GLY A 1618 -3.31 -27.55 -3.87
C GLY A 1618 -2.27 -26.47 -3.64
N ILE A 1619 -1.41 -26.66 -2.64
CA ILE A 1619 -0.29 -25.74 -2.43
C ILE A 1619 0.89 -26.14 -3.28
N ARG A 1620 1.06 -27.45 -3.48
CA ARG A 1620 2.17 -28.03 -4.26
C ARG A 1620 2.07 -27.77 -5.74
N THR A 1621 0.88 -27.45 -6.21
CA THR A 1621 0.68 -27.06 -7.59
C THR A 1621 1.06 -25.60 -7.83
N LEU A 1622 0.64 -24.71 -6.92
CA LEU A 1622 1.02 -23.30 -7.06
C LEU A 1622 2.51 -23.09 -6.80
N LEU A 1623 3.10 -23.87 -5.89
CA LEU A 1623 4.54 -23.79 -5.71
C LEU A 1623 5.28 -24.28 -6.96
N PHE A 1624 4.74 -25.27 -7.66
CA PHE A 1624 5.34 -25.69 -8.92
C PHE A 1624 5.17 -24.63 -9.99
N ALA A 1625 4.05 -23.89 -9.97
CA ALA A 1625 3.90 -22.76 -10.87
C ALA A 1625 4.97 -21.70 -10.60
N LEU A 1626 5.26 -21.44 -9.33
CA LEU A 1626 6.32 -20.50 -8.99
C LEU A 1626 7.68 -21.00 -9.44
N MET A 1627 7.96 -22.29 -9.23
CA MET A 1627 9.21 -22.86 -9.72
C MET A 1627 9.31 -22.79 -11.24
N MET A 1628 8.17 -22.88 -11.93
CA MET A 1628 8.15 -22.70 -13.38
C MET A 1628 8.50 -21.28 -13.76
N SER A 1629 7.88 -20.30 -13.10
CA SER A 1629 8.06 -18.90 -13.43
C SER A 1629 9.33 -18.31 -12.84
N LEU A 1630 10.16 -19.11 -12.15
CA LEU A 1630 11.40 -18.58 -11.61
C LEU A 1630 12.38 -18.05 -12.65
N PRO A 1631 12.61 -18.68 -13.81
CA PRO A 1631 13.60 -18.12 -14.76
C PRO A 1631 13.18 -16.81 -15.40
N ALA A 1632 11.93 -16.72 -15.85
CA ALA A 1632 11.44 -15.47 -16.43
C ALA A 1632 11.45 -14.36 -15.39
N LEU A 1633 11.09 -14.69 -14.15
CA LEU A 1633 11.16 -13.70 -13.09
C LEU A 1633 12.60 -13.33 -12.76
N PHE A 1634 13.54 -14.24 -12.96
CA PHE A 1634 14.96 -13.92 -12.78
C PHE A 1634 15.42 -12.93 -13.83
N ASN A 1635 15.02 -13.13 -15.09
CA ASN A 1635 15.39 -12.18 -16.14
C ASN A 1635 14.76 -10.82 -15.90
N ILE A 1636 13.48 -10.80 -15.53
CA ILE A 1636 12.82 -9.53 -15.25
C ILE A 1636 13.45 -8.85 -14.03
N GLY A 1637 13.86 -9.63 -13.04
CA GLY A 1637 14.52 -9.06 -11.89
C GLY A 1637 15.90 -8.52 -12.20
N LEU A 1638 16.61 -9.16 -13.14
CA LEU A 1638 17.88 -8.62 -13.60
C LEU A 1638 17.69 -7.27 -14.28
N LEU A 1639 16.70 -7.17 -15.16
CA LEU A 1639 16.43 -5.90 -15.82
C LEU A 1639 16.01 -4.84 -14.81
N LEU A 1640 15.18 -5.22 -13.84
CA LEU A 1640 14.75 -4.28 -12.82
C LEU A 1640 15.91 -3.85 -11.93
N PHE A 1641 16.85 -4.76 -11.66
CA PHE A 1641 18.01 -4.38 -10.85
C PHE A 1641 18.92 -3.45 -11.60
N LEU A 1642 19.06 -3.63 -12.92
CA LEU A 1642 19.89 -2.69 -13.67
C LEU A 1642 19.24 -1.32 -13.75
N VAL A 1643 17.91 -1.27 -13.94
CA VAL A 1643 17.21 0.00 -13.93
C VAL A 1643 17.32 0.66 -12.55
N MET A 1644 17.18 -0.13 -11.49
CA MET A 1644 17.33 0.38 -10.14
C MET A 1644 18.75 0.90 -9.91
N PHE A 1645 19.75 0.27 -10.51
CA PHE A 1645 21.12 0.73 -10.35
C PHE A 1645 21.33 2.07 -11.06
N ILE A 1646 20.86 2.18 -12.30
CA ILE A 1646 20.99 3.45 -13.02
C ILE A 1646 20.30 4.57 -12.25
N TYR A 1647 19.09 4.30 -11.74
CA TYR A 1647 18.37 5.34 -11.02
C TYR A 1647 19.00 5.62 -9.66
N ALA A 1648 19.65 4.63 -9.04
CA ALA A 1648 20.33 4.86 -7.78
C ALA A 1648 21.55 5.75 -7.98
N ILE A 1649 22.26 5.58 -9.09
CA ILE A 1649 23.40 6.44 -9.36
C ILE A 1649 22.92 7.85 -9.70
N PHE A 1650 21.85 7.96 -10.47
CA PHE A 1650 21.28 9.29 -10.74
C PHE A 1650 20.83 9.95 -9.45
N GLY A 1651 20.30 9.18 -8.50
CA GLY A 1651 19.93 9.70 -7.20
C GLY A 1651 21.13 10.20 -6.43
N MET A 1652 22.13 9.35 -6.22
CA MET A 1652 23.33 9.77 -5.51
C MET A 1652 23.98 10.98 -6.15
N SER A 1653 23.75 11.17 -7.46
CA SER A 1653 24.32 12.34 -8.13
C SER A 1653 23.52 13.59 -7.85
N ASN A 1654 22.21 13.58 -8.14
CA ASN A 1654 21.41 14.79 -8.05
C ASN A 1654 20.83 15.00 -6.65
N PHE A 1655 20.09 14.01 -6.14
CA PHE A 1655 19.21 14.20 -5.00
C PHE A 1655 19.92 14.07 -3.66
N ALA A 1656 21.22 13.85 -3.63
CA ALA A 1656 21.94 14.03 -2.38
C ALA A 1656 21.93 15.51 -2.00
N TYR A 1657 22.14 15.77 -0.71
CA TYR A 1657 22.21 17.10 -0.13
C TYR A 1657 20.86 17.83 -0.11
N VAL A 1658 19.79 17.23 -0.65
CA VAL A 1658 18.49 17.88 -0.57
C VAL A 1658 18.03 17.94 0.87
N LYS A 1659 17.10 18.84 1.15
CA LYS A 1659 16.57 18.99 2.50
C LYS A 1659 15.90 17.70 2.95
N LYS A 1660 16.05 17.39 4.23
CA LYS A 1660 15.44 16.21 4.83
C LYS A 1660 14.11 16.63 5.40
N GLU A 1661 13.07 16.60 4.55
CA GLU A 1661 11.76 17.14 4.88
C GLU A 1661 10.79 16.05 5.33
N ASP A 1662 10.53 15.07 4.48
CA ASP A 1662 9.58 14.01 4.80
C ASP A 1662 9.78 12.84 3.86
N GLY A 1663 9.99 11.65 4.40
CA GLY A 1663 10.28 10.50 3.55
C GLY A 1663 11.72 10.47 3.12
N ILE A 1664 12.40 11.61 3.24
CA ILE A 1664 13.84 11.67 2.99
C ILE A 1664 14.50 12.01 4.33
N ASN A 1665 14.49 11.06 5.27
CA ASN A 1665 15.04 11.23 6.61
C ASN A 1665 16.53 10.92 6.70
N ASP A 1666 17.08 10.80 7.90
CA ASP A 1666 18.49 10.46 8.02
C ASP A 1666 18.72 9.08 7.42
N MET A 1667 17.84 8.15 7.76
CA MET A 1667 17.83 6.82 7.15
C MET A 1667 17.05 6.98 5.84
N PHE A 1668 17.20 6.10 4.88
CA PHE A 1668 16.44 6.26 3.63
C PHE A 1668 16.49 7.59 2.86
N ASN A 1669 17.62 8.30 2.88
CA ASN A 1669 17.83 9.44 1.99
C ASN A 1669 18.51 8.92 0.73
N PHE A 1670 18.94 9.84 -0.13
CA PHE A 1670 19.67 9.47 -1.34
C PHE A 1670 21.17 9.70 -1.22
N GLU A 1671 21.71 9.64 0.01
CA GLU A 1671 23.10 10.03 0.22
C GLU A 1671 24.06 9.01 -0.38
N THR A 1672 23.91 7.73 -0.04
CA THR A 1672 24.84 6.70 -0.45
C THR A 1672 24.12 5.64 -1.27
N PHE A 1673 24.86 4.61 -1.67
CA PHE A 1673 24.27 3.57 -2.52
C PHE A 1673 23.30 2.71 -1.74
N GLY A 1674 23.64 2.36 -0.50
CA GLY A 1674 22.72 1.62 0.33
C GLY A 1674 21.39 2.32 0.48
N ASN A 1675 21.42 3.57 0.94
CA ASN A 1675 20.19 4.32 1.16
C ASN A 1675 19.44 4.55 -0.15
N SER A 1676 20.17 4.80 -1.24
CA SER A 1676 19.50 5.07 -2.51
C SER A 1676 18.80 3.82 -3.03
N MET A 1677 19.46 2.67 -2.99
CA MET A 1677 18.82 1.45 -3.43
C MET A 1677 17.70 1.03 -2.48
N ILE A 1678 17.76 1.42 -1.22
CA ILE A 1678 16.66 1.12 -0.31
C ILE A 1678 15.43 1.95 -0.66
N CYS A 1679 15.62 3.27 -0.82
CA CYS A 1679 14.51 4.12 -1.26
C CYS A 1679 13.98 3.67 -2.62
N LEU A 1680 14.86 3.18 -3.49
CA LEU A 1680 14.41 2.76 -4.82
C LEU A 1680 13.67 1.44 -4.78
N PHE A 1681 14.06 0.51 -3.91
CA PHE A 1681 13.23 -0.68 -3.76
C PHE A 1681 11.89 -0.33 -3.12
N GLN A 1682 11.87 0.66 -2.24
CA GLN A 1682 10.60 1.14 -1.72
C GLN A 1682 9.70 1.65 -2.84
N ILE A 1683 10.25 2.49 -3.71
CA ILE A 1683 9.48 3.06 -4.82
C ILE A 1683 9.15 2.00 -5.86
N THR A 1684 9.93 0.92 -5.95
CA THR A 1684 9.67 -0.12 -6.92
C THR A 1684 8.26 -0.68 -6.79
N THR A 1685 7.68 -0.60 -5.59
CA THR A 1685 6.27 -0.88 -5.39
C THR A 1685 5.43 0.39 -5.29
N SER A 1686 5.96 1.51 -5.78
CA SER A 1686 5.26 2.79 -5.86
C SER A 1686 4.91 3.37 -4.49
N ALA A 1687 5.41 2.75 -3.42
CA ALA A 1687 5.06 3.18 -2.07
C ALA A 1687 5.85 4.42 -1.68
N GLY A 1688 5.15 5.45 -1.22
CA GLY A 1688 5.81 6.61 -0.64
C GLY A 1688 6.59 7.46 -1.63
N TRP A 1689 6.37 7.25 -2.93
CA TRP A 1689 7.07 8.07 -3.91
C TRP A 1689 6.68 9.54 -3.82
N ASP A 1690 5.47 9.84 -3.35
CA ASP A 1690 5.10 11.22 -3.11
C ASP A 1690 5.94 11.83 -2.00
N GLY A 1691 6.16 11.08 -0.93
CA GLY A 1691 6.98 11.59 0.16
C GLY A 1691 8.42 11.75 -0.25
N LEU A 1692 8.93 10.82 -1.05
CA LEU A 1692 10.31 10.94 -1.53
C LEU A 1692 10.46 12.11 -2.49
N LEU A 1693 9.42 12.40 -3.29
CA LEU A 1693 9.52 13.52 -4.23
C LEU A 1693 9.31 14.86 -3.56
N ALA A 1694 8.56 14.91 -2.46
CA ALA A 1694 8.20 16.19 -1.85
C ALA A 1694 9.38 17.07 -1.47
N PRO A 1695 10.48 16.58 -0.89
CA PRO A 1695 11.59 17.48 -0.55
C PRO A 1695 12.40 17.92 -1.75
N ILE A 1696 12.31 17.19 -2.86
CA ILE A 1696 13.04 17.58 -4.06
C ILE A 1696 12.34 18.73 -4.77
N LEU A 1697 11.01 18.71 -4.79
CA LEU A 1697 10.25 19.75 -5.47
C LEU A 1697 10.55 21.14 -4.94
N ASN A 1698 10.89 21.26 -3.66
CA ASN A 1698 11.06 22.59 -3.09
C ASN A 1698 12.35 23.23 -3.57
N SER A 1699 12.24 24.49 -3.97
CA SER A 1699 13.35 25.36 -4.33
C SER A 1699 12.81 26.78 -4.19
N LYS A 1700 13.63 27.77 -4.56
CA LYS A 1700 13.15 29.15 -4.56
C LYS A 1700 12.69 29.52 -3.15
N PRO A 1701 13.63 29.80 -2.24
CA PRO A 1701 13.30 29.95 -0.81
C PRO A 1701 12.09 30.84 -0.57
N PRO A 1702 11.44 30.71 0.59
CA PRO A 1702 11.87 30.03 1.81
C PRO A 1702 11.61 28.53 1.89
N ASP A 1703 11.33 27.88 0.77
CA ASP A 1703 11.15 26.43 0.77
C ASP A 1703 12.46 25.66 0.89
N CYS A 1704 13.58 26.30 0.61
CA CYS A 1704 14.88 25.64 0.69
C CYS A 1704 15.94 26.67 1.05
N ASP A 1705 17.20 26.30 0.82
CA ASP A 1705 18.33 27.22 0.96
C ASP A 1705 19.26 27.00 -0.21
N PRO A 1706 19.39 27.97 -1.12
CA PRO A 1706 20.18 27.75 -2.34
C PRO A 1706 21.68 27.86 -2.11
N LYS A 1707 22.11 28.40 -0.98
CA LYS A 1707 23.53 28.46 -0.62
C LYS A 1707 23.66 27.96 0.82
N LYS A 1708 23.79 26.65 0.98
CA LYS A 1708 24.09 26.04 2.26
C LYS A 1708 25.57 25.70 2.29
N VAL A 1709 26.04 25.24 3.44
CA VAL A 1709 27.48 25.03 3.61
C VAL A 1709 27.85 23.57 3.46
N HIS A 1710 27.05 22.66 4.04
CA HIS A 1710 27.30 21.22 3.97
C HIS A 1710 28.73 20.90 4.41
N PRO A 1711 29.04 20.98 5.70
CA PRO A 1711 30.42 20.74 6.15
C PRO A 1711 30.94 19.39 5.67
N GLY A 1712 32.12 19.41 5.09
CA GLY A 1712 32.69 18.22 4.50
C GLY A 1712 32.51 18.09 3.00
N SER A 1713 31.92 19.09 2.35
CA SER A 1713 31.72 19.09 0.92
C SER A 1713 31.82 20.51 0.39
N SER A 1714 32.05 20.61 -0.92
CA SER A 1714 32.14 21.91 -1.58
C SER A 1714 30.83 22.33 -2.24
N VAL A 1715 29.87 21.41 -2.37
CA VAL A 1715 28.59 21.73 -2.99
C VAL A 1715 27.74 22.55 -2.04
N GLU A 1716 27.10 23.59 -2.57
CA GLU A 1716 26.22 24.46 -1.81
C GLU A 1716 24.77 24.21 -2.22
N GLY A 1717 23.85 24.69 -1.40
CA GLY A 1717 22.44 24.53 -1.67
C GLY A 1717 21.87 23.20 -1.24
N ASP A 1718 20.67 23.21 -0.66
CA ASP A 1718 20.04 22.00 -0.16
C ASP A 1718 18.66 21.77 -0.77
N CYS A 1719 18.45 22.21 -2.01
CA CYS A 1719 17.20 21.96 -2.71
C CYS A 1719 17.48 21.38 -4.09
N GLY A 1720 16.57 20.52 -4.54
CA GLY A 1720 16.74 19.83 -5.80
C GLY A 1720 15.97 20.46 -6.94
N ASN A 1721 16.29 20.02 -8.14
CA ASN A 1721 15.63 20.52 -9.33
C ASN A 1721 14.21 19.96 -9.40
N PRO A 1722 13.17 20.81 -9.37
CA PRO A 1722 11.80 20.29 -9.53
C PRO A 1722 11.60 19.47 -10.79
N SER A 1723 12.09 19.96 -11.93
CA SER A 1723 11.87 19.28 -13.19
C SER A 1723 12.55 17.91 -13.20
N VAL A 1724 13.83 17.85 -12.82
CA VAL A 1724 14.52 16.57 -12.86
C VAL A 1724 13.97 15.63 -11.80
N GLY A 1725 13.46 16.16 -10.69
CA GLY A 1725 12.86 15.31 -9.68
C GLY A 1725 11.55 14.69 -10.16
N ILE A 1726 10.70 15.51 -10.78
CA ILE A 1726 9.46 14.99 -11.34
C ILE A 1726 9.75 13.96 -12.40
N PHE A 1727 10.70 14.25 -13.30
CA PHE A 1727 11.03 13.29 -14.35
C PHE A 1727 11.56 12.00 -13.75
N TYR A 1728 12.51 12.09 -12.81
CA TYR A 1728 13.07 10.92 -12.17
C TYR A 1728 11.99 10.04 -11.57
N PHE A 1729 11.15 10.61 -10.70
CA PHE A 1729 10.23 9.77 -9.96
C PHE A 1729 9.07 9.28 -10.83
N VAL A 1730 8.55 10.12 -11.73
CA VAL A 1730 7.47 9.69 -12.59
C VAL A 1730 7.94 8.62 -13.57
N SER A 1731 9.14 8.80 -14.13
CA SER A 1731 9.66 7.80 -15.06
C SER A 1731 10.00 6.51 -14.34
N TYR A 1732 10.47 6.57 -13.10
CA TYR A 1732 10.71 5.33 -12.39
C TYR A 1732 9.41 4.63 -12.03
N ILE A 1733 8.37 5.39 -11.67
CA ILE A 1733 7.06 4.81 -11.44
C ILE A 1733 6.58 4.08 -12.69
N ILE A 1734 6.67 4.74 -13.85
CA ILE A 1734 6.17 4.16 -15.08
C ILE A 1734 7.00 2.94 -15.48
N ILE A 1735 8.33 3.01 -15.30
CA ILE A 1735 9.20 1.92 -15.72
C ILE A 1735 9.01 0.70 -14.82
N SER A 1736 8.99 0.92 -13.51
CA SER A 1736 8.77 -0.17 -12.56
C SER A 1736 7.33 -0.62 -12.51
N PHE A 1737 6.42 0.10 -13.17
CA PHE A 1737 5.10 -0.43 -13.48
C PHE A 1737 5.12 -1.36 -14.68
N LEU A 1738 5.58 -0.85 -15.83
CA LEU A 1738 5.78 -1.67 -17.01
C LEU A 1738 6.45 -3.00 -16.66
N VAL A 1739 7.56 -2.94 -15.91
CA VAL A 1739 8.38 -4.12 -15.71
C VAL A 1739 7.84 -5.04 -14.63
N VAL A 1740 7.25 -4.50 -13.56
CA VAL A 1740 6.94 -5.30 -12.38
C VAL A 1740 5.46 -5.61 -12.22
N VAL A 1741 4.56 -4.82 -12.80
CA VAL A 1741 3.13 -5.05 -12.66
C VAL A 1741 2.54 -5.65 -13.93
N ASN A 1742 3.25 -5.61 -15.05
CA ASN A 1742 2.71 -6.09 -16.30
C ASN A 1742 3.54 -7.19 -16.94
N MET A 1743 4.73 -7.47 -16.42
CA MET A 1743 5.54 -8.61 -16.87
C MET A 1743 5.60 -9.71 -15.82
N TYR A 1744 5.74 -9.34 -14.55
CA TYR A 1744 5.50 -10.30 -13.47
C TYR A 1744 4.12 -10.93 -13.62
N ILE A 1745 3.10 -10.11 -13.86
CA ILE A 1745 1.73 -10.62 -14.02
C ILE A 1745 1.65 -11.56 -15.21
N ALA A 1746 2.22 -11.14 -16.36
CA ALA A 1746 2.14 -11.97 -17.55
C ALA A 1746 2.83 -13.31 -17.35
N VAL A 1747 4.03 -13.29 -16.78
CA VAL A 1747 4.76 -14.52 -16.51
C VAL A 1747 3.94 -15.43 -15.59
N ILE A 1748 3.41 -14.86 -14.50
CA ILE A 1748 2.65 -15.66 -13.55
C ILE A 1748 1.43 -16.27 -14.21
N LEU A 1749 0.72 -15.48 -15.03
CA LEU A 1749 -0.49 -16.01 -15.67
C LEU A 1749 -0.17 -17.14 -16.62
N GLU A 1750 0.81 -16.93 -17.50
CA GLU A 1750 1.13 -17.98 -18.48
C GLU A 1750 1.64 -19.24 -17.79
N ASN A 1751 2.50 -19.09 -16.78
CA ASN A 1751 3.07 -20.27 -16.15
C ASN A 1751 2.06 -20.98 -15.25
N PHE A 1752 1.11 -20.22 -14.68
CA PHE A 1752 0.07 -20.88 -13.90
C PHE A 1752 -0.89 -21.63 -14.81
N SER A 1753 -1.22 -21.05 -15.98
CA SER A 1753 -2.00 -21.80 -16.95
C SER A 1753 -1.28 -23.09 -17.35
N VAL A 1754 0.03 -22.99 -17.63
CA VAL A 1754 0.81 -24.17 -17.98
C VAL A 1754 0.75 -25.21 -16.87
N ALA A 1755 0.84 -24.77 -15.62
CA ALA A 1755 0.85 -25.71 -14.51
C ALA A 1755 -0.52 -26.36 -14.32
N THR A 1756 -1.59 -25.57 -14.37
CA THR A 1756 -2.91 -26.10 -14.03
C THR A 1756 -3.49 -26.94 -15.16
N GLU A 1757 -3.14 -26.63 -16.41
CA GLU A 1757 -3.65 -27.43 -17.52
C GLU A 1757 -3.10 -28.84 -17.49
N GLU A 1758 -1.79 -28.99 -17.35
CA GLU A 1758 -1.18 -30.31 -17.31
C GLU A 1758 -0.72 -30.66 -15.89
N GLY B 20 24.31 15.79 3.59
CA GLY B 20 24.51 16.30 4.93
C GLY B 20 25.97 16.45 5.28
N CYS B 21 26.27 16.39 6.58
CA CYS B 21 27.65 16.50 7.04
C CYS B 21 28.46 15.26 6.67
N VAL B 22 29.78 15.45 6.57
CA VAL B 22 30.72 14.36 6.36
C VAL B 22 31.90 14.60 7.29
N GLU B 23 32.26 13.58 8.08
CA GLU B 23 33.37 13.69 9.02
C GLU B 23 34.64 13.32 8.29
N VAL B 24 35.19 14.30 7.56
CA VAL B 24 36.40 14.10 6.76
C VAL B 24 37.61 14.52 7.57
N ASP B 25 38.64 13.69 7.55
CA ASP B 25 39.86 14.00 8.29
C ASP B 25 40.61 15.16 7.62
N SER B 26 41.36 15.90 8.43
CA SER B 26 42.12 17.01 7.90
C SER B 26 43.37 16.52 7.17
N GLU B 27 43.89 17.37 6.29
CA GLU B 27 45.15 17.09 5.64
C GLU B 27 46.28 17.16 6.66
N THR B 28 47.27 16.29 6.50
CA THR B 28 48.38 16.16 7.45
C THR B 28 49.69 16.66 6.87
N GLU B 29 49.64 17.58 5.90
CA GLU B 29 50.86 18.06 5.23
C GLU B 29 50.65 19.52 4.82
N ALA B 30 51.13 20.44 5.66
CA ALA B 30 51.13 21.85 5.33
C ALA B 30 52.43 22.23 4.63
N VAL B 31 52.34 23.19 3.72
CA VAL B 31 53.50 23.66 2.97
C VAL B 31 53.92 25.03 3.50
N TYR B 32 55.23 25.25 3.53
CA TYR B 32 55.76 26.49 4.09
C TYR B 32 55.30 27.69 3.29
N GLY B 33 55.14 28.82 4.00
CA GLY B 33 54.85 30.10 3.39
C GLY B 33 53.52 30.24 2.69
N MET B 34 52.73 29.18 2.61
CA MET B 34 51.42 29.22 1.96
C MET B 34 50.33 28.98 2.99
N THR B 35 49.09 28.92 2.50
CA THR B 35 47.95 28.76 3.38
C THR B 35 47.66 27.28 3.65
N PHE B 36 46.89 27.04 4.72
CA PHE B 36 46.50 25.69 5.08
C PHE B 36 45.22 25.75 5.90
N LYS B 37 44.25 24.90 5.55
CA LYS B 37 42.98 24.81 6.26
C LYS B 37 42.93 23.48 7.00
N ILE B 38 42.91 23.54 8.32
CA ILE B 38 42.92 22.35 9.16
C ILE B 38 41.48 21.98 9.48
N LEU B 39 41.01 20.87 8.91
CA LEU B 39 39.62 20.45 9.08
C LEU B 39 39.42 19.81 10.45
N CYS B 40 38.39 20.25 11.16
CA CYS B 40 37.86 19.53 12.31
C CYS B 40 36.34 19.61 12.20
N ILE B 41 35.72 18.51 11.81
CA ILE B 41 34.29 18.46 11.51
C ILE B 41 33.67 17.47 12.49
N SER B 42 32.88 17.99 13.42
CA SER B 42 32.19 17.18 14.41
C SER B 42 30.70 17.51 14.33
N CYS B 43 29.95 16.74 13.55
CA CYS B 43 28.54 16.99 13.35
C CYS B 43 27.70 16.06 14.21
N LYS B 44 26.50 16.52 14.53
CA LYS B 44 25.63 15.87 15.49
C LYS B 44 25.22 14.48 15.02
N ARG B 45 24.91 13.61 15.99
CA ARG B 45 24.50 12.25 15.65
C ARG B 45 23.13 12.25 14.98
N ARG B 46 22.31 13.26 15.24
CA ARG B 46 21.03 13.44 14.57
C ARG B 46 20.95 14.88 14.08
N SER B 47 20.85 15.05 12.76
CA SER B 47 20.93 16.38 12.17
C SER B 47 19.77 17.29 12.56
N GLU B 48 18.64 16.72 12.98
CA GLU B 48 17.47 17.56 13.25
C GLU B 48 17.57 18.29 14.58
N THR B 49 18.28 17.73 15.56
CA THR B 49 18.40 18.39 16.85
C THR B 49 19.09 19.74 16.69
N ASN B 50 18.81 20.65 17.62
CA ASN B 50 19.40 21.99 17.58
C ASN B 50 20.25 22.17 18.83
N ALA B 51 21.54 22.36 18.63
CA ALA B 51 22.51 22.51 19.71
C ALA B 51 22.99 23.96 19.79
N GLU B 52 23.99 24.18 20.63
CA GLU B 52 24.62 25.50 20.79
C GLU B 52 26.09 25.23 21.09
N THR B 53 26.90 25.25 20.03
CA THR B 53 28.26 24.75 20.08
C THR B 53 29.28 25.87 20.08
N PHE B 54 30.35 25.70 20.85
CA PHE B 54 31.55 26.51 20.75
C PHE B 54 32.74 25.56 20.89
N THR B 55 33.92 26.05 20.49
CA THR B 55 35.07 25.18 20.41
C THR B 55 36.32 25.88 20.94
N GLU B 56 37.34 25.07 21.23
CA GLU B 56 38.64 25.54 21.64
C GLU B 56 39.69 24.71 20.91
N TRP B 57 40.79 25.37 20.56
CA TRP B 57 41.90 24.70 19.88
C TRP B 57 43.14 24.74 20.77
N THR B 58 43.75 23.57 20.96
CA THR B 58 45.00 23.47 21.68
C THR B 58 46.07 22.96 20.73
N PHE B 59 47.33 23.29 21.04
CA PHE B 59 48.41 23.05 20.10
C PHE B 59 49.73 22.95 20.85
N ARG B 60 50.59 22.05 20.36
CA ARG B 60 51.96 21.93 20.84
C ARG B 60 52.89 21.85 19.64
N GLN B 61 53.97 22.61 19.69
CA GLN B 61 54.97 22.56 18.63
C GLN B 61 55.63 21.18 18.60
N LYS B 62 56.22 20.84 17.46
CA LYS B 62 56.88 19.55 17.33
C LYS B 62 58.11 19.49 18.22
N GLY B 63 58.25 18.40 18.96
CA GLY B 63 59.35 18.24 19.89
C GLY B 63 59.11 18.81 21.27
N THR B 64 57.87 19.12 21.60
CA THR B 64 57.55 19.75 22.88
C THR B 64 56.38 18.99 23.51
N GLU B 65 56.38 18.88 24.83
CA GLU B 65 55.44 18.02 25.54
C GLU B 65 54.59 18.84 26.52
N GLU B 66 53.52 19.44 25.99
CA GLU B 66 52.42 20.04 26.75
C GLU B 66 51.31 20.32 25.76
N PHE B 67 50.29 21.06 26.19
CA PHE B 67 49.25 21.54 25.29
C PHE B 67 48.87 22.96 25.68
N VAL B 68 48.78 23.84 24.69
CA VAL B 68 48.51 25.26 24.92
C VAL B 68 47.29 25.65 24.10
N LYS B 69 46.31 26.26 24.75
CA LYS B 69 45.15 26.77 24.04
C LYS B 69 45.56 27.98 23.20
N ILE B 70 45.20 27.95 21.92
CA ILE B 70 45.58 29.00 20.98
C ILE B 70 44.41 29.92 20.66
N LEU B 71 43.22 29.37 20.44
CA LEU B 71 42.06 30.19 20.13
C LEU B 71 40.81 29.51 20.68
N ARG B 72 39.84 30.34 21.06
CA ARG B 72 38.54 29.87 21.52
C ARG B 72 37.47 30.55 20.69
N TYR B 73 36.76 29.77 19.89
CA TYR B 73 35.60 30.28 19.16
C TYR B 73 34.37 30.15 20.05
N GLU B 74 33.44 31.07 19.88
CA GLU B 74 32.30 31.21 20.79
C GLU B 74 31.08 31.47 19.92
N ASN B 75 30.00 31.96 20.55
CA ASN B 75 28.72 32.18 19.86
C ASN B 75 28.87 32.71 18.44
N GLU B 76 29.56 33.84 18.28
CA GLU B 76 29.79 34.37 16.94
C GLU B 76 31.21 34.87 16.69
N VAL B 77 31.99 35.22 17.72
CA VAL B 77 33.28 35.86 17.52
C VAL B 77 34.40 34.87 17.83
N LEU B 78 35.55 35.10 17.19
CA LEU B 78 36.73 34.27 17.38
C LEU B 78 37.73 35.03 18.22
N GLN B 79 38.01 34.53 19.42
CA GLN B 79 39.02 35.08 20.31
C GLN B 79 40.18 34.10 20.38
N LEU B 80 41.38 34.58 20.08
CA LEU B 80 42.57 33.76 20.10
C LEU B 80 43.53 34.22 21.20
N GLU B 81 44.24 33.27 21.79
CA GLU B 81 45.19 33.59 22.83
C GLU B 81 46.34 34.42 22.27
N GLU B 82 47.17 34.94 23.17
CA GLU B 82 48.22 35.88 22.81
C GLU B 82 49.56 35.21 22.54
N ASP B 83 49.55 33.97 22.06
CA ASP B 83 50.80 33.32 21.66
C ASP B 83 51.31 33.95 20.35
N GLU B 84 52.62 34.15 20.29
CA GLU B 84 53.21 34.77 19.11
C GLU B 84 53.16 33.88 17.88
N ARG B 85 53.05 32.56 18.06
CA ARG B 85 53.11 31.64 16.94
C ARG B 85 51.95 31.83 15.98
N PHE B 86 50.77 32.16 16.51
CA PHE B 86 49.56 32.24 15.71
C PHE B 86 49.01 33.66 15.60
N GLU B 87 49.74 34.66 16.05
CA GLU B 87 49.24 36.03 15.96
C GLU B 87 49.21 36.50 14.51
N GLY B 88 48.10 37.12 14.12
CA GLY B 88 47.97 37.72 12.81
C GLY B 88 48.01 36.77 11.64
N ARG B 89 47.85 35.48 11.89
CA ARG B 89 47.92 34.59 10.78
C ARG B 89 46.96 33.42 10.90
N VAL B 90 45.88 33.63 11.63
CA VAL B 90 44.83 32.64 11.87
C VAL B 90 43.48 33.31 11.68
N VAL B 91 42.59 32.66 10.93
CA VAL B 91 41.24 33.15 10.71
C VAL B 91 40.28 31.97 10.72
N TRP B 92 39.04 32.25 11.12
CA TRP B 92 38.02 31.22 11.20
C TRP B 92 37.60 30.76 9.81
N ASN B 93 37.26 29.47 9.72
CA ASN B 93 36.80 28.89 8.46
C ASN B 93 35.61 27.96 8.63
N GLY B 94 35.09 27.81 9.84
CA GLY B 94 33.97 26.91 10.07
C GLY B 94 32.64 27.48 9.62
N SER B 95 31.55 26.97 10.16
CA SER B 95 30.24 27.48 9.81
C SER B 95 30.08 28.92 10.30
N ARG B 96 29.47 29.75 9.45
CA ARG B 96 29.35 31.18 9.70
C ARG B 96 27.94 31.48 10.18
N GLY B 97 27.85 32.24 11.27
CA GLY B 97 26.58 32.76 11.76
C GLY B 97 25.54 31.73 12.12
N THR B 98 25.92 30.46 12.31
CA THR B 98 24.91 29.43 12.56
C THR B 98 24.56 29.35 14.05
N LYS B 99 25.57 29.44 14.92
CA LYS B 99 25.46 29.28 16.37
C LYS B 99 25.26 27.80 16.72
N ASP B 100 25.02 26.97 15.71
CA ASP B 100 25.09 25.52 15.80
C ASP B 100 26.24 25.15 14.88
N LEU B 101 27.46 25.18 15.43
CA LEU B 101 28.65 25.28 14.61
C LEU B 101 28.80 24.08 13.68
N GLN B 102 28.91 22.88 14.26
CA GLN B 102 28.90 21.64 13.49
C GLN B 102 30.09 21.51 12.54
N ASP B 103 30.97 22.50 12.53
CA ASP B 103 32.17 22.46 11.71
C ASP B 103 33.15 23.47 12.30
N LEU B 104 34.26 22.98 12.84
CA LEU B 104 35.24 23.81 13.53
C LEU B 104 36.55 23.70 12.77
N SER B 105 36.71 24.50 11.72
CA SER B 105 37.86 24.42 10.84
C SER B 105 38.66 25.70 10.93
N ILE B 106 39.90 25.59 11.39
CA ILE B 106 40.81 26.71 11.50
C ILE B 106 41.54 26.87 10.17
N PHE B 107 41.82 28.11 9.80
CA PHE B 107 42.53 28.42 8.56
C PHE B 107 43.77 29.23 8.90
N ILE B 108 44.94 28.69 8.54
CA ILE B 108 46.21 29.39 8.73
C ILE B 108 46.58 30.08 7.44
N THR B 109 46.91 31.37 7.54
CA THR B 109 47.45 32.14 6.43
C THR B 109 48.94 32.33 6.67
N ASN B 110 49.74 32.08 5.64
CA ASN B 110 51.20 32.18 5.74
C ASN B 110 51.74 31.26 6.83
N VAL B 111 51.54 29.96 6.63
CA VAL B 111 52.07 28.95 7.55
C VAL B 111 53.56 29.17 7.76
N THR B 112 53.99 29.03 9.00
CA THR B 112 55.40 29.13 9.39
C THR B 112 55.91 27.74 9.74
N TYR B 113 57.18 27.66 10.13
CA TYR B 113 57.73 26.38 10.55
C TYR B 113 57.40 26.04 11.98
N ASN B 114 56.50 26.82 12.60
CA ASN B 114 56.06 26.57 13.96
C ASN B 114 54.69 25.90 14.03
N HIS B 115 53.92 25.95 12.95
CA HIS B 115 52.63 25.27 12.91
C HIS B 115 52.83 23.80 12.55
N SER B 116 53.69 23.12 13.29
CA SER B 116 53.99 21.71 13.06
C SER B 116 53.94 20.97 14.39
N GLY B 117 52.99 20.08 14.53
CA GLY B 117 52.85 19.32 15.77
C GLY B 117 51.47 18.71 15.87
N ASP B 118 50.98 18.62 17.10
CA ASP B 118 49.67 18.05 17.36
C ASP B 118 48.68 19.17 17.68
N TYR B 119 47.64 19.28 16.87
CA TYR B 119 46.50 20.13 17.18
C TYR B 119 45.40 19.28 17.78
N GLU B 120 44.65 19.86 18.71
CA GLU B 120 43.51 19.19 19.31
C GLU B 120 42.32 20.14 19.23
N CYS B 121 41.25 19.67 18.62
CA CYS B 121 40.05 20.47 18.38
C CYS B 121 38.99 20.03 19.38
N HIS B 122 38.89 20.75 20.49
CA HIS B 122 37.89 20.46 21.49
C HIS B 122 36.55 21.06 21.05
N VAL B 123 35.52 20.22 20.97
CA VAL B 123 34.19 20.64 20.57
C VAL B 123 33.29 20.52 21.80
N TYR B 124 32.77 21.64 22.27
CA TYR B 124 31.91 21.67 23.46
C TYR B 124 30.48 21.94 22.99
N ARG B 125 29.78 20.88 22.65
CA ARG B 125 28.42 20.99 22.17
C ARG B 125 27.44 20.89 23.33
N LEU B 126 26.38 21.70 23.28
CA LEU B 126 25.33 21.71 24.28
C LEU B 126 24.01 21.50 23.55
N LEU B 127 23.60 20.24 23.43
CA LEU B 127 22.36 19.95 22.73
C LEU B 127 21.16 20.46 23.52
N PHE B 128 20.03 20.58 22.84
CA PHE B 128 18.79 21.05 23.42
C PHE B 128 17.69 20.05 23.11
N PHE B 129 17.05 19.53 24.15
CA PHE B 129 15.95 18.58 23.98
C PHE B 129 14.73 19.09 24.74
N GLU B 130 13.71 18.24 24.87
CA GLU B 130 12.44 18.65 25.47
C GLU B 130 12.61 19.20 26.88
N ASN B 131 13.08 18.36 27.80
CA ASN B 131 13.35 18.76 29.18
C ASN B 131 14.78 18.35 29.54
N TYR B 132 15.72 18.71 28.67
CA TYR B 132 17.02 18.09 28.67
C TYR B 132 18.02 19.03 28.02
N GLU B 133 19.21 19.14 28.61
CA GLU B 133 20.31 19.94 28.07
C GLU B 133 21.58 19.12 28.26
N HIS B 134 22.00 18.41 27.21
CA HIS B 134 23.17 17.55 27.30
C HIS B 134 24.44 18.32 27.02
N ASN B 135 25.51 17.93 27.70
CA ASN B 135 26.81 18.57 27.62
C ASN B 135 27.82 17.57 27.06
N THR B 136 27.99 17.59 25.74
CA THR B 136 28.90 16.67 25.06
C THR B 136 30.24 17.35 24.85
N SER B 137 31.26 16.53 24.61
CA SER B 137 32.61 17.04 24.36
C SER B 137 33.34 15.99 23.54
N VAL B 138 33.43 16.22 22.23
CA VAL B 138 34.17 15.35 21.32
C VAL B 138 35.51 16.03 21.03
N VAL B 139 36.60 15.28 21.18
CA VAL B 139 37.94 15.81 21.01
C VAL B 139 38.49 15.29 19.69
N LYS B 140 38.69 16.21 18.74
CA LYS B 140 39.30 15.88 17.46
C LYS B 140 40.78 16.27 17.52
N LYS B 141 41.66 15.29 17.29
CA LYS B 141 43.10 15.50 17.36
C LYS B 141 43.67 15.43 15.96
N ILE B 142 44.36 16.50 15.54
CA ILE B 142 44.90 16.62 14.20
C ILE B 142 46.40 16.86 14.32
N HIS B 143 47.19 16.00 13.69
CA HIS B 143 48.65 16.12 13.67
C HIS B 143 49.07 16.57 12.28
N ILE B 144 49.64 17.77 12.18
CA ILE B 144 50.10 18.31 10.91
C ILE B 144 51.59 18.60 11.00
N GLU B 145 52.26 18.50 9.86
CA GLU B 145 53.70 18.74 9.75
C GLU B 145 53.94 19.68 8.58
N VAL B 146 54.70 20.73 8.81
CA VAL B 146 54.97 21.71 7.75
C VAL B 146 56.25 21.32 7.02
N VAL B 147 56.22 21.46 5.70
CA VAL B 147 57.37 21.21 4.83
C VAL B 147 57.44 22.36 3.83
N ASP B 148 58.40 22.27 2.90
CA ASP B 148 58.65 23.32 1.93
C ASP B 148 57.97 23.08 0.60
N LYS B 149 57.97 21.86 0.08
CA LYS B 149 57.39 21.54 -1.21
C LYS B 149 56.25 20.55 -1.05
N ALA B 150 55.19 20.75 -1.82
CA ALA B 150 54.05 19.83 -1.81
C ALA B 150 54.48 18.47 -2.35
N ASN B 151 54.49 17.47 -1.47
CA ASN B 151 54.85 16.11 -1.84
C ASN B 151 53.60 15.37 -2.29
N ARG B 152 53.67 14.76 -3.48
CA ARG B 152 52.53 14.03 -4.00
C ARG B 152 52.28 12.78 -3.17
N ASP B 153 51.02 12.36 -3.12
CA ASP B 153 50.65 11.19 -2.33
C ASP B 153 51.19 9.90 -2.96
N MET B 154 51.61 8.98 -2.09
CA MET B 154 52.02 7.66 -2.57
C MET B 154 50.87 6.97 -3.28
N ALA B 155 49.65 7.13 -2.77
CA ALA B 155 48.48 6.56 -3.43
C ALA B 155 48.36 7.09 -4.85
N SER B 156 48.43 8.41 -5.01
CA SER B 156 48.32 9.01 -6.34
C SER B 156 49.41 8.50 -7.27
N ILE B 157 50.67 8.51 -6.81
CA ILE B 157 51.77 8.16 -7.71
C ILE B 157 51.71 6.68 -8.08
N VAL B 158 51.38 5.81 -7.12
CA VAL B 158 51.36 4.38 -7.40
C VAL B 158 50.17 4.03 -8.28
N SER B 159 49.03 4.68 -8.04
CA SER B 159 47.87 4.46 -8.91
C SER B 159 48.12 4.95 -10.32
N GLU B 160 48.86 6.06 -10.48
CA GLU B 160 49.17 6.55 -11.81
C GLU B 160 50.09 5.58 -12.56
N ILE B 161 51.17 5.16 -11.90
CA ILE B 161 52.08 4.22 -12.57
C ILE B 161 51.38 2.88 -12.82
N MET B 162 50.44 2.49 -11.95
CA MET B 162 49.70 1.26 -12.17
C MET B 162 48.74 1.39 -13.35
N MET B 163 48.09 2.54 -13.49
CA MET B 163 47.25 2.78 -14.66
C MET B 163 48.06 2.70 -15.94
N TYR B 164 49.24 3.33 -15.95
CA TYR B 164 50.08 3.28 -17.14
C TYR B 164 50.55 1.86 -17.43
N VAL B 165 50.91 1.11 -16.39
CA VAL B 165 51.36 -0.27 -16.58
C VAL B 165 50.21 -1.12 -17.15
N LEU B 166 48.99 -0.93 -16.63
CA LEU B 166 47.86 -1.71 -17.12
C LEU B 166 47.52 -1.34 -18.56
N ILE B 167 47.60 -0.05 -18.90
CA ILE B 167 47.34 0.37 -20.27
C ILE B 167 48.36 -0.26 -21.22
N VAL B 168 49.64 -0.25 -20.83
CA VAL B 168 50.68 -0.80 -21.69
C VAL B 168 50.53 -2.31 -21.80
N VAL B 169 50.16 -2.99 -20.71
CA VAL B 169 49.98 -4.43 -20.75
C VAL B 169 48.80 -4.80 -21.65
N LEU B 170 47.71 -4.03 -21.57
CA LEU B 170 46.57 -4.28 -22.45
C LEU B 170 46.94 -4.04 -23.91
N THR B 171 47.71 -2.98 -24.18
CA THR B 171 48.16 -2.75 -25.55
C THR B 171 48.97 -3.93 -26.07
N ILE B 172 49.91 -4.42 -25.25
CA ILE B 172 50.78 -5.49 -25.71
C ILE B 172 50.00 -6.80 -25.87
N TRP B 173 49.03 -7.04 -24.99
CA TRP B 173 48.20 -8.24 -25.13
C TRP B 173 47.35 -8.16 -26.40
N LEU B 174 46.77 -6.99 -26.67
CA LEU B 174 45.96 -6.82 -27.86
C LEU B 174 46.79 -7.00 -29.12
N VAL B 175 47.98 -6.41 -29.17
CA VAL B 175 48.77 -6.52 -30.38
C VAL B 175 49.35 -7.93 -30.53
N ALA B 176 49.62 -8.62 -29.41
CA ALA B 176 50.07 -10.00 -29.50
C ALA B 176 48.99 -10.89 -30.08
N GLU B 177 47.77 -10.80 -29.54
CA GLU B 177 46.66 -11.56 -30.11
C GLU B 177 46.39 -11.17 -31.55
N MET B 178 46.55 -9.89 -31.87
CA MET B 178 46.32 -9.42 -33.24
C MET B 178 47.32 -10.06 -34.21
N ILE B 179 48.61 -10.02 -33.88
CA ILE B 179 49.60 -10.58 -34.79
C ILE B 179 49.49 -12.09 -34.85
N TYR B 180 49.10 -12.75 -33.75
CA TYR B 180 48.91 -14.20 -33.79
C TYR B 180 47.76 -14.57 -34.72
N CYS B 181 46.59 -13.94 -34.53
CA CYS B 181 45.47 -14.20 -35.41
C CYS B 181 45.78 -13.77 -36.84
N TYR B 182 46.67 -12.79 -37.03
CA TYR B 182 47.02 -12.36 -38.37
C TYR B 182 47.88 -13.40 -39.07
N LYS B 183 48.86 -13.96 -38.37
CA LYS B 183 49.63 -15.06 -38.94
C LYS B 183 48.72 -16.25 -39.25
N LYS B 184 47.74 -16.52 -38.38
CA LYS B 184 46.82 -17.63 -38.65
C LYS B 184 45.95 -17.35 -39.88
N ILE B 185 45.45 -16.12 -40.01
CA ILE B 185 44.62 -15.79 -41.17
C ILE B 185 45.44 -15.83 -42.45
N ALA B 186 46.69 -15.37 -42.38
CA ALA B 186 47.57 -15.45 -43.56
C ALA B 186 47.84 -16.90 -43.93
N ALA B 187 48.07 -17.76 -42.95
CA ALA B 187 48.29 -19.17 -43.25
C ALA B 187 47.04 -19.83 -43.82
N ALA B 188 45.86 -19.40 -43.36
CA ALA B 188 44.63 -19.94 -43.92
C ALA B 188 44.42 -19.47 -45.36
N THR B 189 44.77 -18.22 -45.65
CA THR B 189 44.60 -17.69 -47.00
C THR B 189 45.63 -18.28 -47.96
N GLU B 190 46.83 -18.60 -47.48
CA GLU B 190 47.86 -19.14 -48.35
C GLU B 190 47.45 -20.48 -48.95
N THR B 191 46.72 -21.30 -48.19
CA THR B 191 46.24 -22.57 -48.71
C THR B 191 45.09 -22.40 -49.70
N ALA B 192 44.46 -21.22 -49.71
CA ALA B 192 43.37 -20.95 -50.64
C ALA B 192 43.83 -20.04 -51.77
N SER C 29 -26.75 8.11 30.02
CA SER C 29 -26.16 8.05 31.35
C SER C 29 -24.94 7.14 31.37
N MET C 30 -24.05 7.34 32.33
CA MET C 30 -22.86 6.51 32.44
C MET C 30 -23.22 5.09 32.86
N GLU C 31 -22.45 4.13 32.36
CA GLU C 31 -22.68 2.73 32.67
C GLU C 31 -22.11 2.37 34.03
N VAL C 32 -22.94 2.42 35.08
CA VAL C 32 -22.44 2.08 36.41
C VAL C 32 -23.26 0.91 36.91
N THR C 33 -22.58 -0.16 37.29
CA THR C 33 -23.23 -1.39 37.72
C THR C 33 -23.14 -1.53 39.23
N VAL C 34 -24.28 -1.52 39.88
CA VAL C 34 -24.40 -1.74 41.33
C VAL C 34 -25.66 -2.55 41.59
N PRO C 35 -25.73 -3.22 42.73
CA PRO C 35 -27.00 -3.83 43.14
C PRO C 35 -27.94 -2.75 43.66
N ALA C 36 -29.15 -2.73 43.13
CA ALA C 36 -30.12 -1.73 43.58
C ALA C 36 -30.44 -1.91 45.05
N THR C 37 -30.52 -3.16 45.53
CA THR C 37 -30.76 -3.49 46.92
C THR C 37 -29.66 -4.44 47.36
N LEU C 38 -29.09 -4.19 48.53
CA LEU C 38 -28.07 -5.06 49.10
C LEU C 38 -28.49 -5.38 50.52
N ASN C 39 -28.74 -6.65 50.80
CA ASN C 39 -29.21 -7.11 52.09
C ASN C 39 -28.08 -7.82 52.80
N VAL C 40 -27.72 -7.34 53.99
CA VAL C 40 -26.56 -7.84 54.71
C VAL C 40 -26.94 -8.07 56.16
N LEU C 41 -26.43 -9.15 56.75
CA LEU C 41 -26.70 -9.46 58.14
C LEU C 41 -25.94 -8.51 59.05
N ASN C 42 -26.61 -8.10 60.13
CA ASN C 42 -25.96 -7.29 61.16
C ASN C 42 -24.71 -8.01 61.67
N GLY C 43 -23.59 -7.29 61.69
CA GLY C 43 -22.33 -7.82 62.14
C GLY C 43 -21.44 -8.38 61.06
N SER C 44 -21.98 -8.67 59.88
CA SER C 44 -21.16 -9.15 58.78
C SER C 44 -20.52 -7.97 58.05
N ASP C 45 -19.62 -8.29 57.12
CA ASP C 45 -19.00 -7.29 56.28
C ASP C 45 -19.82 -7.13 55.02
N ALA C 46 -20.03 -5.89 54.62
CA ALA C 46 -20.83 -5.57 53.44
C ALA C 46 -19.93 -4.94 52.40
N ARG C 47 -19.67 -5.66 51.31
CA ARG C 47 -19.02 -5.07 50.16
C ARG C 47 -20.09 -4.43 49.30
N LEU C 48 -19.93 -3.14 49.05
CA LEU C 48 -20.82 -2.40 48.17
C LEU C 48 -20.18 -2.41 46.79
N PRO C 49 -20.64 -3.32 45.92
CA PRO C 49 -20.05 -3.47 44.59
C PRO C 49 -20.75 -2.73 43.45
N CYS C 50 -19.97 -1.88 42.79
CA CYS C 50 -20.43 -1.06 41.68
C CYS C 50 -19.45 -1.15 40.51
N THR C 51 -19.99 -1.15 39.30
CA THR C 51 -19.16 -1.21 38.11
C THR C 51 -19.32 0.07 37.30
N PHE C 52 -18.20 0.72 36.99
CA PHE C 52 -18.23 1.94 36.21
C PHE C 52 -17.51 1.60 34.91
N ASN C 53 -18.11 1.96 33.79
CA ASN C 53 -17.49 1.63 32.52
C ASN C 53 -17.48 2.83 31.58
N SER C 54 -16.32 3.18 31.06
CA SER C 54 -16.30 4.28 30.13
C SER C 54 -15.10 4.02 29.22
N CYS C 55 -15.07 4.63 28.05
CA CYS C 55 -13.97 4.46 27.12
C CYS C 55 -12.74 5.17 27.64
N TYR C 56 -11.59 4.91 27.01
CA TYR C 56 -10.32 5.52 27.41
C TYR C 56 -9.66 4.73 28.52
N THR C 57 -8.54 5.26 29.01
CA THR C 57 -7.76 4.67 30.10
C THR C 57 -7.78 5.65 31.27
N VAL C 58 -8.03 5.14 32.47
CA VAL C 58 -8.11 6.00 33.65
C VAL C 58 -6.81 6.75 33.96
N ASN C 59 -6.97 8.01 34.38
CA ASN C 59 -5.86 8.89 34.73
C ASN C 59 -5.95 9.22 36.21
N HIS C 60 -4.84 9.12 36.93
CA HIS C 60 -4.87 9.36 38.37
C HIS C 60 -5.31 10.77 38.74
N LYS C 61 -4.74 11.78 38.09
CA LYS C 61 -5.16 13.14 38.35
C LYS C 61 -6.57 13.29 37.81
N GLN C 62 -6.75 12.71 36.63
CA GLN C 62 -8.01 12.73 35.90
C GLN C 62 -9.17 11.99 36.54
N PHE C 63 -8.93 10.82 37.10
CA PHE C 63 -10.02 10.04 37.68
C PHE C 63 -10.41 10.43 39.10
N SER C 64 -11.68 10.77 39.28
CA SER C 64 -12.21 11.16 40.59
C SER C 64 -13.46 10.34 40.96
N LEU C 65 -13.45 9.76 42.16
CA LEU C 65 -14.58 8.97 42.65
C LEU C 65 -15.09 9.44 44.01
N ASN C 66 -16.40 9.62 44.13
CA ASN C 66 -17.00 10.07 45.38
C ASN C 66 -18.11 9.15 45.90
N TRP C 67 -18.11 8.87 47.20
CA TRP C 67 -19.12 8.02 47.82
C TRP C 67 -19.84 8.83 48.90
N THR C 68 -21.18 8.77 48.88
CA THR C 68 -21.99 9.45 49.88
C THR C 68 -23.03 8.51 50.46
N TYR C 69 -23.44 8.83 51.69
CA TYR C 69 -24.43 8.07 52.44
C TYR C 69 -25.60 8.96 52.81
N GLN C 70 -26.78 8.36 52.85
CA GLN C 70 -27.98 9.02 53.32
C GLN C 70 -28.74 8.07 54.24
N GLU C 71 -29.28 8.60 55.32
CA GLU C 71 -30.08 7.76 56.21
C GLU C 71 -31.41 7.37 55.58
N CYS C 72 -31.87 8.12 54.58
CA CYS C 72 -33.19 7.92 54.00
C CYS C 72 -33.22 8.60 52.63
N ASN C 73 -34.33 8.39 51.92
CA ASN C 73 -34.43 8.83 50.53
C ASN C 73 -34.25 10.33 50.39
N ASN C 74 -34.97 11.11 51.20
CA ASN C 74 -34.90 12.56 51.14
C ASN C 74 -33.77 13.13 51.99
N CYS C 75 -33.04 12.29 52.71
CA CYS C 75 -32.05 12.76 53.66
C CYS C 75 -30.82 13.32 52.94
N SER C 76 -30.34 14.47 53.42
CA SER C 76 -29.02 15.01 53.12
C SER C 76 -27.95 13.96 52.85
N GLU C 77 -27.10 14.21 51.86
CA GLU C 77 -26.01 13.30 51.54
C GLU C 77 -24.77 13.67 52.33
N GLU C 78 -24.09 12.65 52.87
CA GLU C 78 -22.85 12.81 53.62
C GLU C 78 -21.74 12.09 52.86
N MET C 79 -20.78 12.84 52.33
CA MET C 79 -19.64 12.23 51.65
C MET C 79 -18.79 11.51 52.68
N PHE C 80 -18.43 10.25 52.40
CA PHE C 80 -17.60 9.50 53.33
C PHE C 80 -16.29 8.99 52.76
N LEU C 81 -16.14 8.97 51.44
CA LEU C 81 -14.88 8.57 50.83
C LEU C 81 -14.78 9.26 49.48
N GLN C 82 -13.57 9.68 49.12
CA GLN C 82 -13.31 10.32 47.85
C GLN C 82 -12.04 9.71 47.26
N PHE C 83 -11.94 9.74 45.93
CA PHE C 83 -10.67 9.55 45.24
C PHE C 83 -10.33 10.86 44.55
N ARG C 84 -9.21 11.46 44.98
CA ARG C 84 -8.64 12.65 44.35
C ARG C 84 -7.12 12.44 44.44
N MET C 85 -6.54 11.92 43.35
CA MET C 85 -5.12 11.53 43.29
C MET C 85 -4.72 10.41 44.26
N LYS C 86 -5.67 9.94 45.05
CA LYS C 86 -5.48 8.88 46.02
C LYS C 86 -6.80 8.77 46.78
N ILE C 87 -6.97 7.68 47.52
CA ILE C 87 -8.16 7.53 48.35
C ILE C 87 -8.08 8.46 49.54
N ILE C 88 -9.17 9.18 49.80
CA ILE C 88 -9.34 10.00 50.98
C ILE C 88 -10.54 9.43 51.74
N ASN C 89 -10.30 8.89 52.91
CA ASN C 89 -11.37 8.38 53.78
C ASN C 89 -11.68 9.50 54.78
N LEU C 90 -12.93 10.00 54.73
CA LEU C 90 -13.28 11.15 55.56
C LEU C 90 -13.50 10.78 57.02
N LYS C 91 -13.54 9.48 57.33
CA LYS C 91 -13.66 9.02 58.72
C LYS C 91 -14.87 9.65 59.42
N LEU C 92 -16.03 9.59 58.77
CA LEU C 92 -17.24 10.13 59.38
C LEU C 92 -17.52 9.42 60.69
N GLU C 93 -17.95 10.20 61.69
CA GLU C 93 -18.24 9.62 62.99
C GLU C 93 -19.28 8.51 62.89
N ARG C 94 -20.26 8.65 61.98
CA ARG C 94 -21.33 7.67 61.90
C ARG C 94 -20.84 6.29 61.49
N PHE C 95 -19.66 6.19 60.87
CA PHE C 95 -19.14 4.89 60.47
C PHE C 95 -17.99 4.40 61.34
N GLN C 96 -17.54 5.20 62.29
CA GLN C 96 -16.35 4.89 63.08
C GLN C 96 -15.20 4.72 62.09
N ASP C 97 -14.44 3.63 62.15
CA ASP C 97 -13.37 3.33 61.21
C ASP C 97 -13.71 2.07 60.43
N ARG C 98 -14.99 1.88 60.13
CA ARG C 98 -15.45 0.66 59.49
C ARG C 98 -15.48 0.75 57.97
N VAL C 99 -15.32 1.94 57.38
CA VAL C 99 -15.28 2.10 55.93
C VAL C 99 -13.89 1.80 55.42
N GLU C 100 -13.82 1.05 54.33
CA GLU C 100 -12.58 0.82 53.60
C GLU C 100 -12.86 0.89 52.11
N PHE C 101 -11.91 1.40 51.35
CA PHE C 101 -11.98 1.22 49.91
C PHE C 101 -11.71 -0.25 49.59
N SER C 102 -12.42 -0.76 48.59
CA SER C 102 -12.37 -2.16 48.22
C SER C 102 -12.31 -2.33 46.71
N GLY C 103 -11.83 -1.34 45.98
CA GLY C 103 -11.79 -1.49 44.55
C GLY C 103 -10.60 -0.90 43.83
N ASN C 104 -10.23 -1.53 42.71
CA ASN C 104 -9.14 -1.02 41.91
C ASN C 104 -9.82 -0.27 40.78
N PRO C 105 -9.80 1.05 40.85
CA PRO C 105 -10.47 1.89 39.86
C PRO C 105 -9.98 1.73 38.42
N SER C 106 -8.71 1.37 38.25
CA SER C 106 -8.14 1.20 36.92
C SER C 106 -8.91 0.09 36.22
N LYS C 107 -9.53 -0.77 37.00
CA LYS C 107 -10.33 -1.88 36.51
C LYS C 107 -11.79 -1.46 36.30
N TYR C 108 -12.09 -0.18 36.54
CA TYR C 108 -13.46 0.36 36.41
C TYR C 108 -14.20 0.05 37.70
N ASP C 109 -13.44 -0.42 38.67
CA ASP C 109 -13.91 -0.81 39.99
C ASP C 109 -13.71 0.28 41.02
N VAL C 110 -14.77 0.57 41.77
CA VAL C 110 -14.73 1.61 42.80
C VAL C 110 -15.49 1.16 44.05
N SER C 111 -15.54 -0.15 44.28
CA SER C 111 -16.31 -0.68 45.39
C SER C 111 -15.75 -0.24 46.74
N VAL C 112 -16.62 -0.25 47.74
CA VAL C 112 -16.24 0.03 49.11
C VAL C 112 -16.68 -1.13 49.99
N MET C 113 -16.09 -1.19 51.17
CA MET C 113 -16.36 -2.22 52.16
C MET C 113 -16.79 -1.54 53.44
N LEU C 114 -17.88 -2.02 54.03
CA LEU C 114 -18.31 -1.55 55.33
C LEU C 114 -18.19 -2.75 56.28
N ARG C 115 -17.18 -2.71 57.14
CA ARG C 115 -16.95 -3.83 58.05
C ARG C 115 -17.99 -3.84 59.17
N ASN C 116 -18.31 -5.05 59.64
CA ASN C 116 -19.08 -5.25 60.86
C ASN C 116 -20.32 -4.34 60.87
N VAL C 117 -21.16 -4.55 59.86
CA VAL C 117 -22.27 -3.64 59.61
C VAL C 117 -23.20 -3.58 60.81
N GLN C 118 -23.69 -2.38 61.10
CA GLN C 118 -24.58 -2.07 62.20
C GLN C 118 -25.94 -1.66 61.67
N PRO C 119 -27.00 -1.76 62.49
CA PRO C 119 -28.34 -1.39 61.99
C PRO C 119 -28.43 0.03 61.48
N GLU C 120 -27.68 0.97 62.08
CA GLU C 120 -27.75 2.36 61.65
C GLU C 120 -27.13 2.58 60.27
N ASP C 121 -26.41 1.59 59.73
CA ASP C 121 -25.84 1.71 58.40
C ASP C 121 -26.90 1.59 57.30
N GLU C 122 -28.09 1.10 57.63
CA GLU C 122 -29.15 1.05 56.65
C GLU C 122 -29.36 2.42 56.01
N GLY C 123 -29.52 2.44 54.69
CA GLY C 123 -29.77 3.68 53.99
C GLY C 123 -29.32 3.57 52.53
N ILE C 124 -29.06 4.73 51.94
CA ILE C 124 -28.74 4.85 50.52
C ILE C 124 -27.27 5.23 50.38
N TYR C 125 -26.55 4.47 49.57
CA TYR C 125 -25.15 4.73 49.28
C TYR C 125 -25.01 5.10 47.81
N ASN C 126 -24.43 6.26 47.52
CA ASN C 126 -24.27 6.79 46.18
C ASN C 126 -22.80 6.80 45.80
N CYS C 127 -22.49 6.30 44.59
CA CYS C 127 -21.15 6.37 43.97
C CYS C 127 -21.26 7.34 42.79
N TYR C 128 -20.42 8.38 42.78
CA TYR C 128 -20.35 9.32 41.66
C TYR C 128 -18.96 9.26 41.05
N ILE C 129 -18.92 9.03 39.74
CA ILE C 129 -17.63 8.93 39.07
C ILE C 129 -17.60 9.92 37.91
N MET C 130 -16.59 10.77 37.93
CA MET C 130 -16.40 11.72 36.86
C MET C 130 -15.04 11.35 36.32
N ASN C 131 -14.95 11.02 35.04
CA ASN C 131 -13.65 10.62 34.51
C ASN C 131 -13.20 11.40 33.28
N PRO C 132 -12.09 12.20 33.47
CA PRO C 132 -11.63 12.90 32.25
C PRO C 132 -10.96 11.89 31.32
N PRO C 133 -11.09 12.04 30.02
CA PRO C 133 -11.79 13.17 29.40
C PRO C 133 -13.30 13.02 29.30
N ASP C 134 -13.87 11.92 29.78
CA ASP C 134 -15.31 11.77 29.67
C ASP C 134 -16.02 12.88 30.42
N ARG C 135 -16.85 13.63 29.70
CA ARG C 135 -17.62 14.71 30.31
C ARG C 135 -18.68 14.21 31.30
N HIS C 136 -19.36 13.12 30.91
CA HIS C 136 -20.43 12.54 31.70
C HIS C 136 -20.04 12.02 33.07
N ARG C 137 -20.96 12.12 34.02
CA ARG C 137 -20.67 11.64 35.36
C ARG C 137 -21.56 10.45 35.70
N GLY C 138 -20.93 9.34 36.03
CA GLY C 138 -21.66 8.14 36.41
C GLY C 138 -22.22 8.25 37.82
N HIS C 139 -23.32 7.54 38.06
CA HIS C 139 -23.94 7.53 39.37
C HIS C 139 -24.55 6.16 39.63
N GLY C 140 -24.08 5.49 40.67
CA GLY C 140 -24.68 4.26 41.15
C GLY C 140 -25.33 4.51 42.50
N LYS C 141 -26.46 3.85 42.74
CA LYS C 141 -27.20 4.02 43.98
C LYS C 141 -27.56 2.65 44.54
N ILE C 142 -27.14 2.38 45.78
CA ILE C 142 -27.39 1.11 46.45
C ILE C 142 -28.25 1.38 47.69
N HIS C 143 -29.31 0.60 47.85
CA HIS C 143 -30.11 0.62 49.07
C HIS C 143 -29.63 -0.53 49.95
N LEU C 144 -28.94 -0.19 51.02
CA LEU C 144 -28.40 -1.19 51.95
C LEU C 144 -29.41 -1.44 53.04
N GLN C 145 -29.80 -2.69 53.22
CA GLN C 145 -30.72 -3.09 54.27
C GLN C 145 -30.00 -4.04 55.22
N VAL C 146 -30.22 -3.84 56.52
CA VAL C 146 -29.52 -4.61 57.54
C VAL C 146 -30.49 -5.60 58.17
N LEU C 147 -30.18 -6.88 58.03
CA LEU C 147 -31.02 -7.94 58.57
C LEU C 147 -31.00 -7.89 60.09
N MET C 148 -31.44 -8.97 60.72
CA MET C 148 -31.47 -9.06 62.17
C MET C 148 -30.86 -10.37 62.66
#